data_4BKP
#
_entry.id   4BKP
#
_cell.length_a   106.596
_cell.length_b   163.095
_cell.length_c   197.581
_cell.angle_alpha   90.00
_cell.angle_beta   90.00
_cell.angle_gamma   90.00
#
_symmetry.space_group_name_H-M   'I 2 2 2'
#
loop_
_entity.id
_entity.type
_entity.pdbx_description
1 polymer 'GDP-L-FUCOSE SYNTHASE'
2 non-polymer 'NADP NICOTINAMIDE-ADENINE-DINUCLEOTIDE PHOSPHATE'
3 non-polymer 'CITRATE ANION'
4 non-polymer 1,2-ETHANEDIOL
5 water water
#
_entity_poly.entity_id   1
_entity_poly.type   'polypeptide(L)'
_entity_poly.pdbx_seq_one_letter_code
;MHHHHHHSSGVDLGTENLYFQSMRILVTGGSGLVGKAIQKVVADGAGLPGEDWVFVSSKDADLTDTAQTRALFEKVQPTH
VIHLAAMVGGLFRNIKYNLDFWRKNVHMNDNVLHSAFEVGARKVVSCLSTCIFPDKTTYPIDETMIHNGPPHNSNFGYSY
AKRMIDVQNRAYFQQYGCTFTAVIPTNVFGPHDNFNIEDGHVLPGLIHKVHLAKSSGSALTVWGTGNPRRQFIYSLDLAQ
LFIWVLREYNEVEPIILSVGEEDEVSIKEAAEAVVEAMDFHGEVTFDTTKSDGQFKKTASNSKLRTYLPDFRFTPFKQAV
KETCAWFTDNYEQARK
;
_entity_poly.pdbx_strand_id   A,B,C,D
#
# COMPACT_ATOMS: atom_id res chain seq x y z
N ASP A 12 -9.63 24.22 -8.79
CA ASP A 12 -10.55 23.10 -9.18
C ASP A 12 -9.80 21.76 -9.15
N LEU A 13 -9.88 21.12 -7.98
CA LEU A 13 -9.25 19.82 -7.75
C LEU A 13 -10.31 18.70 -7.70
N GLY A 14 -11.44 18.94 -8.35
CA GLY A 14 -12.43 17.91 -8.61
C GLY A 14 -12.44 17.61 -10.10
N THR A 15 -13.45 16.87 -10.56
CA THR A 15 -13.57 16.56 -11.97
C THR A 15 -15.02 16.34 -12.35
N GLU A 16 -15.35 16.66 -13.58
CA GLU A 16 -16.68 16.39 -14.10
C GLU A 16 -16.76 14.97 -14.70
N ASN A 17 -15.61 14.30 -14.84
CA ASN A 17 -15.57 12.94 -15.38
C ASN A 17 -16.37 11.97 -14.54
N LEU A 18 -16.99 10.98 -15.18
CA LEU A 18 -17.79 9.98 -14.47
C LEU A 18 -17.01 8.71 -14.17
N TYR A 19 -15.93 8.46 -14.91
CA TYR A 19 -15.13 7.26 -14.72
C TYR A 19 -13.75 7.64 -14.27
N PHE A 20 -13.08 6.69 -13.62
CA PHE A 20 -11.79 6.95 -13.02
C PHE A 20 -10.79 5.82 -13.29
N GLN A 21 -9.55 6.20 -13.51
CA GLN A 21 -8.46 5.25 -13.65
C GLN A 21 -7.81 4.98 -12.31
N SER A 22 -7.37 3.74 -12.15
CA SER A 22 -6.61 3.33 -10.96
C SER A 22 -5.23 3.96 -11.04
N MET A 23 -4.91 4.86 -10.13
CA MET A 23 -3.64 5.59 -10.11
C MET A 23 -2.97 5.29 -8.77
N ARG A 24 -1.68 5.03 -8.81
CA ARG A 24 -0.88 4.88 -7.59
C ARG A 24 0.16 5.98 -7.60
N ILE A 25 0.07 6.89 -6.64
CA ILE A 25 0.88 8.10 -6.63
C ILE A 25 1.86 8.04 -5.48
N LEU A 26 3.15 7.88 -5.82
CA LEU A 26 4.22 7.86 -4.82
C LEU A 26 4.74 9.27 -4.64
N VAL A 27 4.81 9.71 -3.39
CA VAL A 27 5.34 11.01 -3.06
C VAL A 27 6.59 10.84 -2.20
N THR A 28 7.76 11.04 -2.80
CA THR A 28 9.00 11.02 -2.04
C THR A 28 9.11 12.31 -1.24
N GLY A 29 9.82 12.26 -0.12
CA GLY A 29 9.94 13.42 0.75
C GLY A 29 8.58 13.82 1.31
N GLY A 30 7.74 12.82 1.53
CA GLY A 30 6.36 13.04 1.97
C GLY A 30 6.23 13.51 3.39
N SER A 31 7.27 13.30 4.20
CA SER A 31 7.26 13.68 5.61
C SER A 31 7.71 15.12 5.86
N GLY A 32 8.12 15.82 4.81
CA GLY A 32 8.62 17.17 4.97
C GLY A 32 7.53 18.24 4.95
N LEU A 33 8.00 19.49 4.86
CA LEU A 33 7.12 20.66 4.75
C LEU A 33 6.14 20.60 3.59
N VAL A 34 6.65 20.33 2.39
CA VAL A 34 5.83 20.31 1.19
C VAL A 34 4.96 19.07 1.17
N GLY A 35 5.58 17.93 1.50
CA GLY A 35 4.89 16.65 1.53
C GLY A 35 3.72 16.62 2.50
N LYS A 36 3.92 17.14 3.72
CA LYS A 36 2.86 17.17 4.72
C LYS A 36 1.69 18.06 4.28
N ALA A 37 1.98 19.12 3.52
CA ALA A 37 0.93 19.98 2.98
C ALA A 37 0.09 19.23 1.94
N ILE A 38 0.73 18.39 1.14
CA ILE A 38 0.02 17.58 0.16
C ILE A 38 -0.88 16.55 0.87
N GLN A 39 -0.37 15.89 1.90
CA GLN A 39 -1.19 14.99 2.72
C GLN A 39 -2.46 15.67 3.23
N LYS A 40 -2.33 16.87 3.80
CA LYS A 40 -3.48 17.55 4.37
C LYS A 40 -4.50 17.84 3.28
N VAL A 41 -4.03 18.44 2.20
CA VAL A 41 -4.92 18.83 1.10
C VAL A 41 -5.65 17.61 0.57
N VAL A 42 -4.93 16.50 0.43
CA VAL A 42 -5.52 15.24 -0.03
C VAL A 42 -6.51 14.69 1.01
N ALA A 43 -6.06 14.57 2.26
CA ALA A 43 -6.92 14.11 3.36
C ALA A 43 -8.21 14.94 3.53
N ASP A 44 -8.17 16.21 3.14
CA ASP A 44 -9.33 17.09 3.22
C ASP A 44 -10.25 16.98 2.01
N GLY A 45 -9.97 16.05 1.10
CA GLY A 45 -10.88 15.72 0.01
C GLY A 45 -10.47 16.14 -1.40
N ALA A 46 -9.22 16.54 -1.58
CA ALA A 46 -8.68 16.81 -2.91
C ALA A 46 -8.39 15.51 -3.68
N GLY A 47 -8.24 14.41 -2.95
CA GLY A 47 -8.08 13.10 -3.56
C GLY A 47 -9.33 12.69 -4.32
N LEU A 48 -9.12 12.09 -5.49
CA LEU A 48 -10.20 11.63 -6.36
C LEU A 48 -10.32 10.12 -6.26
N PRO A 49 -11.48 9.56 -6.66
CA PRO A 49 -11.63 8.10 -6.61
C PRO A 49 -10.64 7.42 -7.55
N GLY A 50 -10.12 6.27 -7.14
CA GLY A 50 -9.13 5.52 -7.93
C GLY A 50 -7.68 5.85 -7.58
N GLU A 51 -7.46 7.00 -6.94
CA GLU A 51 -6.12 7.45 -6.55
C GLU A 51 -5.69 6.91 -5.18
N ASP A 52 -4.63 6.12 -5.14
CA ASP A 52 -3.97 5.75 -3.87
C ASP A 52 -2.74 6.61 -3.72
N TRP A 53 -2.71 7.41 -2.65
CA TRP A 53 -1.57 8.27 -2.37
C TRP A 53 -0.68 7.56 -1.39
N VAL A 54 0.59 7.41 -1.73
CA VAL A 54 1.55 6.74 -0.87
C VAL A 54 2.68 7.72 -0.57
N PHE A 55 2.74 8.17 0.68
CA PHE A 55 3.73 9.14 1.12
C PHE A 55 4.85 8.43 1.85
N VAL A 56 6.08 8.63 1.42
CA VAL A 56 7.21 7.97 2.07
C VAL A 56 8.20 8.98 2.63
N SER A 57 9.05 8.48 3.52
CA SER A 57 10.17 9.24 4.07
C SER A 57 11.42 8.37 3.99
N SER A 58 12.53 8.84 4.55
CA SER A 58 13.78 8.07 4.46
C SER A 58 13.68 6.74 5.20
N LYS A 59 12.80 6.66 6.19
CA LYS A 59 12.54 5.39 6.89
C LYS A 59 12.13 4.30 5.91
N ASP A 60 11.35 4.67 4.89
CA ASP A 60 10.86 3.71 3.90
C ASP A 60 11.93 3.28 2.90
N ALA A 61 12.90 4.16 2.66
CA ALA A 61 14.00 3.86 1.76
C ALA A 61 14.93 5.05 1.71
N ASP A 62 16.24 4.80 1.82
CA ASP A 62 17.22 5.83 1.59
C ASP A 62 17.41 5.97 0.09
N LEU A 63 16.93 7.08 -0.47
CA LEU A 63 16.91 7.25 -1.92
C LEU A 63 18.28 7.49 -2.56
N THR A 64 19.30 7.67 -1.75
CA THR A 64 20.67 7.73 -2.26
C THR A 64 21.16 6.34 -2.64
N ASP A 65 20.48 5.32 -2.13
CA ASP A 65 20.81 3.92 -2.44
C ASP A 65 19.92 3.37 -3.56
N THR A 66 20.56 3.02 -4.67
CA THR A 66 19.89 2.44 -5.82
C THR A 66 19.04 1.22 -5.47
N ALA A 67 19.63 0.25 -4.79
CA ALA A 67 18.91 -0.99 -4.45
C ALA A 67 17.65 -0.71 -3.63
N GLN A 68 17.76 0.14 -2.61
CA GLN A 68 16.61 0.47 -1.77
C GLN A 68 15.52 1.23 -2.52
N THR A 69 15.92 2.11 -3.43
CA THR A 69 14.99 2.85 -4.27
C THR A 69 14.24 1.90 -5.20
N ARG A 70 15.00 1.05 -5.88
CA ARG A 70 14.42 0.07 -6.79
C ARG A 70 13.38 -0.80 -6.06
N ALA A 71 13.71 -1.22 -4.84
CA ALA A 71 12.81 -2.08 -4.06
C ALA A 71 11.52 -1.37 -3.66
N LEU A 72 11.64 -0.09 -3.28
CA LEU A 72 10.46 0.70 -2.94
C LEU A 72 9.54 0.81 -4.15
N PHE A 73 10.12 1.09 -5.30
CA PHE A 73 9.35 1.25 -6.53
C PHE A 73 8.74 -0.07 -6.98
N GLU A 74 9.46 -1.17 -6.78
CA GLU A 74 8.90 -2.50 -7.08
C GLU A 74 7.69 -2.81 -6.18
N LYS A 75 7.77 -2.45 -4.91
CA LYS A 75 6.68 -2.71 -3.97
C LYS A 75 5.46 -1.84 -4.27
N VAL A 76 5.68 -0.54 -4.43
CA VAL A 76 4.59 0.41 -4.59
C VAL A 76 3.98 0.42 -5.99
N GLN A 77 4.81 0.18 -7.01
CA GLN A 77 4.39 0.21 -8.42
C GLN A 77 3.68 1.50 -8.82
N PRO A 78 4.29 2.65 -8.55
CA PRO A 78 3.59 3.89 -8.82
C PRO A 78 3.30 4.13 -10.29
N THR A 79 2.14 4.73 -10.57
CA THR A 79 1.78 5.19 -11.91
C THR A 79 2.19 6.64 -12.06
N HIS A 80 2.28 7.34 -10.93
CA HIS A 80 2.66 8.74 -10.90
C HIS A 80 3.61 8.95 -9.74
N VAL A 81 4.52 9.91 -9.90
CA VAL A 81 5.47 10.25 -8.83
C VAL A 81 5.57 11.76 -8.67
N ILE A 82 5.39 12.22 -7.44
CA ILE A 82 5.78 13.54 -7.05
C ILE A 82 7.07 13.39 -6.26
N HIS A 83 8.15 13.94 -6.80
CA HIS A 83 9.49 13.76 -6.22
C HIS A 83 9.94 15.01 -5.45
N LEU A 84 9.81 14.97 -4.12
CA LEU A 84 10.19 16.09 -3.26
C LEU A 84 11.54 15.84 -2.52
N ALA A 85 11.95 14.59 -2.37
CA ALA A 85 13.10 14.28 -1.54
C ALA A 85 14.38 14.91 -2.09
N ALA A 86 15.15 15.49 -1.17
CA ALA A 86 16.46 16.06 -1.49
C ALA A 86 17.30 16.01 -0.23
N MET A 87 18.62 15.91 -0.38
CA MET A 87 19.50 16.07 0.75
C MET A 87 19.75 17.54 0.84
N VAL A 88 19.28 18.13 1.93
CA VAL A 88 19.08 19.57 1.99
C VAL A 88 19.70 20.20 3.25
N GLY A 89 19.81 19.44 4.33
CA GLY A 89 20.42 19.94 5.57
C GLY A 89 21.82 19.38 5.77
N GLY A 90 22.77 20.19 6.26
CA GLY A 90 22.57 21.60 6.59
C GLY A 90 23.14 22.53 5.52
N LEU A 91 22.32 22.85 4.53
CA LEU A 91 22.62 23.94 3.60
C LEU A 91 22.50 25.29 4.32
N PHE A 92 23.35 26.23 3.93
CA PHE A 92 23.37 27.56 4.56
C PHE A 92 24.23 27.63 5.84
N ARG A 93 24.77 26.49 6.29
CA ARG A 93 25.72 26.50 7.40
C ARG A 93 27.05 27.14 6.97
N ASN A 94 27.92 27.45 7.93
CA ASN A 94 29.18 28.20 7.68
C ASN A 94 30.13 27.53 6.66
N ILE A 95 30.65 26.35 7.00
CA ILE A 95 31.47 25.56 6.08
C ILE A 95 30.60 24.90 4.99
N LYS A 96 31.08 24.87 3.74
CA LYS A 96 30.32 24.31 2.61
C LYS A 96 30.81 22.92 2.22
N TYR A 97 29.88 22.08 1.76
CA TYR A 97 30.17 20.70 1.40
C TYR A 97 29.63 20.42 0.00
N ASN A 98 30.18 21.10 -0.99
CA ASN A 98 29.59 21.06 -2.31
C ASN A 98 29.66 19.70 -3.00
N LEU A 99 30.67 18.90 -2.70
CA LEU A 99 30.74 17.59 -3.32
C LEU A 99 29.66 16.67 -2.76
N ASP A 100 29.53 16.63 -1.44
CA ASP A 100 28.51 15.81 -0.78
C ASP A 100 27.10 16.13 -1.31
N PHE A 101 26.76 17.41 -1.36
CA PHE A 101 25.46 17.83 -1.86
C PHE A 101 25.29 17.53 -3.34
N TRP A 102 26.33 17.74 -4.15
CA TRP A 102 26.23 17.42 -5.58
C TRP A 102 26.00 15.92 -5.74
N ARG A 103 26.89 15.15 -5.14
CA ARG A 103 26.88 13.71 -5.37
C ARG A 103 25.66 12.98 -4.78
N LYS A 104 25.25 13.32 -3.56
CA LYS A 104 24.12 12.62 -2.97
C LYS A 104 22.81 13.00 -3.66
N ASN A 105 22.66 14.25 -4.04
CA ASN A 105 21.45 14.64 -4.74
C ASN A 105 21.35 14.09 -6.14
N VAL A 106 22.46 14.04 -6.88
CA VAL A 106 22.41 13.47 -8.22
C VAL A 106 22.06 11.99 -8.16
N HIS A 107 22.64 11.29 -7.19
CA HIS A 107 22.31 9.89 -6.99
C HIS A 107 20.82 9.71 -6.67
N MET A 108 20.31 10.55 -5.79
CA MET A 108 18.90 10.48 -5.38
C MET A 108 18.01 10.71 -6.59
N ASN A 109 18.29 11.77 -7.34
CA ASN A 109 17.46 12.12 -8.48
C ASN A 109 17.52 11.08 -9.59
N ASP A 110 18.71 10.53 -9.82
CA ASP A 110 18.86 9.49 -10.82
C ASP A 110 18.15 8.21 -10.40
N ASN A 111 18.28 7.85 -9.13
CA ASN A 111 17.63 6.66 -8.63
C ASN A 111 16.11 6.77 -8.80
N VAL A 112 15.55 7.93 -8.47
CA VAL A 112 14.11 8.13 -8.48
C VAL A 112 13.59 8.22 -9.90
N LEU A 113 14.15 9.09 -10.72
CA LEU A 113 13.66 9.22 -12.10
C LEU A 113 13.83 7.92 -12.85
N HIS A 114 14.95 7.25 -12.64
CA HIS A 114 15.17 6.02 -13.41
C HIS A 114 14.39 4.80 -12.93
N SER A 115 14.13 4.71 -11.63
CA SER A 115 13.21 3.71 -11.12
C SER A 115 11.80 3.98 -11.64
N ALA A 116 11.38 5.25 -11.66
CA ALA A 116 10.08 5.61 -12.20
C ALA A 116 9.98 5.18 -13.67
N PHE A 117 11.03 5.46 -14.43
CA PHE A 117 11.12 5.02 -15.81
C PHE A 117 11.00 3.51 -15.87
N GLU A 118 11.71 2.79 -15.00
CA GLU A 118 11.75 1.32 -15.07
C GLU A 118 10.39 0.69 -14.80
N VAL A 119 9.68 1.17 -13.79
CA VAL A 119 8.34 0.69 -13.45
C VAL A 119 7.29 1.14 -14.46
N GLY A 120 7.63 2.10 -15.31
CA GLY A 120 6.74 2.53 -16.35
C GLY A 120 5.77 3.62 -15.89
N ALA A 121 6.19 4.41 -14.91
CA ALA A 121 5.37 5.51 -14.42
C ALA A 121 4.99 6.44 -15.56
N ARG A 122 3.76 6.93 -15.51
CA ARG A 122 3.17 7.73 -16.58
C ARG A 122 3.71 9.15 -16.50
N LYS A 123 3.99 9.60 -15.28
CA LYS A 123 4.36 10.98 -15.04
C LYS A 123 5.14 11.15 -13.75
N VAL A 124 6.14 12.01 -13.80
CA VAL A 124 6.91 12.37 -12.62
C VAL A 124 6.99 13.87 -12.57
N VAL A 125 6.81 14.42 -11.38
CA VAL A 125 6.94 15.86 -11.16
C VAL A 125 7.95 16.07 -10.04
N SER A 126 9.05 16.71 -10.37
CA SER A 126 10.10 16.94 -9.43
C SER A 126 10.06 18.38 -8.99
N CYS A 127 10.79 18.65 -7.92
CA CYS A 127 10.76 19.95 -7.32
C CYS A 127 12.15 20.58 -7.48
N LEU A 128 12.17 21.73 -8.16
CA LEU A 128 13.39 22.50 -8.33
C LEU A 128 13.32 23.67 -7.35
N SER A 129 14.27 24.59 -7.42
CA SER A 129 14.39 25.66 -6.45
C SER A 129 14.91 26.87 -7.17
N THR A 130 14.70 28.07 -6.63
CA THR A 130 15.21 29.27 -7.28
C THR A 130 16.73 29.37 -7.24
N CYS A 131 17.38 28.57 -6.39
CA CYS A 131 18.84 28.51 -6.35
C CYS A 131 19.46 27.98 -7.66
N ILE A 132 18.66 27.34 -8.52
CA ILE A 132 19.15 26.90 -9.83
C ILE A 132 19.35 28.03 -10.84
N PHE A 133 18.76 29.19 -10.60
CA PHE A 133 18.85 30.27 -11.59
C PHE A 133 20.23 30.87 -11.65
N PRO A 134 20.58 31.47 -12.82
CA PRO A 134 21.90 32.07 -12.94
C PRO A 134 22.10 33.23 -11.97
N ASP A 135 23.33 33.35 -11.47
CA ASP A 135 23.70 34.42 -10.57
C ASP A 135 23.53 35.79 -11.22
N LYS A 136 24.11 35.95 -12.40
CA LYS A 136 23.99 37.19 -13.17
C LYS A 136 22.86 36.97 -14.18
N THR A 137 21.74 37.66 -13.97
CA THR A 137 20.57 37.50 -14.82
C THR A 137 19.73 38.77 -14.81
N THR A 138 18.91 38.95 -15.84
CA THR A 138 17.90 40.01 -15.82
C THR A 138 16.74 39.55 -14.95
N TYR A 139 15.86 40.47 -14.61
CA TYR A 139 14.72 40.15 -13.78
C TYR A 139 13.44 40.67 -14.44
N PRO A 140 12.31 39.99 -14.21
CA PRO A 140 12.17 38.76 -13.43
C PRO A 140 12.68 37.58 -14.22
N ILE A 141 12.84 36.45 -13.54
CA ILE A 141 13.37 35.25 -14.16
C ILE A 141 12.22 34.33 -14.52
N ASP A 142 12.26 33.75 -15.71
CA ASP A 142 11.25 32.77 -16.10
C ASP A 142 11.88 31.41 -16.43
N GLU A 143 11.03 30.45 -16.77
CA GLU A 143 11.44 29.05 -16.93
C GLU A 143 12.40 28.80 -18.09
N THR A 144 12.51 29.76 -18.99
CA THR A 144 13.45 29.69 -20.11
C THR A 144 14.90 29.98 -19.73
N MET A 145 15.09 30.66 -18.60
CA MET A 145 16.40 31.24 -18.26
C MET A 145 17.21 30.38 -17.31
N ILE A 146 16.58 29.31 -16.85
CA ILE A 146 17.17 28.32 -15.97
C ILE A 146 18.65 27.97 -16.28
N HIS A 147 19.01 27.82 -17.55
CA HIS A 147 20.39 27.44 -17.93
C HIS A 147 21.25 28.57 -18.53
N ASN A 148 20.82 29.82 -18.39
CA ASN A 148 21.50 30.95 -19.03
C ASN A 148 22.63 31.54 -18.20
N GLY A 149 23.54 30.69 -17.76
CA GLY A 149 24.68 31.15 -16.97
C GLY A 149 24.77 30.44 -15.64
N PRO A 150 25.96 30.44 -15.03
CA PRO A 150 26.17 29.63 -13.83
C PRO A 150 25.39 30.10 -12.62
N PRO A 151 25.08 29.19 -11.70
CA PRO A 151 24.38 29.55 -10.49
C PRO A 151 25.35 30.17 -9.50
N HIS A 152 24.82 30.71 -8.40
CA HIS A 152 25.61 31.31 -7.34
C HIS A 152 26.63 30.30 -6.81
N ASN A 153 27.87 30.73 -6.67
CA ASN A 153 28.96 29.85 -6.23
C ASN A 153 28.83 29.30 -4.81
N SER A 154 28.10 29.99 -3.95
CA SER A 154 28.02 29.57 -2.56
C SER A 154 27.71 28.08 -2.49
N ASN A 155 26.60 27.67 -3.11
CA ASN A 155 26.18 26.27 -3.09
C ASN A 155 25.98 25.69 -4.50
N PHE A 156 27.03 25.80 -5.33
CA PHE A 156 26.94 25.32 -6.73
C PHE A 156 26.62 23.83 -6.87
N GLY A 157 27.18 23.00 -5.99
CA GLY A 157 26.92 21.56 -6.00
C GLY A 157 25.44 21.24 -5.94
N TYR A 158 24.76 21.80 -4.95
CA TYR A 158 23.32 21.60 -4.79
C TYR A 158 22.54 22.12 -6.00
N SER A 159 22.88 23.34 -6.42
CA SER A 159 22.23 23.97 -7.55
C SER A 159 22.35 23.19 -8.84
N TYR A 160 23.55 22.73 -9.15
CA TYR A 160 23.75 21.99 -10.38
C TYR A 160 23.03 20.65 -10.35
N ALA A 161 22.98 20.02 -9.19
CA ALA A 161 22.26 18.76 -9.05
C ALA A 161 20.78 18.92 -9.36
N LYS A 162 20.18 20.02 -8.90
CA LYS A 162 18.79 20.33 -9.24
C LYS A 162 18.61 20.64 -10.72
N ARG A 163 19.49 21.47 -11.28
CA ARG A 163 19.44 21.79 -12.70
C ARG A 163 19.43 20.53 -13.55
N MET A 164 20.21 19.52 -13.14
CA MET A 164 20.30 18.30 -13.93
C MET A 164 19.00 17.47 -13.94
N ILE A 165 18.09 17.75 -13.02
CA ILE A 165 16.76 17.15 -13.08
C ILE A 165 16.09 17.59 -14.37
N ASP A 166 16.17 18.89 -14.67
CA ASP A 166 15.61 19.39 -15.94
C ASP A 166 16.22 18.67 -17.13
N VAL A 167 17.55 18.50 -17.11
CA VAL A 167 18.23 17.82 -18.21
C VAL A 167 17.78 16.35 -18.34
N GLN A 168 17.61 15.65 -17.21
CA GLN A 168 17.09 14.28 -17.24
C GLN A 168 15.69 14.24 -17.83
N ASN A 169 14.81 15.10 -17.31
CA ASN A 169 13.45 15.18 -17.81
C ASN A 169 13.45 15.33 -19.33
N ARG A 170 14.24 16.27 -19.83
CA ARG A 170 14.28 16.54 -21.28
C ARG A 170 14.79 15.34 -22.07
N ALA A 171 15.74 14.62 -21.50
CA ALA A 171 16.34 13.45 -22.17
C ALA A 171 15.39 12.27 -22.20
N TYR A 172 14.77 11.95 -21.05
CA TYR A 172 13.74 10.92 -20.99
C TYR A 172 12.61 11.22 -22.00
N PHE A 173 12.18 12.48 -22.07
CA PHE A 173 11.15 12.85 -23.03
C PHE A 173 11.62 12.57 -24.45
N GLN A 174 12.76 13.15 -24.82
CA GLN A 174 13.27 13.06 -26.20
C GLN A 174 13.49 11.63 -26.66
N GLN A 175 14.17 10.82 -25.87
CA GLN A 175 14.52 9.49 -26.32
C GLN A 175 13.42 8.48 -26.06
N TYR A 176 12.81 8.52 -24.89
CA TYR A 176 11.89 7.46 -24.48
C TYR A 176 10.41 7.84 -24.46
N GLY A 177 10.11 9.12 -24.65
CA GLY A 177 8.72 9.58 -24.66
C GLY A 177 8.06 9.77 -23.30
N CYS A 178 8.84 9.76 -22.23
CA CYS A 178 8.28 9.96 -20.89
C CYS A 178 7.90 11.41 -20.65
N THR A 179 6.84 11.60 -19.86
CA THR A 179 6.40 12.91 -19.43
C THR A 179 6.92 13.18 -18.01
N PHE A 180 8.21 13.48 -17.91
CA PHE A 180 8.79 13.89 -16.65
C PHE A 180 8.95 15.42 -16.71
N THR A 181 8.49 16.10 -15.68
CA THR A 181 8.53 17.54 -15.63
C THR A 181 8.90 18.00 -14.22
N ALA A 182 8.79 19.30 -13.94
CA ALA A 182 9.14 19.83 -12.64
C ALA A 182 8.45 21.15 -12.34
N VAL A 183 8.34 21.46 -11.05
CA VAL A 183 7.84 22.75 -10.59
C VAL A 183 8.94 23.50 -9.85
N ILE A 184 8.84 24.81 -9.81
CA ILE A 184 9.85 25.66 -9.18
C ILE A 184 9.15 26.57 -8.18
N PRO A 185 9.05 26.13 -6.92
CA PRO A 185 8.49 27.01 -5.92
C PRO A 185 9.47 28.11 -5.58
N THR A 186 8.96 29.25 -5.12
CA THR A 186 9.79 30.24 -4.48
C THR A 186 9.99 29.84 -3.01
N ASN A 187 10.03 30.79 -2.08
CA ASN A 187 10.30 30.45 -0.69
C ASN A 187 9.08 29.92 0.03
N VAL A 188 9.16 28.67 0.45
CA VAL A 188 8.00 28.00 1.03
C VAL A 188 8.04 28.11 2.56
N PHE A 189 6.88 28.25 3.16
CA PHE A 189 6.71 28.23 4.61
C PHE A 189 5.37 27.61 4.97
N GLY A 190 5.27 27.11 6.20
CA GLY A 190 4.02 26.55 6.70
C GLY A 190 4.21 25.56 7.84
N PRO A 191 3.14 24.84 8.22
CA PRO A 191 3.23 23.76 9.18
C PRO A 191 4.28 22.73 8.79
N HIS A 192 4.91 22.13 9.80
CA HIS A 192 5.92 21.06 9.64
C HIS A 192 7.20 21.49 8.95
N ASP A 193 7.46 22.80 8.96
CA ASP A 193 8.70 23.32 8.44
C ASP A 193 9.82 22.93 9.41
N ASN A 194 11.05 23.21 9.01
CA ASN A 194 12.18 23.11 9.92
C ASN A 194 12.40 24.50 10.51
N PHE A 195 12.13 24.63 11.81
CA PHE A 195 12.20 25.91 12.51
C PHE A 195 13.54 26.13 13.24
N ASN A 196 14.53 25.29 12.97
CA ASN A 196 15.85 25.47 13.53
C ASN A 196 16.42 26.81 13.11
N ILE A 197 16.96 27.55 14.07
CA ILE A 197 17.40 28.92 13.84
C ILE A 197 18.74 29.02 13.11
N GLU A 198 19.67 28.12 13.42
CA GLU A 198 20.98 28.11 12.76
C GLU A 198 20.89 27.58 11.33
N ASP A 199 20.09 26.52 11.12
CA ASP A 199 20.05 25.78 9.85
C ASP A 199 18.85 26.08 8.95
N GLY A 200 17.73 26.52 9.53
CA GLY A 200 16.48 26.68 8.78
C GLY A 200 16.38 27.93 7.91
N HIS A 201 15.29 28.02 7.15
CA HIS A 201 15.02 29.19 6.31
C HIS A 201 14.64 30.38 7.19
N VAL A 202 14.61 31.56 6.59
CA VAL A 202 14.44 32.79 7.37
C VAL A 202 13.06 32.87 8.03
N LEU A 203 12.00 32.52 7.30
CA LEU A 203 10.64 32.72 7.81
C LEU A 203 10.28 31.80 8.98
N PRO A 204 10.49 30.48 8.83
CA PRO A 204 10.34 29.64 10.03
C PRO A 204 11.34 29.97 11.15
N GLY A 205 12.56 30.40 10.77
CA GLY A 205 13.56 30.84 11.73
C GLY A 205 13.08 32.05 12.52
N LEU A 206 12.47 33.01 11.83
CA LEU A 206 11.89 34.19 12.50
C LEU A 206 10.78 33.81 13.48
N ILE A 207 9.91 32.90 13.08
CA ILE A 207 8.84 32.43 13.94
C ILE A 207 9.41 31.86 15.23
N HIS A 208 10.44 31.04 15.12
CA HIS A 208 11.09 30.48 16.31
C HIS A 208 11.77 31.58 17.13
N LYS A 209 12.46 32.49 16.45
CA LYS A 209 13.13 33.62 17.12
C LYS A 209 12.16 34.48 17.95
N VAL A 210 11.01 34.80 17.36
CA VAL A 210 9.99 35.58 18.07
C VAL A 210 9.41 34.81 19.25
N HIS A 211 9.18 33.51 19.06
CA HIS A 211 8.73 32.65 20.15
C HIS A 211 9.71 32.67 21.33
N LEU A 212 11.00 32.60 21.04
CA LEU A 212 12.03 32.68 22.08
C LEU A 212 12.11 34.05 22.74
N ALA A 213 11.86 35.11 21.96
CA ALA A 213 11.86 36.47 22.50
C ALA A 213 10.76 36.69 23.55
N LYS A 214 9.58 36.11 23.32
CA LYS A 214 8.50 36.12 24.32
C LYS A 214 8.84 35.27 25.56
N SER A 215 9.24 34.03 25.32
CA SER A 215 9.60 33.10 26.41
C SER A 215 10.81 33.57 27.24
N SER A 216 11.71 34.31 26.60
CA SER A 216 12.90 34.84 27.27
C SER A 216 12.68 36.27 27.76
N GLY A 217 11.70 36.95 27.19
CA GLY A 217 11.52 38.40 27.42
C GLY A 217 12.60 39.25 26.77
N SER A 218 13.31 38.68 25.79
CA SER A 218 14.41 39.38 25.11
C SER A 218 13.88 40.25 23.96
N ALA A 219 14.79 40.78 23.16
CA ALA A 219 14.45 41.50 21.92
C ALA A 219 14.72 40.60 20.72
N LEU A 220 14.09 40.92 19.59
CA LEU A 220 14.29 40.17 18.34
C LEU A 220 15.50 40.71 17.58
N THR A 221 16.44 39.82 17.30
CA THR A 221 17.59 40.16 16.46
C THR A 221 17.44 39.47 15.10
N VAL A 222 17.15 40.25 14.07
CA VAL A 222 17.11 39.75 12.71
C VAL A 222 18.48 39.82 12.06
N TRP A 223 18.90 38.73 11.41
CA TRP A 223 20.18 38.68 10.72
C TRP A 223 20.15 39.56 9.47
N GLY A 224 21.08 40.50 9.39
CA GLY A 224 21.24 41.34 8.21
C GLY A 224 20.42 42.61 8.24
N THR A 225 20.31 43.24 7.07
CA THR A 225 19.68 44.56 6.92
C THR A 225 18.16 44.53 6.88
N GLY A 226 17.58 43.39 6.53
CA GLY A 226 16.14 43.28 6.31
C GLY A 226 15.70 43.76 4.93
N ASN A 227 16.68 44.12 4.10
CA ASN A 227 16.42 44.66 2.76
C ASN A 227 16.15 43.64 1.65
N PRO A 228 16.76 42.43 1.74
CA PRO A 228 16.49 41.44 0.69
C PRO A 228 15.00 41.14 0.50
N ARG A 229 14.58 41.04 -0.76
CA ARG A 229 13.16 40.83 -1.10
C ARG A 229 12.98 39.38 -1.51
N ARG A 230 11.87 38.79 -1.09
CA ARG A 230 11.57 37.39 -1.40
C ARG A 230 10.11 37.19 -1.75
N GLN A 231 9.86 36.25 -2.65
CA GLN A 231 8.50 35.76 -2.93
C GLN A 231 8.22 34.56 -2.05
N PHE A 232 7.21 34.67 -1.19
CA PHE A 232 6.86 33.58 -0.28
C PHE A 232 5.62 32.88 -0.78
N ILE A 233 5.53 31.58 -0.50
CA ILE A 233 4.37 30.77 -0.88
C ILE A 233 4.03 29.80 0.24
N TYR A 234 2.75 29.81 0.61
CA TYR A 234 2.27 28.99 1.71
C TYR A 234 2.29 27.53 1.26
N SER A 235 2.75 26.63 2.13
CA SER A 235 2.86 25.23 1.74
C SER A 235 1.51 24.67 1.25
N LEU A 236 0.42 25.11 1.89
CA LEU A 236 -0.94 24.65 1.50
C LEU A 236 -1.35 25.12 0.11
N ASP A 237 -0.97 26.35 -0.25
CA ASP A 237 -1.24 26.84 -1.59
C ASP A 237 -0.43 26.05 -2.61
N LEU A 238 0.83 25.79 -2.26
CA LEU A 238 1.71 25.05 -3.14
C LEU A 238 1.17 23.65 -3.37
N ALA A 239 0.73 23.00 -2.30
CA ALA A 239 0.18 21.64 -2.39
C ALA A 239 -0.95 21.55 -3.42
N GLN A 240 -1.86 22.52 -3.37
CA GLN A 240 -2.97 22.58 -4.33
C GLN A 240 -2.45 22.68 -5.75
N LEU A 241 -1.46 23.54 -5.96
CA LEU A 241 -0.91 23.72 -7.29
C LEU A 241 -0.15 22.45 -7.75
N PHE A 242 0.41 21.73 -6.80
CA PHE A 242 1.20 20.53 -7.09
C PHE A 242 0.29 19.43 -7.61
N ILE A 243 -0.84 19.25 -6.94
CA ILE A 243 -1.82 18.25 -7.38
C ILE A 243 -2.36 18.60 -8.76
N TRP A 244 -2.59 19.88 -8.99
CA TRP A 244 -3.06 20.34 -10.29
C TRP A 244 -2.02 20.02 -11.37
N VAL A 245 -0.78 20.42 -11.15
CA VAL A 245 0.33 20.12 -12.07
C VAL A 245 0.36 18.61 -12.40
N LEU A 246 0.29 17.77 -11.37
CA LEU A 246 0.32 16.33 -11.56
C LEU A 246 -0.78 15.89 -12.52
N ARG A 247 -1.99 16.42 -12.32
CA ARG A 247 -3.15 16.06 -13.13
C ARG A 247 -3.21 16.70 -14.52
N GLU A 248 -2.80 17.96 -14.65
CA GLU A 248 -3.14 18.76 -15.83
C GLU A 248 -1.97 19.32 -16.65
N TYR A 249 -0.80 19.47 -16.06
CA TYR A 249 0.34 20.12 -16.73
C TYR A 249 1.18 19.10 -17.47
N ASN A 250 1.41 19.30 -18.76
CA ASN A 250 2.09 18.29 -19.58
C ASN A 250 3.32 18.76 -20.37
N GLU A 251 3.80 19.97 -20.08
CA GLU A 251 5.04 20.45 -20.66
C GLU A 251 6.19 19.74 -19.95
N VAL A 252 7.25 19.43 -20.69
CA VAL A 252 8.50 18.98 -20.07
C VAL A 252 9.16 20.16 -19.35
N GLU A 253 9.12 21.33 -19.97
CA GLU A 253 9.72 22.52 -19.37
C GLU A 253 9.06 22.77 -18.01
N PRO A 254 9.84 23.21 -17.02
CA PRO A 254 9.26 23.37 -15.70
C PRO A 254 8.32 24.54 -15.62
N ILE A 255 7.65 24.67 -14.48
CA ILE A 255 6.69 25.74 -14.25
C ILE A 255 6.91 26.34 -12.86
N ILE A 256 7.05 27.66 -12.80
CA ILE A 256 7.25 28.37 -11.55
C ILE A 256 5.91 28.47 -10.80
N LEU A 257 5.92 28.08 -9.53
CA LEU A 257 4.75 28.19 -8.68
C LEU A 257 5.04 29.26 -7.65
N SER A 258 4.43 30.42 -7.83
CA SER A 258 4.76 31.59 -7.02
C SER A 258 3.78 32.73 -7.19
N VAL A 259 3.71 33.57 -6.16
CA VAL A 259 3.01 34.85 -6.25
C VAL A 259 3.77 35.72 -7.24
N GLY A 260 3.14 36.78 -7.74
CA GLY A 260 3.77 37.62 -8.76
C GLY A 260 4.92 38.48 -8.24
N GLU A 261 5.69 39.02 -9.19
CA GLU A 261 6.74 40.01 -8.91
C GLU A 261 6.26 41.18 -8.01
N GLU A 262 4.99 41.58 -8.18
CA GLU A 262 4.39 42.64 -7.37
C GLU A 262 4.08 42.25 -5.91
N ASP A 263 4.15 40.97 -5.58
CA ASP A 263 3.87 40.49 -4.21
C ASP A 263 5.14 40.03 -3.50
N GLU A 264 6.29 40.48 -4.00
CA GLU A 264 7.55 40.30 -3.31
C GLU A 264 7.50 41.11 -2.02
N VAL A 265 8.11 40.59 -0.95
CA VAL A 265 8.21 41.33 0.31
C VAL A 265 9.61 41.22 0.91
N SER A 266 10.04 42.28 1.59
CA SER A 266 11.36 42.32 2.20
C SER A 266 11.40 41.47 3.47
N ILE A 267 12.60 41.09 3.89
CA ILE A 267 12.79 40.38 5.15
C ILE A 267 12.20 41.21 6.30
N LYS A 268 12.39 42.53 6.24
CA LYS A 268 11.81 43.44 7.25
C LYS A 268 10.28 43.28 7.30
N GLU A 269 9.62 43.37 6.14
CA GLU A 269 8.16 43.20 6.05
C GLU A 269 7.69 41.83 6.55
N ALA A 270 8.51 40.81 6.29
CA ALA A 270 8.21 39.46 6.76
C ALA A 270 8.26 39.37 8.28
N ALA A 271 9.31 39.96 8.87
CA ALA A 271 9.43 39.99 10.33
C ALA A 271 8.27 40.75 10.97
N GLU A 272 7.84 41.84 10.33
CA GLU A 272 6.67 42.59 10.78
C GLU A 272 5.38 41.73 10.78
N ALA A 273 5.22 40.88 9.79
CA ALA A 273 4.07 39.98 9.72
C ALA A 273 4.08 38.95 10.85
N VAL A 274 5.26 38.48 11.22
CA VAL A 274 5.40 37.56 12.34
C VAL A 274 5.16 38.27 13.68
N VAL A 275 5.81 39.42 13.88
CA VAL A 275 5.66 40.21 15.11
C VAL A 275 4.18 40.46 15.38
N GLU A 276 3.45 40.95 14.38
CA GLU A 276 2.01 41.17 14.52
C GLU A 276 1.28 39.89 14.88
N ALA A 277 1.49 38.84 14.10
CA ALA A 277 0.78 37.57 14.28
C ALA A 277 1.00 36.94 15.65
N MET A 278 2.23 36.99 16.15
CA MET A 278 2.54 36.41 17.47
C MET A 278 2.30 37.39 18.62
N ASP A 279 1.77 38.58 18.31
CA ASP A 279 1.49 39.62 19.30
C ASP A 279 2.73 39.89 20.15
N PHE A 280 3.78 40.37 19.50
CA PHE A 280 5.08 40.63 20.15
C PHE A 280 5.31 42.13 20.27
N HIS A 281 5.68 42.57 21.48
CA HIS A 281 5.82 44.00 21.77
C HIS A 281 7.24 44.40 22.16
N GLY A 282 8.19 43.47 22.07
CA GLY A 282 9.60 43.77 22.32
C GLY A 282 10.23 44.52 21.16
N GLU A 283 11.49 44.91 21.34
CA GLU A 283 12.23 45.64 20.31
C GLU A 283 12.61 44.71 19.16
N VAL A 284 12.73 45.28 17.96
CA VAL A 284 13.17 44.54 16.77
C VAL A 284 14.41 45.23 16.19
N THR A 285 15.58 44.59 16.32
CA THR A 285 16.85 45.14 15.81
C THR A 285 17.38 44.31 14.64
N PHE A 286 18.13 44.96 13.75
CA PHE A 286 18.65 44.33 12.53
C PHE A 286 20.18 44.24 12.53
N ASP A 287 20.71 43.08 12.90
CA ASP A 287 22.16 42.88 13.06
C ASP A 287 22.88 42.85 11.72
N THR A 288 23.46 43.99 11.34
CA THR A 288 24.17 44.13 10.07
C THR A 288 25.51 43.40 10.04
N THR A 289 25.95 42.87 11.18
CA THR A 289 27.20 42.13 11.24
C THR A 289 27.12 40.81 10.49
N LYS A 290 26.00 40.12 10.62
CA LYS A 290 25.71 38.93 9.79
C LYS A 290 25.45 39.40 8.36
N SER A 291 25.98 38.65 7.38
CA SER A 291 25.90 39.04 5.97
C SER A 291 24.49 38.89 5.39
N ASP A 292 24.10 39.84 4.53
CA ASP A 292 22.89 39.69 3.70
C ASP A 292 23.20 38.64 2.63
N GLY A 293 22.19 37.86 2.26
CA GLY A 293 22.29 36.96 1.11
C GLY A 293 22.12 37.72 -0.19
N GLN A 294 21.55 37.06 -1.20
CA GLN A 294 21.18 37.73 -2.45
C GLN A 294 20.07 38.75 -2.21
N PHE A 295 20.15 39.91 -2.85
CA PHE A 295 19.13 40.93 -2.68
C PHE A 295 17.77 40.45 -3.22
N LYS A 296 17.78 39.88 -4.42
CA LYS A 296 16.56 39.42 -5.09
C LYS A 296 16.79 38.10 -5.76
N LYS A 297 15.71 37.33 -5.92
CA LYS A 297 15.72 36.17 -6.80
C LYS A 297 14.39 36.14 -7.56
N THR A 298 13.95 37.30 -8.05
CA THR A 298 12.56 37.49 -8.48
C THR A 298 12.11 36.66 -9.67
N ALA A 299 11.05 35.89 -9.46
CA ALA A 299 10.55 34.96 -10.46
C ALA A 299 9.24 35.43 -11.05
N SER A 300 9.04 35.22 -12.34
CA SER A 300 7.78 35.51 -13.01
C SER A 300 6.86 34.30 -12.91
N ASN A 301 5.59 34.53 -12.58
CA ASN A 301 4.59 33.48 -12.64
C ASN A 301 3.67 33.63 -13.87
N SER A 302 4.15 34.33 -14.88
CA SER A 302 3.39 34.53 -16.11
C SER A 302 2.75 33.21 -16.60
N LYS A 303 3.56 32.16 -16.70
CA LYS A 303 3.07 30.86 -17.19
C LYS A 303 1.94 30.29 -16.34
N LEU A 304 2.12 30.27 -15.03
CA LEU A 304 1.08 29.83 -14.12
C LEU A 304 -0.20 30.61 -14.35
N ARG A 305 -0.07 31.90 -14.63
CA ARG A 305 -1.25 32.75 -14.86
C ARG A 305 -1.98 32.43 -16.17
N THR A 306 -1.26 31.92 -17.17
CA THR A 306 -1.91 31.48 -18.41
C THR A 306 -2.77 30.23 -18.18
N TYR A 307 -2.36 29.38 -17.24
CA TYR A 307 -3.09 28.15 -16.95
C TYR A 307 -4.19 28.34 -15.90
N LEU A 308 -3.93 29.16 -14.89
CA LEU A 308 -4.85 29.34 -13.77
C LEU A 308 -4.98 30.82 -13.44
N PRO A 309 -5.70 31.56 -14.30
CA PRO A 309 -5.80 33.01 -14.11
C PRO A 309 -6.56 33.40 -12.83
N ASP A 310 -7.55 32.59 -12.46
CA ASP A 310 -8.43 32.92 -11.33
C ASP A 310 -8.01 32.32 -9.99
N PHE A 311 -6.89 31.60 -9.96
CA PHE A 311 -6.38 31.02 -8.71
C PHE A 311 -6.02 32.10 -7.69
N ARG A 312 -6.66 32.07 -6.52
CA ARG A 312 -6.38 33.05 -5.44
C ARG A 312 -5.47 32.46 -4.36
N PHE A 313 -4.30 33.05 -4.17
CA PHE A 313 -3.38 32.66 -3.10
C PHE A 313 -3.95 33.08 -1.74
N THR A 314 -3.62 32.32 -0.71
CA THR A 314 -3.91 32.74 0.66
C THR A 314 -3.18 34.05 0.90
N PRO A 315 -3.86 35.06 1.46
CA PRO A 315 -3.14 36.30 1.82
C PRO A 315 -1.99 36.06 2.81
N PHE A 316 -0.88 36.77 2.58
CA PHE A 316 0.35 36.53 3.31
C PHE A 316 0.17 36.54 4.84
N LYS A 317 -0.38 37.63 5.37
CA LYS A 317 -0.51 37.77 6.84
C LYS A 317 -1.33 36.65 7.46
N GLN A 318 -2.33 36.15 6.72
CA GLN A 318 -3.15 35.03 7.20
C GLN A 318 -2.34 33.74 7.25
N ALA A 319 -1.60 33.48 6.18
CA ALA A 319 -0.77 32.29 6.08
C ALA A 319 0.29 32.27 7.20
N VAL A 320 0.88 33.44 7.49
CA VAL A 320 1.84 33.56 8.58
C VAL A 320 1.16 33.29 9.93
N LYS A 321 0.00 33.89 10.16
CA LYS A 321 -0.75 33.67 11.41
C LYS A 321 -1.00 32.18 11.63
N GLU A 322 -1.49 31.49 10.61
CA GLU A 322 -1.80 30.06 10.73
C GLU A 322 -0.54 29.29 11.06
N THR A 323 0.57 29.64 10.42
CA THR A 323 1.83 28.95 10.65
C THR A 323 2.33 29.22 12.06
N CYS A 324 2.29 30.49 12.48
CA CYS A 324 2.64 30.87 13.85
C CYS A 324 1.76 30.11 14.85
N ALA A 325 0.46 30.08 14.58
CA ALA A 325 -0.48 29.34 15.41
C ALA A 325 -0.11 27.86 15.50
N TRP A 326 0.24 27.25 14.37
CA TRP A 326 0.63 25.84 14.37
C TRP A 326 1.88 25.60 15.21
N PHE A 327 2.88 26.46 15.04
CA PHE A 327 4.15 26.33 15.76
C PHE A 327 3.96 26.43 17.27
N THR A 328 3.18 27.42 17.70
CA THR A 328 2.89 27.60 19.11
C THR A 328 2.15 26.37 19.66
N ASP A 329 1.17 25.88 18.92
CA ASP A 329 0.34 24.75 19.35
C ASP A 329 1.09 23.40 19.32
N ASN A 330 2.18 23.31 18.58
CA ASN A 330 2.94 22.06 18.44
C ASN A 330 4.42 22.22 18.74
N TYR A 331 4.76 23.21 19.56
CA TYR A 331 6.15 23.54 19.84
C TYR A 331 6.98 22.31 20.17
N GLU A 332 6.52 21.49 21.11
CA GLU A 332 7.29 20.32 21.58
C GLU A 332 7.56 19.31 20.47
N GLN A 333 6.56 19.05 19.62
CA GLN A 333 6.70 18.06 18.53
C GLN A 333 7.33 18.64 17.24
N ALA A 334 7.47 19.96 17.17
CA ALA A 334 8.01 20.62 15.96
C ALA A 334 9.53 20.47 15.82
N ARG A 335 10.04 20.77 14.63
CA ARG A 335 11.48 20.78 14.35
C ARG A 335 12.08 22.14 14.66
N ASP B 12 59.24 20.15 -23.36
CA ASP B 12 60.17 19.54 -22.35
C ASP B 12 59.45 18.51 -21.49
N LEU B 13 59.53 17.25 -21.94
CA LEU B 13 58.95 16.11 -21.22
C LEU B 13 60.05 15.30 -20.50
N GLY B 14 61.17 15.97 -20.23
CA GLY B 14 62.21 15.42 -19.38
C GLY B 14 62.24 16.23 -18.10
N THR B 15 63.27 16.06 -17.30
CA THR B 15 63.43 16.82 -16.06
C THR B 15 64.89 16.95 -15.70
N GLU B 16 65.24 18.06 -15.05
CA GLU B 16 66.59 18.24 -14.54
C GLU B 16 66.71 17.66 -13.11
N ASN B 17 65.59 17.24 -12.52
CA ASN B 17 65.59 16.64 -11.18
C ASN B 17 66.44 15.39 -11.13
N LEU B 18 67.10 15.16 -10.00
CA LEU B 18 67.94 13.97 -9.81
C LEU B 18 67.22 12.82 -9.12
N TYR B 19 66.16 13.12 -8.37
CA TYR B 19 65.38 12.10 -7.67
C TYR B 19 63.97 12.00 -8.23
N PHE B 20 63.34 10.85 -8.04
CA PHE B 20 62.03 10.57 -8.64
C PHE B 20 61.07 9.93 -7.66
N GLN B 21 59.80 10.31 -7.76
CA GLN B 21 58.74 9.70 -6.98
C GLN B 21 58.10 8.53 -7.73
N SER B 22 57.72 7.52 -6.96
CA SER B 22 57.02 6.37 -7.51
C SER B 22 55.60 6.81 -7.86
N MET B 23 55.27 6.79 -9.14
CA MET B 23 53.96 7.22 -9.64
C MET B 23 53.32 6.06 -10.40
N ARG B 24 52.04 5.83 -10.16
CA ARG B 24 51.27 4.85 -10.91
C ARG B 24 50.18 5.60 -11.64
N ILE B 25 50.24 5.61 -12.96
CA ILE B 25 49.37 6.44 -13.78
C ILE B 25 48.41 5.55 -14.56
N LEU B 26 47.13 5.62 -14.18
CA LEU B 26 46.07 4.90 -14.87
C LEU B 26 45.49 5.78 -15.98
N VAL B 27 45.41 5.24 -17.18
CA VAL B 27 44.82 5.94 -18.31
C VAL B 27 43.59 5.17 -18.79
N THR B 28 42.40 5.68 -18.47
CA THR B 28 41.17 5.09 -18.98
C THR B 28 41.01 5.48 -20.43
N GLY B 29 40.31 4.65 -21.20
CA GLY B 29 40.15 4.90 -22.62
C GLY B 29 41.48 4.87 -23.33
N GLY B 30 42.39 4.04 -22.82
CA GLY B 30 43.74 3.93 -23.34
C GLY B 30 43.85 3.31 -24.73
N SER B 31 42.81 2.58 -25.15
CA SER B 31 42.81 1.89 -26.44
C SER B 31 42.28 2.74 -27.59
N GLY B 32 41.84 3.96 -27.30
CA GLY B 32 41.27 4.84 -28.34
C GLY B 32 42.31 5.66 -29.08
N LEU B 33 41.81 6.62 -29.85
CA LEU B 33 42.63 7.59 -30.60
C LEU B 33 43.63 8.36 -29.72
N VAL B 34 43.12 8.97 -28.65
CA VAL B 34 43.94 9.80 -27.77
C VAL B 34 44.85 8.91 -26.94
N GLY B 35 44.28 7.84 -26.39
CA GLY B 35 45.03 6.92 -25.54
C GLY B 35 46.21 6.29 -26.26
N LYS B 36 45.98 5.84 -27.49
CA LYS B 36 47.04 5.20 -28.27
C LYS B 36 48.18 6.18 -28.57
N ALA B 37 47.84 7.45 -28.74
CA ALA B 37 48.85 8.49 -28.94
C ALA B 37 49.72 8.67 -27.70
N ILE B 38 49.10 8.57 -26.53
CA ILE B 38 49.85 8.67 -25.28
C ILE B 38 50.81 7.48 -25.12
N GLN B 39 50.33 6.28 -25.41
CA GLN B 39 51.18 5.10 -25.41
C GLN B 39 52.43 5.28 -26.27
N LYS B 40 52.26 5.74 -27.50
CA LYS B 40 53.38 5.91 -28.42
C LYS B 40 54.39 6.91 -27.86
N VAL B 41 53.88 8.08 -27.46
CA VAL B 41 54.74 9.13 -26.92
C VAL B 41 55.53 8.64 -25.71
N VAL B 42 54.86 7.91 -24.82
CA VAL B 42 55.50 7.32 -23.65
C VAL B 42 56.51 6.24 -24.05
N ALA B 43 56.09 5.29 -24.88
CA ALA B 43 56.96 4.23 -25.37
C ALA B 43 58.22 4.77 -26.09
N ASP B 44 58.12 5.95 -26.69
CA ASP B 44 59.26 6.59 -27.37
C ASP B 44 60.18 7.37 -26.41
N GLY B 45 59.91 7.30 -25.11
CA GLY B 45 60.84 7.84 -24.11
C GLY B 45 60.41 9.08 -23.36
N ALA B 46 59.13 9.45 -23.47
CA ALA B 46 58.56 10.56 -22.69
C ALA B 46 58.32 10.13 -21.23
N GLY B 47 58.23 8.83 -21.01
CA GLY B 47 58.12 8.29 -19.66
C GLY B 47 59.37 8.57 -18.85
N LEU B 48 59.18 8.95 -17.58
CA LEU B 48 60.26 9.24 -16.65
C LEU B 48 60.48 8.09 -15.68
N PRO B 49 61.65 8.02 -15.03
CA PRO B 49 61.87 6.95 -14.06
C PRO B 49 60.91 7.08 -12.89
N GLY B 50 60.45 5.95 -12.36
CA GLY B 50 59.47 5.92 -11.28
C GLY B 50 58.00 5.88 -11.71
N GLU B 51 57.74 6.23 -12.97
CA GLU B 51 56.38 6.21 -13.53
C GLU B 51 56.00 4.86 -14.16
N ASP B 52 54.97 4.20 -13.61
CA ASP B 52 54.34 3.05 -14.29
C ASP B 52 53.08 3.52 -14.97
N TRP B 53 53.03 3.35 -16.29
CA TRP B 53 51.86 3.73 -17.06
C TRP B 53 51.02 2.49 -17.28
N VAL B 54 49.74 2.59 -16.89
CA VAL B 54 48.81 1.48 -17.05
C VAL B 54 47.65 1.94 -17.92
N PHE B 55 47.58 1.42 -19.13
CA PHE B 55 46.56 1.78 -20.07
C PHE B 55 45.48 0.70 -20.07
N VAL B 56 44.23 1.10 -19.88
CA VAL B 56 43.12 0.15 -19.90
C VAL B 56 42.09 0.47 -20.97
N SER B 57 41.28 -0.53 -21.27
CA SER B 57 40.16 -0.40 -22.18
C SER B 57 38.94 -1.05 -21.50
N SER B 58 37.82 -1.15 -22.20
CA SER B 58 36.62 -1.72 -21.59
C SER B 58 36.80 -3.19 -21.21
N LYS B 59 37.72 -3.89 -21.90
CA LYS B 59 38.04 -5.27 -21.55
C LYS B 59 38.49 -5.38 -20.09
N ASP B 60 39.22 -4.38 -19.62
CA ASP B 60 39.74 -4.37 -18.24
C ASP B 60 38.67 -4.03 -17.20
N ALA B 61 37.66 -3.28 -17.61
CA ALA B 61 36.56 -2.92 -16.73
C ALA B 61 35.57 -2.05 -17.49
N ASP B 62 34.29 -2.36 -17.37
CA ASP B 62 33.25 -1.49 -17.89
C ASP B 62 33.05 -0.36 -16.89
N LEU B 63 33.46 0.84 -17.26
CA LEU B 63 33.47 1.96 -16.32
C LEU B 63 32.08 2.52 -16.00
N THR B 64 31.07 2.05 -16.69
CA THR B 64 29.70 2.40 -16.32
C THR B 64 29.26 1.64 -15.08
N ASP B 65 29.99 0.57 -14.76
CA ASP B 65 29.72 -0.26 -13.58
C ASP B 65 30.61 0.13 -12.40
N THR B 66 29.97 0.59 -11.32
CA THR B 66 30.67 1.01 -10.11
C THR B 66 31.58 -0.09 -9.56
N ALA B 67 31.03 -1.29 -9.37
CA ALA B 67 31.80 -2.39 -8.78
C ALA B 67 33.08 -2.71 -9.58
N GLN B 68 32.94 -2.80 -10.91
CA GLN B 68 34.08 -3.07 -11.78
C GLN B 68 35.12 -1.97 -11.76
N THR B 69 34.68 -0.71 -11.69
CA THR B 69 35.57 0.43 -11.62
C THR B 69 36.34 0.41 -10.31
N ARG B 70 35.62 0.24 -9.22
CA ARG B 70 36.23 0.15 -7.88
C ARG B 70 37.31 -0.94 -7.84
N ALA B 71 37.01 -2.09 -8.44
CA ALA B 71 37.95 -3.21 -8.45
C ALA B 71 39.20 -2.91 -9.25
N LEU B 72 39.04 -2.23 -10.39
CA LEU B 72 40.18 -1.83 -11.22
C LEU B 72 41.08 -0.90 -10.45
N PHE B 73 40.48 0.07 -9.78
CA PHE B 73 41.22 1.04 -9.00
C PHE B 73 41.89 0.40 -7.79
N GLU B 74 41.23 -0.56 -7.16
CA GLU B 74 41.85 -1.30 -6.05
C GLU B 74 43.09 -2.08 -6.50
N LYS B 75 43.00 -2.71 -7.67
CA LYS B 75 44.12 -3.49 -8.22
C LYS B 75 45.28 -2.58 -8.61
N VAL B 76 45.00 -1.53 -9.37
CA VAL B 76 46.04 -0.69 -9.94
C VAL B 76 46.64 0.30 -8.93
N GLN B 77 45.82 0.78 -8.00
CA GLN B 77 46.21 1.78 -6.99
C GLN B 77 46.86 3.02 -7.61
N PRO B 78 46.18 3.65 -8.59
CA PRO B 78 46.82 4.78 -9.25
C PRO B 78 47.09 5.97 -8.35
N THR B 79 48.21 6.64 -8.60
CA THR B 79 48.52 7.91 -7.94
C THR B 79 48.01 9.05 -8.79
N HIS B 80 47.93 8.78 -10.09
CA HIS B 80 47.50 9.76 -11.07
C HIS B 80 46.56 9.08 -12.06
N VAL B 81 45.61 9.85 -12.58
CA VAL B 81 44.67 9.33 -13.56
C VAL B 81 44.51 10.30 -14.71
N ILE B 82 44.70 9.80 -15.93
CA ILE B 82 44.23 10.49 -17.12
C ILE B 82 42.95 9.78 -17.56
N HIS B 83 41.84 10.51 -17.52
CA HIS B 83 40.53 9.94 -17.79
C HIS B 83 40.03 10.30 -19.20
N LEU B 84 40.17 9.37 -20.13
CA LEU B 84 39.75 9.58 -21.53
C LEU B 84 38.46 8.83 -21.89
N ALA B 85 38.10 7.82 -21.12
CA ALA B 85 36.96 6.99 -21.48
C ALA B 85 35.65 7.80 -21.50
N ALA B 86 34.87 7.59 -22.55
CA ALA B 86 33.55 8.18 -22.69
C ALA B 86 32.74 7.26 -23.57
N MET B 87 31.43 7.23 -23.37
CA MET B 87 30.54 6.54 -24.30
C MET B 87 30.23 7.56 -25.36
N VAL B 88 30.68 7.26 -26.57
CA VAL B 88 30.82 8.28 -27.59
C VAL B 88 30.20 7.88 -28.94
N GLY B 89 30.14 6.57 -29.22
CA GLY B 89 29.51 6.08 -30.44
C GLY B 89 28.14 5.47 -30.17
N GLY B 90 27.16 5.68 -31.05
CA GLY B 90 27.29 6.50 -32.26
C GLY B 90 26.66 7.88 -32.11
N LEU B 91 27.46 8.83 -31.61
CA LEU B 91 27.09 10.25 -31.66
C LEU B 91 27.14 10.75 -33.10
N PHE B 92 26.24 11.66 -33.45
CA PHE B 92 26.15 12.20 -34.82
C PHE B 92 25.31 11.32 -35.77
N ARG B 93 24.83 10.18 -35.31
CA ARG B 93 23.90 9.37 -36.10
C ARG B 93 22.54 10.08 -36.19
N ASN B 94 21.67 9.60 -37.08
CA ASN B 94 20.38 10.26 -37.38
C ASN B 94 19.45 10.41 -36.16
N ILE B 95 18.99 9.29 -35.58
CA ILE B 95 18.19 9.31 -34.35
C ILE B 95 19.08 9.62 -33.14
N LYS B 96 18.59 10.43 -32.20
CA LYS B 96 19.37 10.83 -31.01
C LYS B 96 18.95 10.05 -29.77
N TYR B 97 19.91 9.80 -28.89
CA TYR B 97 19.69 9.02 -27.68
C TYR B 97 20.22 9.80 -26.48
N ASN B 98 19.63 10.96 -26.22
CA ASN B 98 20.21 11.86 -25.23
C ASN B 98 20.20 11.32 -23.80
N LEU B 99 19.23 10.48 -23.45
CA LEU B 99 19.22 9.94 -22.11
C LEU B 99 20.35 8.94 -21.90
N ASP B 100 20.50 8.00 -22.83
CA ASP B 100 21.56 7.01 -22.77
C ASP B 100 22.93 7.70 -22.63
N PHE B 101 23.20 8.69 -23.48
CA PHE B 101 24.47 9.37 -23.43
C PHE B 101 24.65 10.16 -22.14
N TRP B 102 23.60 10.81 -21.68
CA TRP B 102 23.69 11.56 -20.43
C TRP B 102 24.00 10.58 -19.30
N ARG B 103 23.17 9.57 -19.18
CA ARG B 103 23.23 8.70 -18.04
C ARG B 103 24.48 7.82 -18.01
N LYS B 104 24.88 7.25 -19.15
CA LYS B 104 26.06 6.37 -19.11
C LYS B 104 27.32 7.15 -18.87
N ASN B 105 27.41 8.33 -19.46
CA ASN B 105 28.60 9.14 -19.25
C ASN B 105 28.70 9.70 -17.83
N VAL B 106 27.59 10.12 -17.25
CA VAL B 106 27.65 10.62 -15.88
C VAL B 106 28.07 9.50 -14.94
N HIS B 107 27.53 8.31 -15.14
CA HIS B 107 27.93 7.16 -14.34
C HIS B 107 29.41 6.85 -14.46
N MET B 108 29.90 6.87 -15.70
CA MET B 108 31.30 6.60 -15.97
C MET B 108 32.16 7.66 -15.27
N ASN B 109 31.83 8.93 -15.44
CA ASN B 109 32.62 10.00 -14.86
C ASN B 109 32.59 9.98 -13.33
N ASP B 110 31.43 9.68 -12.77
CA ASP B 110 31.31 9.60 -11.31
C ASP B 110 32.08 8.40 -10.77
N ASN B 111 31.98 7.27 -11.45
CA ASN B 111 32.70 6.07 -11.02
C ASN B 111 34.20 6.33 -11.00
N VAL B 112 34.70 6.96 -12.05
CA VAL B 112 36.12 7.20 -12.20
C VAL B 112 36.62 8.24 -11.22
N LEU B 113 35.99 9.42 -11.19
CA LEU B 113 36.47 10.48 -10.31
C LEU B 113 36.37 10.02 -8.86
N HIS B 114 35.29 9.35 -8.52
CA HIS B 114 35.11 8.99 -7.12
C HIS B 114 35.96 7.80 -6.66
N SER B 115 36.24 6.86 -7.55
CA SER B 115 37.21 5.80 -7.27
C SER B 115 38.60 6.41 -7.10
N ALA B 116 38.95 7.35 -7.97
CA ALA B 116 40.22 8.05 -7.85
C ALA B 116 40.31 8.74 -6.48
N PHE B 117 39.25 9.43 -6.10
CA PHE B 117 39.17 10.04 -4.78
C PHE B 117 39.35 9.00 -3.68
N GLU B 118 38.68 7.86 -3.82
CA GLU B 118 38.71 6.83 -2.77
C GLU B 118 40.10 6.24 -2.56
N VAL B 119 40.81 5.93 -3.65
CA VAL B 119 42.17 5.38 -3.58
C VAL B 119 43.18 6.45 -3.16
N GLY B 120 42.79 7.72 -3.21
CA GLY B 120 43.66 8.81 -2.76
C GLY B 120 44.57 9.29 -3.86
N ALA B 121 44.13 9.19 -5.10
CA ALA B 121 44.90 9.68 -6.23
C ALA B 121 45.23 11.15 -6.04
N ARG B 122 46.43 11.53 -6.44
CA ARG B 122 46.98 12.87 -6.22
C ARG B 122 46.36 13.83 -7.24
N LYS B 123 46.09 13.32 -8.43
CA LYS B 123 45.66 14.15 -9.55
C LYS B 123 44.88 13.36 -10.58
N VAL B 124 43.84 13.99 -11.12
CA VAL B 124 43.07 13.40 -12.21
C VAL B 124 42.94 14.46 -13.28
N VAL B 125 43.11 14.06 -14.53
CA VAL B 125 42.92 14.94 -15.65
C VAL B 125 41.92 14.29 -16.58
N SER B 126 40.78 14.96 -16.76
CA SER B 126 39.74 14.43 -17.60
C SER B 126 39.73 15.18 -18.91
N CYS B 127 39.00 14.64 -19.87
CA CYS B 127 38.97 15.17 -21.20
C CYS B 127 37.57 15.72 -21.47
N LEU B 128 37.49 17.00 -21.75
CA LEU B 128 36.24 17.65 -22.14
C LEU B 128 36.27 17.84 -23.66
N SER B 129 35.29 18.53 -24.20
CA SER B 129 35.13 18.65 -25.64
C SER B 129 34.57 20.03 -25.94
N THR B 130 34.74 20.54 -27.15
CA THR B 130 34.18 21.83 -27.49
C THR B 130 32.65 21.83 -27.57
N CYS B 131 32.04 20.64 -27.65
CA CYS B 131 30.58 20.53 -27.60
C CYS B 131 29.96 21.02 -26.27
N ILE B 132 30.76 21.14 -25.22
CA ILE B 132 30.27 21.69 -23.95
C ILE B 132 30.01 23.19 -23.97
N PHE B 133 30.55 23.90 -24.95
CA PHE B 133 30.44 25.36 -24.95
C PHE B 133 29.04 25.81 -25.30
N PRO B 134 28.66 27.01 -24.86
CA PRO B 134 27.32 27.50 -25.14
C PRO B 134 27.06 27.68 -26.63
N ASP B 135 25.82 27.40 -27.04
CA ASP B 135 25.38 27.54 -28.42
C ASP B 135 25.49 28.98 -28.89
N LYS B 136 24.92 29.90 -28.12
CA LYS B 136 25.01 31.32 -28.38
C LYS B 136 26.17 31.89 -27.55
N THR B 137 27.26 32.27 -28.21
CA THR B 137 28.45 32.76 -27.51
C THR B 137 29.24 33.71 -28.41
N THR B 138 30.04 34.58 -27.80
CA THR B 138 31.00 35.38 -28.55
C THR B 138 32.19 34.49 -28.89
N TYR B 139 33.05 34.98 -29.78
CA TYR B 139 34.24 34.22 -30.17
C TYR B 139 35.48 35.10 -30.07
N PRO B 140 36.64 34.48 -29.80
CA PRO B 140 36.82 33.06 -29.53
C PRO B 140 36.34 32.72 -28.14
N ILE B 141 36.22 31.42 -27.87
CA ILE B 141 35.74 30.95 -26.59
C ILE B 141 36.93 30.56 -25.73
N ASP B 142 36.89 30.93 -24.45
CA ASP B 142 37.92 30.52 -23.50
C ASP B 142 37.33 29.75 -22.32
N GLU B 143 38.22 29.31 -21.42
CA GLU B 143 37.88 28.37 -20.36
C GLU B 143 36.93 28.95 -19.32
N THR B 144 36.76 30.26 -19.33
CA THR B 144 35.82 30.95 -18.45
C THR B 144 34.37 30.86 -18.90
N MET B 145 34.15 30.58 -20.19
CA MET B 145 32.83 30.72 -20.80
C MET B 145 32.05 29.39 -20.89
N ILE B 146 32.72 28.32 -20.51
CA ILE B 146 32.17 26.97 -20.45
C ILE B 146 30.71 26.86 -19.97
N HIS B 147 30.33 27.62 -18.93
CA HIS B 147 28.97 27.54 -18.36
C HIS B 147 28.06 28.75 -18.68
N ASN B 148 28.45 29.58 -19.64
CA ASN B 148 27.72 30.83 -19.92
C ASN B 148 26.58 30.66 -20.91
N GLY B 149 25.70 29.71 -20.64
CA GLY B 149 24.55 29.46 -21.50
C GLY B 149 24.50 28.02 -21.98
N PRO B 150 23.32 27.56 -22.38
CA PRO B 150 23.14 26.16 -22.69
C PRO B 150 23.93 25.71 -23.92
N PRO B 151 24.27 24.42 -23.98
CA PRO B 151 24.94 23.89 -25.15
C PRO B 151 23.94 23.64 -26.27
N HIS B 152 24.45 23.30 -27.45
CA HIS B 152 23.60 23.02 -28.60
C HIS B 152 22.65 21.84 -28.28
N ASN B 153 21.38 21.98 -28.65
CA ASN B 153 20.36 20.98 -28.35
C ASN B 153 20.53 19.63 -29.04
N SER B 154 21.25 19.57 -30.15
CA SER B 154 21.39 18.32 -30.88
C SER B 154 21.77 17.19 -29.93
N ASN B 155 22.89 17.37 -29.22
CA ASN B 155 23.37 16.34 -28.28
C ASN B 155 23.59 16.89 -26.87
N PHE B 156 22.54 17.50 -26.31
CA PHE B 156 22.62 18.10 -24.98
C PHE B 156 23.01 17.12 -23.87
N GLY B 157 22.48 15.89 -23.93
CA GLY B 157 22.80 14.86 -22.94
C GLY B 157 24.30 14.66 -22.80
N TYR B 158 24.98 14.42 -23.92
CA TYR B 158 26.42 14.22 -23.93
C TYR B 158 27.16 15.45 -23.41
N SER B 159 26.76 16.62 -23.91
CA SER B 159 27.37 17.89 -23.54
C SER B 159 27.27 18.19 -22.06
N TYR B 160 26.08 18.02 -21.50
CA TYR B 160 25.90 18.31 -20.10
C TYR B 160 26.67 17.32 -19.22
N ALA B 161 26.75 16.07 -19.64
CA ALA B 161 27.54 15.08 -18.90
C ALA B 161 29.00 15.48 -18.80
N LYS B 162 29.56 16.00 -19.89
CA LYS B 162 30.93 16.49 -19.89
C LYS B 162 31.08 17.72 -19.02
N ARG B 163 30.15 18.68 -19.16
CA ARG B 163 30.18 19.88 -18.33
C ARG B 163 30.22 19.55 -16.86
N MET B 164 29.50 18.51 -16.46
CA MET B 164 29.45 18.14 -15.05
C MET B 164 30.79 17.59 -14.51
N ILE B 165 31.71 17.20 -15.40
CA ILE B 165 33.04 16.84 -14.96
C ILE B 165 33.69 18.07 -14.34
N ASP B 166 33.56 19.22 -14.99
CA ASP B 166 34.06 20.47 -14.42
C ASP B 166 33.46 20.72 -13.05
N VAL B 167 32.15 20.54 -12.90
CA VAL B 167 31.48 20.77 -11.61
C VAL B 167 31.98 19.79 -10.53
N GLN B 168 32.19 18.53 -10.89
CA GLN B 168 32.77 17.56 -9.95
C GLN B 168 34.17 17.97 -9.52
N ASN B 169 35.02 18.28 -10.50
CA ASN B 169 36.37 18.74 -10.21
C ASN B 169 36.33 19.89 -9.19
N ARG B 170 35.49 20.89 -9.46
CA ARG B 170 35.42 22.07 -8.60
C ARG B 170 34.96 21.71 -7.19
N ALA B 171 34.05 20.75 -7.09
CA ALA B 171 33.50 20.34 -5.81
C ALA B 171 34.51 19.53 -4.98
N TYR B 172 35.13 18.54 -5.62
CA TYR B 172 36.22 17.79 -4.98
C TYR B 172 37.32 18.74 -4.46
N PHE B 173 37.70 19.72 -5.28
CA PHE B 173 38.70 20.69 -4.84
C PHE B 173 38.22 21.45 -3.62
N GLN B 174 37.06 22.07 -3.71
CA GLN B 174 36.54 22.92 -2.64
C GLN B 174 36.36 22.18 -1.32
N GLN B 175 35.75 21.02 -1.34
CA GLN B 175 35.42 20.34 -0.10
C GLN B 175 36.58 19.49 0.40
N TYR B 176 37.22 18.75 -0.50
CA TYR B 176 38.19 17.73 -0.10
C TYR B 176 39.65 18.07 -0.39
N GLY B 177 39.89 19.13 -1.15
CA GLY B 177 41.25 19.55 -1.48
C GLY B 177 41.91 18.79 -2.62
N CYS B 178 41.15 18.00 -3.38
CA CYS B 178 41.72 17.25 -4.49
C CYS B 178 42.04 18.14 -5.68
N THR B 179 43.10 17.77 -6.41
CA THR B 179 43.48 18.46 -7.62
C THR B 179 42.96 17.68 -8.83
N PHE B 180 41.66 17.78 -9.07
CA PHE B 180 41.08 17.18 -10.28
C PHE B 180 40.86 18.33 -11.26
N THR B 181 41.31 18.13 -12.50
CA THR B 181 41.20 19.16 -13.52
C THR B 181 40.82 18.53 -14.85
N ALA B 182 40.87 19.30 -15.93
CA ALA B 182 40.53 18.77 -17.26
C ALA B 182 41.16 19.56 -18.38
N VAL B 183 41.27 18.91 -19.54
CA VAL B 183 41.73 19.55 -20.76
C VAL B 183 40.61 19.57 -21.79
N ILE B 184 40.66 20.52 -22.72
CA ILE B 184 39.65 20.67 -23.75
C ILE B 184 40.30 20.67 -25.12
N PRO B 185 40.43 19.49 -25.74
CA PRO B 185 40.96 19.47 -27.09
C PRO B 185 39.95 20.01 -28.08
N THR B 186 40.43 20.54 -29.19
CA THR B 186 39.58 20.83 -30.33
C THR B 186 39.43 19.53 -31.14
N ASN B 187 39.36 19.60 -32.46
CA ASN B 187 39.09 18.40 -33.27
C ASN B 187 40.34 17.55 -33.43
N VAL B 188 40.30 16.34 -32.88
CA VAL B 188 41.48 15.48 -32.85
C VAL B 188 41.44 14.52 -34.03
N PHE B 189 42.61 14.25 -34.60
CA PHE B 189 42.77 13.25 -35.66
C PHE B 189 44.14 12.58 -35.53
N GLY B 190 44.25 11.38 -36.09
CA GLY B 190 45.53 10.66 -36.11
C GLY B 190 45.38 9.15 -36.26
N PRO B 191 46.47 8.41 -36.08
CA PRO B 191 46.42 6.95 -36.03
C PRO B 191 45.40 6.43 -35.02
N HIS B 192 44.78 5.29 -35.34
CA HIS B 192 43.83 4.59 -34.48
C HIS B 192 42.52 5.35 -34.25
N ASP B 193 42.23 6.29 -35.14
CA ASP B 193 40.95 7.01 -35.09
C ASP B 193 39.86 6.04 -35.49
N ASN B 194 38.61 6.48 -35.37
CA ASN B 194 37.48 5.78 -35.97
C ASN B 194 37.21 6.39 -37.34
N PHE B 195 37.48 5.60 -38.39
CA PHE B 195 37.38 6.07 -39.78
C PHE B 195 36.05 5.70 -40.44
N ASN B 196 35.08 5.25 -39.65
CA ASN B 196 33.74 4.98 -40.17
C ASN B 196 33.14 6.25 -40.77
N ILE B 197 32.58 6.12 -41.96
CA ILE B 197 32.10 7.28 -42.73
C ILE B 197 30.76 7.83 -42.23
N GLU B 198 29.86 6.94 -41.82
CA GLU B 198 28.55 7.37 -41.32
C GLU B 198 28.65 7.94 -39.89
N ASP B 199 29.48 7.32 -39.05
CA ASP B 199 29.53 7.64 -37.62
C ASP B 199 30.74 8.49 -37.19
N GLY B 200 31.84 8.43 -37.92
CA GLY B 200 33.09 9.09 -37.51
C GLY B 200 33.14 10.59 -37.74
N HIS B 201 34.22 11.21 -37.27
CA HIS B 201 34.45 12.64 -37.48
C HIS B 201 34.79 12.92 -38.94
N VAL B 202 34.78 14.20 -39.32
CA VAL B 202 34.95 14.57 -40.73
C VAL B 202 36.32 14.19 -41.28
N LEU B 203 37.38 14.47 -40.53
CA LEU B 203 38.74 14.28 -41.05
C LEU B 203 39.11 12.82 -41.26
N PRO B 204 38.93 11.95 -40.24
CA PRO B 204 39.13 10.53 -40.55
C PRO B 204 38.12 9.98 -41.57
N GLY B 205 36.91 10.53 -41.57
CA GLY B 205 35.91 10.18 -42.57
C GLY B 205 36.36 10.52 -43.98
N LEU B 206 36.95 11.70 -44.16
CA LEU B 206 37.49 12.12 -45.46
C LEU B 206 38.60 11.19 -45.93
N ILE B 207 39.48 10.82 -45.01
CA ILE B 207 40.59 9.91 -45.34
C ILE B 207 40.03 8.61 -45.88
N HIS B 208 39.00 8.06 -45.22
CA HIS B 208 38.36 6.83 -45.68
C HIS B 208 37.66 7.05 -47.02
N LYS B 209 36.94 8.17 -47.15
CA LYS B 209 36.27 8.51 -48.42
C LYS B 209 37.21 8.59 -49.61
N VAL B 210 38.37 9.23 -49.42
CA VAL B 210 39.38 9.34 -50.48
C VAL B 210 39.97 7.97 -50.81
N HIS B 211 40.23 7.16 -49.79
CA HIS B 211 40.70 5.80 -49.99
C HIS B 211 39.73 4.98 -50.84
N LEU B 212 38.43 5.10 -50.55
CA LEU B 212 37.39 4.41 -51.34
C LEU B 212 37.27 4.97 -52.76
N ALA B 213 37.50 6.27 -52.93
CA ALA B 213 37.48 6.88 -54.26
C ALA B 213 38.57 6.33 -55.19
N LYS B 214 39.77 6.09 -54.64
CA LYS B 214 40.84 5.42 -55.39
C LYS B 214 40.52 3.95 -55.69
N SER B 215 40.13 3.20 -54.66
CA SER B 215 39.79 1.78 -54.79
C SER B 215 38.55 1.52 -55.68
N SER B 216 37.64 2.48 -55.71
CA SER B 216 36.43 2.40 -56.56
C SER B 216 36.62 3.11 -57.90
N GLY B 217 37.60 4.01 -57.99
CA GLY B 217 37.75 4.88 -59.15
C GLY B 217 36.67 5.94 -59.25
N SER B 218 35.97 6.20 -58.14
CA SER B 218 34.88 7.17 -58.11
C SER B 218 35.40 8.59 -57.89
N ALA B 219 34.49 9.54 -57.68
CA ALA B 219 34.83 10.90 -57.29
C ALA B 219 34.58 11.10 -55.80
N LEU B 220 35.20 12.11 -55.22
CA LEU B 220 35.01 12.43 -53.80
C LEU B 220 33.81 13.34 -53.61
N THR B 221 32.85 12.90 -52.80
CA THR B 221 31.68 13.70 -52.47
C THR B 221 31.78 14.15 -51.00
N VAL B 222 32.08 15.43 -50.80
CA VAL B 222 32.14 16.02 -49.46
C VAL B 222 30.74 16.53 -49.08
N TRP B 223 30.28 16.18 -47.89
CA TRP B 223 28.98 16.63 -47.40
C TRP B 223 29.02 18.13 -47.09
N GLY B 224 28.11 18.89 -47.70
CA GLY B 224 27.99 20.31 -47.42
C GLY B 224 28.84 21.22 -48.28
N THR B 225 28.96 22.47 -47.84
CA THR B 225 29.61 23.53 -48.61
C THR B 225 31.14 23.53 -48.52
N GLY B 226 31.70 22.91 -47.48
CA GLY B 226 33.14 22.97 -47.22
C GLY B 226 33.58 24.26 -46.53
N ASN B 227 32.61 25.10 -46.17
CA ASN B 227 32.86 26.40 -45.55
C ASN B 227 33.10 26.40 -44.04
N PRO B 228 32.51 25.45 -43.29
CA PRO B 228 32.75 25.44 -41.85
C PRO B 228 34.24 25.36 -41.50
N ARG B 229 34.65 26.14 -40.50
CA ARG B 229 36.05 26.26 -40.12
C ARG B 229 36.27 25.53 -38.79
N ARG B 230 37.39 24.80 -38.69
CA ARG B 230 37.68 23.98 -37.51
C ARG B 230 39.15 24.08 -37.11
N GLN B 231 39.40 24.01 -35.80
CA GLN B 231 40.74 23.86 -35.27
C GLN B 231 41.05 22.37 -35.11
N PHE B 232 42.05 21.89 -35.83
CA PHE B 232 42.45 20.48 -35.75
C PHE B 232 43.72 20.34 -34.92
N ILE B 233 43.84 19.20 -34.24
CA ILE B 233 45.01 18.90 -33.42
C ILE B 233 45.39 17.44 -33.60
N TYR B 234 46.67 17.21 -33.89
CA TYR B 234 47.19 15.88 -34.13
C TYR B 234 47.23 15.12 -32.81
N SER B 235 46.81 13.87 -32.83
CA SER B 235 46.73 13.10 -31.59
C SER B 235 48.09 13.06 -30.88
N LEU B 236 49.17 12.97 -31.65
CA LEU B 236 50.53 12.94 -31.09
C LEU B 236 50.92 14.25 -30.40
N ASP B 237 50.51 15.39 -30.97
CA ASP B 237 50.73 16.69 -30.32
C ASP B 237 49.93 16.76 -29.03
N LEU B 238 48.69 16.30 -29.07
CA LEU B 238 47.83 16.33 -27.91
C LEU B 238 48.41 15.48 -26.80
N ALA B 239 48.88 14.29 -27.14
CA ALA B 239 49.49 13.39 -26.17
C ALA B 239 50.62 14.07 -25.39
N GLN B 240 51.50 14.76 -26.10
CA GLN B 240 52.59 15.49 -25.47
C GLN B 240 52.05 16.52 -24.47
N LEU B 241 51.04 17.27 -24.89
CA LEU B 241 50.46 18.30 -24.01
C LEU B 241 49.75 17.67 -22.81
N PHE B 242 49.23 16.46 -23.01
CA PHE B 242 48.50 15.76 -21.96
C PHE B 242 49.44 15.35 -20.85
N ILE B 243 50.59 14.79 -21.24
CA ILE B 243 51.59 14.39 -20.26
C ILE B 243 52.10 15.62 -19.50
N TRP B 244 52.27 16.72 -20.21
CA TRP B 244 52.72 17.96 -19.56
C TRP B 244 51.69 18.41 -18.53
N VAL B 245 50.42 18.49 -18.95
CA VAL B 245 49.34 18.89 -18.04
C VAL B 245 49.36 18.03 -16.79
N LEU B 246 49.49 16.71 -16.97
CA LEU B 246 49.51 15.80 -15.84
C LEU B 246 50.61 16.18 -14.86
N ARG B 247 51.80 16.45 -15.40
CA ARG B 247 52.96 16.77 -14.58
C ARG B 247 52.98 18.18 -14.00
N GLU B 248 52.51 19.18 -14.75
CA GLU B 248 52.83 20.58 -14.43
C GLU B 248 51.64 21.52 -14.19
N TYR B 249 50.46 21.19 -14.73
CA TYR B 249 49.29 22.08 -14.65
C TYR B 249 48.49 21.80 -13.38
N ASN B 250 48.25 22.83 -12.56
CA ASN B 250 47.60 22.64 -11.27
C ASN B 250 46.33 23.47 -11.00
N GLU B 251 45.81 24.14 -12.02
CA GLU B 251 44.54 24.84 -11.88
C GLU B 251 43.42 23.78 -11.89
N VAL B 252 42.37 24.03 -11.11
CA VAL B 252 41.15 23.25 -11.25
C VAL B 252 40.43 23.59 -12.57
N GLU B 253 40.42 24.87 -12.91
CA GLU B 253 39.81 25.32 -14.15
C GLU B 253 40.46 24.58 -15.32
N PRO B 254 39.67 24.19 -16.33
CA PRO B 254 40.27 23.44 -17.43
C PRO B 254 41.18 24.27 -18.28
N ILE B 255 41.83 23.62 -19.24
CA ILE B 255 42.75 24.29 -20.16
C ILE B 255 42.53 23.76 -21.58
N ILE B 256 42.35 24.68 -22.52
CA ILE B 256 42.15 24.34 -23.91
C ILE B 256 43.46 23.94 -24.55
N LEU B 257 43.48 22.79 -25.22
CA LEU B 257 44.65 22.32 -25.94
C LEU B 257 44.34 22.38 -27.42
N SER B 258 44.91 23.38 -28.09
CA SER B 258 44.55 23.67 -29.46
C SER B 258 45.50 24.64 -30.12
N VAL B 259 45.56 24.54 -31.45
CA VAL B 259 46.22 25.57 -32.26
C VAL B 259 45.42 26.86 -32.12
N GLY B 260 46.02 27.99 -32.47
CA GLY B 260 45.38 29.28 -32.29
C GLY B 260 44.22 29.55 -33.25
N GLU B 261 43.44 30.58 -32.93
CA GLU B 261 42.39 31.09 -33.82
C GLU B 261 42.87 31.31 -35.27
N GLU B 262 44.11 31.76 -35.41
CA GLU B 262 44.70 32.00 -36.72
C GLU B 262 45.06 30.74 -37.52
N ASP B 263 45.02 29.57 -36.89
CA ASP B 263 45.31 28.30 -37.58
C ASP B 263 44.06 27.44 -37.77
N GLU B 264 42.90 28.08 -37.72
CA GLU B 264 41.64 27.45 -38.10
C GLU B 264 41.71 27.14 -39.59
N VAL B 265 41.13 26.04 -40.02
CA VAL B 265 41.03 25.72 -41.46
C VAL B 265 39.63 25.21 -41.83
N SER B 266 39.20 25.50 -43.05
CA SER B 266 37.88 25.10 -43.53
C SER B 266 37.86 23.62 -43.88
N ILE B 267 36.66 23.05 -43.92
CA ILE B 267 36.48 21.66 -44.35
C ILE B 267 37.05 21.48 -45.77
N LYS B 268 36.86 22.49 -46.62
CA LYS B 268 37.46 22.47 -47.98
C LYS B 268 38.98 22.33 -47.91
N GLU B 269 39.62 23.21 -47.15
CA GLU B 269 41.08 23.17 -46.98
C GLU B 269 41.56 21.83 -46.41
N ALA B 270 40.76 21.25 -45.52
CA ALA B 270 41.07 19.95 -44.92
C ALA B 270 41.02 18.84 -45.98
N ALA B 271 39.97 18.84 -46.79
CA ALA B 271 39.84 17.88 -47.88
C ALA B 271 40.98 18.00 -48.88
N GLU B 272 41.40 19.23 -49.17
CA GLU B 272 42.55 19.46 -50.04
C GLU B 272 43.83 18.85 -49.48
N ALA B 273 44.01 18.95 -48.16
CA ALA B 273 45.19 18.37 -47.51
C ALA B 273 45.19 16.85 -47.64
N VAL B 274 44.02 16.24 -47.57
CA VAL B 274 43.90 14.79 -47.75
C VAL B 274 44.14 14.39 -49.20
N VAL B 275 43.47 15.08 -50.13
CA VAL B 275 43.61 14.81 -51.56
C VAL B 275 45.08 14.83 -51.95
N GLU B 276 45.79 15.88 -51.58
CA GLU B 276 47.23 15.98 -51.85
C GLU B 276 47.99 14.81 -51.22
N ALA B 277 47.78 14.58 -49.94
CA ALA B 277 48.53 13.56 -49.20
C ALA B 277 48.33 12.15 -49.75
N MET B 278 47.10 11.82 -50.14
CA MET B 278 46.80 10.48 -50.70
C MET B 278 47.04 10.41 -52.21
N ASP B 279 47.55 11.49 -52.80
CA ASP B 279 47.82 11.57 -54.23
C ASP B 279 46.58 11.13 -55.02
N PHE B 280 45.51 11.90 -54.88
CA PHE B 280 44.24 11.62 -55.52
C PHE B 280 43.99 12.60 -56.66
N HIS B 281 43.62 12.06 -57.82
CA HIS B 281 43.45 12.87 -59.04
C HIS B 281 42.02 12.87 -59.58
N GLY B 282 41.08 12.25 -58.86
CA GLY B 282 39.67 12.28 -59.23
C GLY B 282 39.02 13.62 -58.92
N GLU B 283 37.76 13.76 -59.30
CA GLU B 283 37.02 15.01 -59.06
C GLU B 283 36.66 15.14 -57.58
N VAL B 284 36.54 16.38 -57.11
CA VAL B 284 36.11 16.68 -55.75
C VAL B 284 34.86 17.55 -55.84
N THR B 285 33.71 17.01 -55.45
CA THR B 285 32.44 17.75 -55.46
C THR B 285 31.93 17.99 -54.04
N PHE B 286 31.24 19.12 -53.84
CA PHE B 286 30.70 19.49 -52.52
C PHE B 286 29.17 19.45 -52.54
N ASP B 287 28.60 18.35 -52.03
CA ASP B 287 27.15 18.13 -52.05
C ASP B 287 26.42 19.06 -51.08
N THR B 288 25.89 20.16 -51.62
CA THR B 288 25.18 21.17 -50.82
C THR B 288 23.79 20.71 -50.37
N THR B 289 23.33 19.55 -50.84
CA THR B 289 22.05 18.98 -50.42
C THR B 289 22.08 18.57 -48.94
N LYS B 290 23.17 17.95 -48.50
CA LYS B 290 23.39 17.68 -47.08
C LYS B 290 23.68 18.98 -46.35
N SER B 291 23.14 19.10 -45.13
CA SER B 291 23.27 20.33 -44.34
C SER B 291 24.67 20.55 -43.77
N ASP B 292 25.10 21.80 -43.73
CA ASP B 292 26.31 22.20 -43.01
C ASP B 292 26.03 22.17 -41.50
N GLY B 293 27.04 21.80 -40.71
CA GLY B 293 26.97 21.89 -39.25
C GLY B 293 27.16 23.32 -38.79
N GLN B 294 27.69 23.49 -37.58
CA GLN B 294 28.02 24.83 -37.06
C GLN B 294 29.16 25.43 -37.90
N PHE B 295 29.08 26.71 -38.21
CA PHE B 295 30.11 27.36 -39.02
C PHE B 295 31.46 27.39 -38.30
N LYS B 296 31.44 27.78 -37.03
CA LYS B 296 32.65 27.88 -36.20
C LYS B 296 32.43 27.37 -34.78
N LYS B 297 33.51 26.92 -34.15
CA LYS B 297 33.50 26.63 -32.71
C LYS B 297 34.81 27.13 -32.11
N THR B 298 35.23 28.33 -32.53
CA THR B 298 36.60 28.80 -32.34
C THR B 298 37.04 28.99 -30.88
N ALA B 299 38.12 28.31 -30.53
CA ALA B 299 38.63 28.32 -29.17
C ALA B 299 39.94 29.10 -29.06
N SER B 300 40.11 29.84 -27.98
CA SER B 300 41.36 30.55 -27.69
C SER B 300 42.32 29.62 -26.94
N ASN B 301 43.57 29.61 -27.36
CA ASN B 301 44.61 28.90 -26.63
C ASN B 301 45.53 29.87 -25.87
N SER B 302 45.02 31.08 -25.60
CA SER B 302 45.80 32.08 -24.86
C SER B 302 46.45 31.45 -23.62
N LYS B 303 45.68 30.72 -22.81
CA LYS B 303 46.19 30.13 -21.56
C LYS B 303 47.36 29.18 -21.82
N LEU B 304 47.17 28.27 -22.77
CA LEU B 304 48.23 27.35 -23.15
C LEU B 304 49.50 28.10 -23.54
N ARG B 305 49.32 29.24 -24.21
CA ARG B 305 50.46 30.04 -24.63
C ARG B 305 51.19 30.71 -23.47
N THR B 306 50.49 31.01 -22.37
CA THR B 306 51.15 31.57 -21.19
C THR B 306 52.04 30.52 -20.51
N TYR B 307 51.67 29.25 -20.61
CA TYR B 307 52.43 28.16 -20.00
C TYR B 307 53.53 27.62 -20.91
N LEU B 308 53.23 27.52 -22.21
CA LEU B 308 54.16 26.92 -23.16
C LEU B 308 54.27 27.77 -24.42
N PRO B 309 54.96 28.92 -24.31
CA PRO B 309 55.01 29.85 -25.44
C PRO B 309 55.75 29.28 -26.64
N ASP B 310 56.77 28.46 -26.40
CA ASP B 310 57.65 27.96 -27.45
C ASP B 310 57.25 26.58 -28.02
N PHE B 311 56.17 26.00 -27.53
CA PHE B 311 55.69 24.71 -28.02
C PHE B 311 55.29 24.77 -29.49
N ARG B 312 55.93 23.95 -30.32
CA ARG B 312 55.66 23.92 -31.75
C ARG B 312 54.75 22.74 -32.13
N PHE B 313 53.57 23.03 -32.68
CA PHE B 313 52.69 21.99 -33.20
C PHE B 313 53.25 21.38 -34.49
N THR B 314 52.94 20.11 -34.73
CA THR B 314 53.23 19.49 -36.02
C THR B 314 52.46 20.25 -37.10
N PRO B 315 53.12 20.59 -38.22
CA PRO B 315 52.38 21.26 -39.30
C PRO B 315 51.25 20.39 -39.83
N PHE B 316 50.13 21.04 -40.15
CA PHE B 316 48.90 20.34 -40.51
C PHE B 316 49.09 19.32 -41.63
N LYS B 317 49.62 19.76 -42.77
CA LYS B 317 49.76 18.88 -43.94
C LYS B 317 50.62 17.64 -43.63
N GLN B 318 51.62 17.80 -42.77
CA GLN B 318 52.46 16.68 -42.37
C GLN B 318 51.69 15.69 -41.51
N ALA B 319 50.93 16.21 -40.54
CA ALA B 319 50.14 15.38 -39.64
C ALA B 319 49.11 14.58 -40.43
N VAL B 320 48.50 15.21 -41.42
CA VAL B 320 47.54 14.54 -42.29
C VAL B 320 48.22 13.43 -43.10
N LYS B 321 49.38 13.73 -43.69
CA LYS B 321 50.13 12.74 -44.47
C LYS B 321 50.42 11.51 -43.63
N GLU B 322 50.93 11.72 -42.41
CA GLU B 322 51.28 10.62 -41.52
C GLU B 322 50.04 9.78 -41.21
N THR B 323 48.91 10.46 -40.98
CA THR B 323 47.67 9.77 -40.66
C THR B 323 47.17 8.97 -41.87
N CYS B 324 47.18 9.62 -43.03
CA CYS B 324 46.82 8.95 -44.28
C CYS B 324 47.73 7.74 -44.51
N ALA B 325 49.03 7.93 -44.30
CA ALA B 325 49.99 6.85 -44.44
C ALA B 325 49.67 5.70 -43.48
N TRP B 326 49.33 6.01 -42.23
CA TRP B 326 48.98 4.97 -41.27
C TRP B 326 47.72 4.20 -41.69
N PHE B 327 46.70 4.92 -42.14
CA PHE B 327 45.45 4.31 -42.56
C PHE B 327 45.64 3.35 -43.72
N THR B 328 46.39 3.80 -44.73
CA THR B 328 46.70 2.97 -45.89
C THR B 328 47.47 1.70 -45.48
N ASP B 329 48.47 1.88 -44.63
CA ASP B 329 49.31 0.74 -44.18
C ASP B 329 48.60 -0.22 -43.23
N ASN B 330 47.51 0.21 -42.60
CA ASN B 330 46.79 -0.61 -41.62
C ASN B 330 45.30 -0.72 -41.93
N TYR B 331 44.94 -0.56 -43.19
CA TYR B 331 43.54 -0.55 -43.60
C TYR B 331 42.73 -1.69 -42.98
N GLU B 332 43.23 -2.92 -43.12
CA GLU B 332 42.50 -4.11 -42.66
C GLU B 332 42.26 -4.09 -41.14
N GLN B 333 43.26 -3.67 -40.37
CA GLN B 333 43.16 -3.64 -38.91
C GLN B 333 42.49 -2.37 -38.35
N ALA B 334 42.30 -1.35 -39.20
CA ALA B 334 41.73 -0.06 -38.76
C ALA B 334 40.23 -0.11 -38.54
N ARG B 335 39.70 0.91 -37.86
CA ARG B 335 38.26 1.10 -37.64
C ARG B 335 37.60 1.86 -38.78
N VAL C 11 5.61 -8.58 28.39
CA VAL C 11 5.43 -9.14 27.02
C VAL C 11 6.51 -8.62 26.07
N ASP C 12 7.35 -9.54 25.60
CA ASP C 12 8.34 -9.20 24.59
C ASP C 12 7.61 -9.10 23.25
N LEU C 13 7.53 -7.88 22.72
CA LEU C 13 7.03 -7.64 21.36
C LEU C 13 8.21 -7.39 20.41
N GLY C 14 9.38 -7.88 20.80
CA GLY C 14 10.53 -7.92 19.94
C GLY C 14 10.79 -9.38 19.60
N THR C 15 11.95 -9.65 19.01
CA THR C 15 12.30 -11.03 18.68
C THR C 15 13.81 -11.19 18.67
N GLU C 16 14.27 -12.39 19.02
CA GLU C 16 15.69 -12.71 18.94
C GLU C 16 16.04 -13.26 17.54
N ASN C 17 15.02 -13.51 16.71
CA ASN C 17 15.24 -13.96 15.32
C ASN C 17 16.05 -12.94 14.52
N LEU C 18 16.89 -13.43 13.62
CA LEU C 18 17.71 -12.56 12.79
C LEU C 18 17.09 -12.29 11.43
N TYR C 19 16.18 -13.16 10.98
CA TYR C 19 15.54 -13.00 9.68
C TYR C 19 14.05 -12.76 9.84
N PHE C 20 13.44 -12.15 8.83
CA PHE C 20 12.05 -11.69 8.91
C PHE C 20 11.28 -12.00 7.64
N GLN C 21 10.02 -12.34 7.81
CA GLN C 21 9.12 -12.54 6.69
C GLN C 21 8.36 -11.26 6.35
N SER C 22 8.10 -11.07 5.06
CA SER C 22 7.28 -9.97 4.58
C SER C 22 5.83 -10.24 4.97
N MET C 23 5.28 -9.42 5.84
CA MET C 23 3.91 -9.59 6.33
C MET C 23 3.13 -8.32 6.01
N ARG C 24 1.90 -8.50 5.54
CA ARG C 24 0.99 -7.39 5.33
C ARG C 24 -0.18 -7.62 6.26
N ILE C 25 -0.35 -6.72 7.23
CA ILE C 25 -1.34 -6.90 8.31
C ILE C 25 -2.45 -5.88 8.17
N LEU C 26 -3.63 -6.36 7.79
CA LEU C 26 -4.81 -5.51 7.66
C LEU C 26 -5.57 -5.49 9.00
N VAL C 27 -5.88 -4.31 9.48
CA VAL C 27 -6.64 -4.16 10.71
C VAL C 27 -7.96 -3.44 10.40
N THR C 28 -9.07 -4.20 10.38
CA THR C 28 -10.38 -3.60 10.22
C THR C 28 -10.79 -2.94 11.53
N GLY C 29 -11.62 -1.93 11.44
CA GLY C 29 -12.03 -1.19 12.62
C GLY C 29 -10.85 -0.50 13.25
N GLY C 30 -9.91 -0.10 12.41
CA GLY C 30 -8.65 0.51 12.86
C GLY C 30 -8.81 1.89 13.46
N SER C 31 -9.93 2.56 13.16
CA SER C 31 -10.19 3.93 13.63
C SER C 31 -10.87 3.99 14.99
N GLY C 32 -11.23 2.83 15.56
CA GLY C 32 -11.93 2.80 16.84
C GLY C 32 -11.03 2.84 18.06
N LEU C 33 -11.63 2.58 19.23
CA LEU C 33 -10.93 2.48 20.51
C LEU C 33 -9.78 1.48 20.50
N VAL C 34 -10.07 0.24 20.10
CA VAL C 34 -9.08 -0.82 20.12
C VAL C 34 -8.06 -0.61 18.99
N GLY C 35 -8.56 -0.27 17.80
CA GLY C 35 -7.69 -0.04 16.64
C GLY C 35 -6.69 1.07 16.85
N LYS C 36 -7.14 2.19 17.42
CA LYS C 36 -6.27 3.32 17.67
C LYS C 36 -5.17 2.96 18.69
N ALA C 37 -5.47 2.08 19.63
CA ALA C 37 -4.48 1.62 20.61
C ALA C 37 -3.42 0.78 19.94
N ILE C 38 -3.83 -0.02 18.96
CA ILE C 38 -2.86 -0.82 18.20
C ILE C 38 -1.93 0.09 17.38
N GLN C 39 -2.49 1.10 16.73
CA GLN C 39 -1.69 2.08 16.01
C GLN C 39 -0.59 2.69 16.90
N LYS C 40 -0.97 3.15 18.10
CA LYS C 40 -0.01 3.81 18.99
C LYS C 40 1.09 2.84 19.38
N VAL C 41 0.70 1.64 19.81
CA VAL C 41 1.68 0.64 20.24
C VAL C 41 2.65 0.32 19.11
N VAL C 42 2.12 0.17 17.89
CA VAL C 42 2.95 -0.10 16.71
C VAL C 42 3.85 1.09 16.38
N ALA C 43 3.25 2.28 16.28
CA ALA C 43 4.00 3.50 16.02
C ALA C 43 5.13 3.76 17.04
N ASP C 44 4.96 3.28 18.27
CA ASP C 44 5.97 3.43 19.32
C ASP C 44 7.05 2.35 19.28
N GLY C 45 7.03 1.51 18.25
CA GLY C 45 8.13 0.57 17.99
C GLY C 45 7.87 -0.90 18.24
N ALA C 46 6.61 -1.27 18.44
CA ALA C 46 6.22 -2.68 18.57
C ALA C 46 6.23 -3.37 17.20
N GLY C 47 6.15 -2.58 16.13
CA GLY C 47 6.27 -3.11 14.79
C GLY C 47 7.65 -3.68 14.54
N LEU C 48 7.71 -4.84 13.86
CA LEU C 48 8.96 -5.51 13.53
C LEU C 48 9.31 -5.31 12.07
N PRO C 49 10.57 -5.56 11.70
CA PRO C 49 10.93 -5.42 10.27
C PRO C 49 10.18 -6.41 9.40
N GLY C 50 9.79 -5.98 8.20
CA GLY C 50 9.03 -6.82 7.27
C GLY C 50 7.51 -6.66 7.39
N GLU C 51 7.03 -6.11 8.51
CA GLU C 51 5.60 -5.91 8.74
C GLU C 51 5.10 -4.56 8.21
N ASP C 52 4.17 -4.58 7.26
CA ASP C 52 3.38 -3.39 6.90
C ASP C 52 2.02 -3.45 7.58
N TRP C 53 1.73 -2.47 8.43
CA TRP C 53 0.45 -2.39 9.11
C TRP C 53 -0.46 -1.48 8.32
N VAL C 54 -1.64 -1.97 7.97
CA VAL C 54 -2.61 -1.17 7.21
C VAL C 54 -3.90 -1.09 8.02
N PHE C 55 -4.19 0.11 8.53
CA PHE C 55 -5.37 0.33 9.37
C PHE C 55 -6.47 0.96 8.53
N VAL C 56 -7.65 0.36 8.53
CA VAL C 56 -8.77 0.89 7.73
C VAL C 56 -9.96 1.22 8.60
N SER C 57 -10.85 2.04 8.04
CA SER C 57 -12.11 2.39 8.66
C SER C 57 -13.20 2.24 7.61
N SER C 58 -14.43 2.62 7.92
CA SER C 58 -15.54 2.44 6.96
C SER C 58 -15.33 3.28 5.70
N LYS C 59 -14.59 4.38 5.81
CA LYS C 59 -14.24 5.20 4.64
C LYS C 59 -13.56 4.35 3.56
N ASP C 60 -12.72 3.42 4.00
CA ASP C 60 -11.95 2.57 3.08
C ASP C 60 -12.79 1.48 2.44
N ALA C 61 -13.85 1.06 3.13
CA ALA C 61 -14.76 0.06 2.62
C ALA C 61 -15.84 -0.19 3.65
N ASP C 62 -17.09 -0.23 3.22
CA ASP C 62 -18.18 -0.68 4.07
C ASP C 62 -18.17 -2.21 4.08
N LEU C 63 -17.78 -2.79 5.22
CA LEU C 63 -17.58 -4.24 5.30
C LEU C 63 -18.88 -5.06 5.30
N THR C 64 -20.03 -4.39 5.35
CA THR C 64 -21.30 -5.10 5.17
C THR C 64 -21.51 -5.44 3.71
N ASP C 65 -20.76 -4.76 2.83
CA ASP C 65 -20.86 -4.99 1.40
C ASP C 65 -19.75 -5.95 0.94
N THR C 66 -20.17 -7.10 0.42
CA THR C 66 -19.26 -8.10 -0.13
C THR C 66 -18.31 -7.56 -1.20
N ALA C 67 -18.85 -6.92 -2.22
CA ALA C 67 -18.00 -6.35 -3.29
C ALA C 67 -16.91 -5.39 -2.78
N GLN C 68 -17.29 -4.46 -1.90
CA GLN C 68 -16.33 -3.51 -1.34
C GLN C 68 -15.26 -4.18 -0.49
N THR C 69 -15.67 -5.21 0.27
CA THR C 69 -14.73 -5.95 1.11
C THR C 69 -13.73 -6.71 0.23
N ARG C 70 -14.25 -7.41 -0.76
CA ARG C 70 -13.43 -8.15 -1.70
C ARG C 70 -12.39 -7.23 -2.36
N ALA C 71 -12.81 -6.03 -2.75
CA ALA C 71 -11.92 -5.07 -3.41
C ALA C 71 -10.81 -4.59 -2.48
N LEU C 72 -11.16 -4.33 -1.22
CA LEU C 72 -10.18 -3.90 -0.24
C LEU C 72 -9.12 -4.97 -0.06
N PHE C 73 -9.58 -6.22 0.04
CA PHE C 73 -8.68 -7.33 0.24
C PHE C 73 -7.81 -7.57 -0.99
N GLU C 74 -8.38 -7.38 -2.17
CA GLU C 74 -7.59 -7.50 -3.42
C GLU C 74 -6.48 -6.45 -3.47
N LYS C 75 -6.79 -5.23 -3.08
CA LYS C 75 -5.81 -4.14 -3.10
C LYS C 75 -4.72 -4.35 -2.06
N VAL C 76 -5.10 -4.66 -0.83
CA VAL C 76 -4.14 -4.74 0.28
C VAL C 76 -3.35 -6.05 0.28
N GLN C 77 -3.98 -7.15 -0.15
CA GLN C 77 -3.39 -8.50 -0.14
C GLN C 77 -2.83 -8.94 1.22
N PRO C 78 -3.65 -8.88 2.27
CA PRO C 78 -3.10 -9.10 3.61
C PRO C 78 -2.65 -10.53 3.82
N THR C 79 -1.57 -10.69 4.57
CA THR C 79 -1.11 -12.01 4.98
C THR C 79 -1.71 -12.34 6.32
N HIS C 80 -2.03 -11.29 7.07
CA HIS C 80 -2.61 -11.40 8.40
C HIS C 80 -3.73 -10.39 8.53
N VAL C 81 -4.73 -10.74 9.32
CA VAL C 81 -5.86 -9.82 9.58
C VAL C 81 -6.22 -9.78 11.05
N ILE C 82 -6.26 -8.58 11.61
CA ILE C 82 -6.90 -8.35 12.90
C ILE C 82 -8.25 -7.72 12.60
N HIS C 83 -9.30 -8.43 12.95
CA HIS C 83 -10.66 -8.02 12.59
C HIS C 83 -11.39 -7.42 13.80
N LEU C 84 -11.44 -6.10 13.86
CA LEU C 84 -12.10 -5.37 14.97
C LEU C 84 -13.47 -4.78 14.57
N ALA C 85 -13.72 -4.61 13.28
CA ALA C 85 -14.94 -3.93 12.85
C ALA C 85 -16.19 -4.69 13.24
N ALA C 86 -17.17 -3.94 13.74
CA ALA C 86 -18.49 -4.48 14.10
C ALA C 86 -19.49 -3.33 14.01
N MET C 87 -20.76 -3.63 13.67
CA MET C 87 -21.82 -2.65 13.76
C MET C 87 -22.30 -2.72 15.18
N VAL C 88 -22.08 -1.63 15.90
CA VAL C 88 -22.10 -1.67 17.35
C VAL C 88 -22.98 -0.57 17.96
N GLY C 89 -23.13 0.56 17.27
CA GLY C 89 -23.97 1.65 17.74
C GLY C 89 -25.29 1.71 16.98
N GLY C 90 -26.40 2.00 17.66
CA GLY C 90 -26.46 2.25 19.11
C GLY C 90 -27.00 1.05 19.86
N LEU C 91 -26.10 0.14 20.27
CA LEU C 91 -26.42 -0.90 21.25
C LEU C 91 -26.66 -0.24 22.61
N PHE C 92 -27.57 -0.83 23.38
CA PHE C 92 -27.92 -0.33 24.73
C PHE C 92 -28.95 0.82 24.69
N ARG C 93 -29.36 1.27 23.50
CA ARG C 93 -30.45 2.23 23.40
C ARG C 93 -31.78 1.57 23.81
N ASN C 94 -32.81 2.38 24.02
CA ASN C 94 -34.11 1.91 24.55
C ASN C 94 -34.79 0.84 23.67
N ILE C 95 -35.16 1.20 22.44
CA ILE C 95 -35.72 0.24 21.48
C ILE C 95 -34.62 -0.67 20.94
N LYS C 96 -34.91 -1.96 20.75
CA LYS C 96 -33.93 -2.92 20.24
C LYS C 96 -34.14 -3.26 18.77
N TYR C 97 -33.04 -3.51 18.08
CA TYR C 97 -33.04 -3.80 16.66
C TYR C 97 -32.27 -5.10 16.40
N ASN C 98 -32.77 -6.21 16.93
CA ASN C 98 -32.00 -7.44 16.90
C ASN C 98 -31.77 -8.01 15.52
N LEU C 99 -32.69 -7.77 14.59
CA LEU C 99 -32.46 -8.28 13.25
C LEU C 99 -31.34 -7.52 12.56
N ASP C 100 -31.41 -6.19 12.61
CA ASP C 100 -30.38 -5.36 11.99
C ASP C 100 -28.99 -5.75 12.50
N PHE C 101 -28.85 -5.88 13.82
CA PHE C 101 -27.55 -6.19 14.40
C PHE C 101 -27.12 -7.60 14.04
N TRP C 102 -28.06 -8.53 14.04
CA TRP C 102 -27.72 -9.90 13.66
C TRP C 102 -27.23 -9.90 12.22
N ARG C 103 -28.05 -9.36 11.34
CA ARG C 103 -27.81 -9.50 9.92
C ARG C 103 -26.61 -8.68 9.43
N LYS C 104 -26.43 -7.45 9.90
CA LYS C 104 -25.29 -6.66 9.42
C LYS C 104 -23.97 -7.19 9.95
N ASN C 105 -23.95 -7.64 11.19
CA ASN C 105 -22.73 -8.20 11.72
C ASN C 105 -22.35 -9.54 11.09
N VAL C 106 -23.32 -10.40 10.84
CA VAL C 106 -23.01 -11.69 10.20
C VAL C 106 -22.45 -11.46 8.81
N HIS C 107 -23.05 -10.53 8.08
CA HIS C 107 -22.53 -10.16 6.77
C HIS C 107 -21.11 -9.63 6.83
N MET C 108 -20.85 -8.75 7.79
CA MET C 108 -19.52 -8.17 7.97
C MET C 108 -18.51 -9.27 8.27
N ASN C 109 -18.84 -10.13 9.23
CA ASN C 109 -17.92 -11.18 9.62
C ASN C 109 -17.68 -12.18 8.51
N ASP C 110 -18.72 -12.53 7.78
CA ASP C 110 -18.59 -13.46 6.67
C ASP C 110 -17.75 -12.84 5.54
N ASN C 111 -18.00 -11.57 5.23
CA ASN C 111 -17.27 -10.89 4.19
C ASN C 111 -15.78 -10.84 4.51
N VAL C 112 -15.45 -10.50 5.76
CA VAL C 112 -14.06 -10.38 6.18
C VAL C 112 -13.37 -11.76 6.26
N LEU C 113 -13.94 -12.72 6.99
CA LEU C 113 -13.28 -14.02 7.11
C LEU C 113 -13.15 -14.67 5.76
N HIS C 114 -14.18 -14.58 4.94
CA HIS C 114 -14.13 -15.25 3.66
C HIS C 114 -13.24 -14.58 2.59
N SER C 115 -13.15 -13.25 2.63
CA SER C 115 -12.17 -12.55 1.81
C SER C 115 -10.76 -12.91 2.26
N ALA C 116 -10.54 -12.98 3.58
CA ALA C 116 -9.25 -13.39 4.10
C ALA C 116 -8.89 -14.77 3.59
N PHE C 117 -9.86 -15.69 3.67
CA PHE C 117 -9.69 -17.03 3.14
C PHE C 117 -9.35 -16.98 1.65
N GLU C 118 -10.07 -16.16 0.90
CA GLU C 118 -9.87 -16.10 -0.55
C GLU C 118 -8.48 -15.62 -0.96
N VAL C 119 -7.99 -14.56 -0.32
CA VAL C 119 -6.63 -14.07 -0.64
C VAL C 119 -5.54 -14.96 -0.06
N GLY C 120 -5.90 -15.89 0.82
CA GLY C 120 -4.94 -16.83 1.34
C GLY C 120 -4.22 -16.31 2.56
N ALA C 121 -4.88 -15.47 3.34
CA ALA C 121 -4.31 -14.97 4.59
C ALA C 121 -3.93 -16.11 5.50
N ARG C 122 -2.80 -15.95 6.18
CA ARG C 122 -2.17 -16.99 6.97
C ARG C 122 -2.91 -17.09 8.30
N LYS C 123 -3.39 -15.95 8.78
CA LYS C 123 -4.00 -15.87 10.11
C LYS C 123 -4.98 -14.72 10.23
N VAL C 124 -6.08 -14.96 10.93
CA VAL C 124 -7.07 -13.92 11.23
C VAL C 124 -7.37 -14.00 12.70
N VAL C 125 -7.43 -12.85 13.34
CA VAL C 125 -7.79 -12.77 14.75
C VAL C 125 -8.95 -11.81 14.86
N SER C 126 -10.07 -12.32 15.33
CA SER C 126 -11.28 -11.52 15.44
C SER C 126 -11.49 -11.22 16.90
N CYS C 127 -12.40 -10.29 17.15
CA CYS C 127 -12.65 -9.80 18.47
C CYS C 127 -14.07 -10.20 18.86
N LEU C 128 -14.18 -10.95 19.94
CA LEU C 128 -15.46 -11.34 20.51
C LEU C 128 -15.67 -10.47 21.74
N SER C 129 -16.72 -10.75 22.51
CA SER C 129 -17.13 -9.88 23.60
C SER C 129 -17.71 -10.77 24.69
N THR C 130 -17.74 -10.30 25.94
CA THR C 130 -18.31 -11.09 27.00
C THR C 130 -19.84 -11.23 26.88
N CYS C 131 -20.48 -10.41 26.06
CA CYS C 131 -21.92 -10.56 25.76
C CYS C 131 -22.27 -11.90 25.07
N ILE C 132 -21.28 -12.59 24.49
CA ILE C 132 -21.53 -13.90 23.88
C ILE C 132 -21.76 -15.02 24.91
N PHE C 133 -21.37 -14.81 26.15
CA PHE C 133 -21.46 -15.87 27.13
C PHE C 133 -22.89 -16.16 27.52
N PRO C 134 -23.15 -17.41 27.96
CA PRO C 134 -24.51 -17.75 28.37
C PRO C 134 -25.02 -16.92 29.55
N ASP C 135 -26.31 -16.61 29.51
CA ASP C 135 -26.98 -15.85 30.56
C ASP C 135 -26.90 -16.60 31.89
N LYS C 136 -27.31 -17.86 31.90
CA LYS C 136 -27.24 -18.71 33.09
C LYS C 136 -25.96 -19.53 32.99
N THR C 137 -24.99 -19.22 33.84
CA THR C 137 -23.69 -19.87 33.80
C THR C 137 -23.04 -19.86 35.17
N THR C 138 -22.13 -20.80 35.41
CA THR C 138 -21.29 -20.77 36.59
C THR C 138 -20.21 -19.74 36.37
N TYR C 139 -19.50 -19.38 37.43
CA TYR C 139 -18.42 -18.42 37.35
C TYR C 139 -17.15 -18.97 37.99
N PRO C 140 -15.98 -18.56 37.51
CA PRO C 140 -15.78 -17.66 36.38
C PRO C 140 -16.03 -18.39 35.07
N ILE C 141 -16.13 -17.62 34.00
CA ILE C 141 -16.38 -18.19 32.68
C ILE C 141 -15.08 -18.31 31.91
N ASP C 142 -14.89 -19.44 31.25
CA ASP C 142 -13.70 -19.63 30.42
C ASP C 142 -14.09 -19.92 28.98
N GLU C 143 -13.07 -20.08 28.14
CA GLU C 143 -13.24 -20.15 26.69
C GLU C 143 -13.99 -21.38 26.21
N THR C 144 -14.13 -22.38 27.08
CA THR C 144 -14.89 -23.59 26.80
C THR C 144 -16.40 -23.41 26.89
N MET C 145 -16.84 -22.37 27.61
CA MET C 145 -18.24 -22.24 28.02
C MET C 145 -19.05 -21.32 27.12
N ILE C 146 -18.35 -20.70 26.20
CA ILE C 146 -18.91 -19.82 25.17
C ILE C 146 -20.28 -20.26 24.58
N HIS C 147 -20.45 -21.56 24.29
CA HIS C 147 -21.70 -22.07 23.68
C HIS C 147 -22.63 -22.85 24.64
N ASN C 148 -22.39 -22.77 25.94
CA ASN C 148 -23.11 -23.61 26.92
C ASN C 148 -24.40 -22.98 27.39
N GLY C 149 -25.25 -22.60 26.44
CA GLY C 149 -26.54 -22.01 26.77
C GLY C 149 -26.70 -20.65 26.14
N PRO C 150 -27.95 -20.19 26.01
CA PRO C 150 -28.23 -18.99 25.23
C PRO C 150 -27.69 -17.73 25.90
N PRO C 151 -27.41 -16.70 25.10
CA PRO C 151 -26.96 -15.44 25.65
C PRO C 151 -28.14 -14.67 26.17
N HIS C 152 -27.87 -13.57 26.85
CA HIS C 152 -28.92 -12.70 27.37
C HIS C 152 -29.84 -12.22 26.23
N ASN C 153 -31.15 -12.29 26.45
CA ASN C 153 -32.14 -11.92 25.44
C ASN C 153 -32.14 -10.45 25.00
N SER C 154 -31.63 -9.55 25.84
CA SER C 154 -31.68 -8.12 25.52
C SER C 154 -31.16 -7.89 24.10
N ASN C 155 -29.93 -8.33 23.84
CA ASN C 155 -29.33 -8.14 22.53
C ASN C 155 -28.84 -9.46 21.91
N PHE C 156 -29.75 -10.44 21.80
CA PHE C 156 -29.39 -11.76 21.27
C PHE C 156 -28.84 -11.73 19.85
N GLY C 157 -29.41 -10.89 19.00
CA GLY C 157 -28.92 -10.76 17.62
C GLY C 157 -27.43 -10.48 17.52
N TYR C 158 -26.98 -9.45 18.23
CA TYR C 158 -25.58 -9.08 18.29
C TYR C 158 -24.72 -10.22 18.83
N SER C 159 -25.17 -10.77 19.96
CA SER C 159 -24.46 -11.84 20.64
C SER C 159 -24.28 -13.07 19.77
N TYR C 160 -25.35 -13.50 19.12
CA TYR C 160 -25.25 -14.68 18.29
C TYR C 160 -24.36 -14.45 17.08
N ALA C 161 -24.39 -13.24 16.53
CA ALA C 161 -23.52 -12.91 15.41
C ALA C 161 -22.05 -13.04 15.79
N LYS C 162 -21.69 -12.60 16.99
CA LYS C 162 -20.31 -12.76 17.50
C LYS C 162 -19.97 -14.23 17.73
N ARG C 163 -20.89 -14.95 18.39
CA ARG C 163 -20.69 -16.37 18.61
C ARG C 163 -20.40 -17.11 17.32
N MET C 164 -21.07 -16.73 16.23
CA MET C 164 -20.85 -17.42 14.96
C MET C 164 -19.46 -17.19 14.35
N ILE C 165 -18.72 -16.18 14.83
CA ILE C 165 -17.33 -16.02 14.43
C ILE C 165 -16.54 -17.23 14.90
N ASP C 166 -16.74 -17.65 16.14
CA ASP C 166 -16.12 -18.87 16.62
C ASP C 166 -16.46 -20.06 15.74
N VAL C 167 -17.74 -20.21 15.36
CA VAL C 167 -18.16 -21.34 14.50
C VAL C 167 -17.50 -21.29 13.13
N GLN C 168 -17.39 -20.10 12.54
CA GLN C 168 -16.66 -19.96 11.28
C GLN C 168 -15.19 -20.34 11.41
N ASN C 169 -14.53 -19.77 12.42
CA ASN C 169 -13.13 -20.10 12.68
C ASN C 169 -12.95 -21.61 12.75
N ARG C 170 -13.78 -22.28 13.54
CA ARG C 170 -13.65 -23.74 13.71
C ARG C 170 -13.86 -24.49 12.39
N ALA C 171 -14.78 -24.01 11.56
CA ALA C 171 -15.10 -24.67 10.30
C ALA C 171 -13.99 -24.47 9.26
N TYR C 172 -13.52 -23.24 9.10
CA TYR C 172 -12.36 -22.94 8.25
C TYR C 172 -11.14 -23.80 8.66
N PHE C 173 -10.88 -23.92 9.96
CA PHE C 173 -9.80 -24.78 10.43
C PHE C 173 -10.02 -26.22 10.03
N GLN C 174 -11.14 -26.78 10.40
CA GLN C 174 -11.42 -28.20 10.16
C GLN C 174 -11.37 -28.57 8.68
N GLN C 175 -12.04 -27.81 7.84
CA GLN C 175 -12.14 -28.20 6.42
C GLN C 175 -10.96 -27.73 5.59
N TYR C 176 -10.54 -26.50 5.80
CA TYR C 176 -9.56 -25.90 4.92
C TYR C 176 -8.16 -25.72 5.53
N GLY C 177 -8.02 -25.96 6.83
CA GLY C 177 -6.73 -25.82 7.49
C GLY C 177 -6.32 -24.40 7.85
N CYS C 178 -7.23 -23.44 7.79
CA CYS C 178 -6.91 -22.07 8.15
C CYS C 178 -6.79 -21.87 9.65
N THR C 179 -5.90 -20.97 10.03
CA THR C 179 -5.70 -20.61 11.41
C THR C 179 -6.44 -19.30 11.69
N PHE C 180 -7.76 -19.40 11.80
CA PHE C 180 -8.56 -18.25 12.19
C PHE C 180 -8.94 -18.44 13.66
N THR C 181 -8.73 -17.42 14.46
CA THR C 181 -8.99 -17.50 15.90
C THR C 181 -9.59 -16.21 16.37
N ALA C 182 -9.72 -16.04 17.69
CA ALA C 182 -10.31 -14.83 18.24
C ALA C 182 -9.86 -14.56 19.67
N VAL C 183 -9.98 -13.30 20.08
CA VAL C 183 -9.72 -12.90 21.44
C VAL C 183 -11.02 -12.38 22.05
N ILE C 184 -11.10 -12.45 23.38
CA ILE C 184 -12.28 -12.01 24.10
C ILE C 184 -11.86 -11.02 25.17
N PRO C 185 -11.87 -9.73 24.82
CA PRO C 185 -11.60 -8.74 25.86
C PRO C 185 -12.75 -8.63 26.83
N THR C 186 -12.45 -8.22 28.07
CA THR C 186 -13.49 -7.79 28.99
C THR C 186 -13.81 -6.31 28.68
N ASN C 187 -14.11 -5.50 29.68
CA ASN C 187 -14.54 -4.13 29.41
C ASN C 187 -13.37 -3.24 29.09
N VAL C 188 -13.35 -2.73 27.86
CA VAL C 188 -12.21 -1.95 27.40
C VAL C 188 -12.49 -0.46 27.61
N PHE C 189 -11.44 0.27 27.95
CA PHE C 189 -11.49 1.73 28.05
C PHE C 189 -10.16 2.33 27.62
N GLY C 190 -10.18 3.58 27.21
CA GLY C 190 -8.94 4.30 26.90
C GLY C 190 -9.16 5.49 25.99
N PRO C 191 -8.07 6.06 25.48
CA PRO C 191 -8.16 7.08 24.45
C PRO C 191 -9.02 6.66 23.26
N HIS C 192 -9.72 7.61 22.65
CA HIS C 192 -10.52 7.42 21.44
C HIS C 192 -11.76 6.53 21.63
N ASP C 193 -12.18 6.41 22.88
CA ASP C 193 -13.41 5.68 23.21
C ASP C 193 -14.59 6.51 22.74
N ASN C 194 -15.78 5.94 22.84
CA ASN C 194 -17.03 6.70 22.69
C ASN C 194 -17.49 7.13 24.07
N PHE C 195 -17.42 8.44 24.35
CA PHE C 195 -17.75 9.01 25.66
C PHE C 195 -19.17 9.54 25.77
N ASN C 196 -20.02 9.21 24.79
CA ASN C 196 -21.43 9.57 24.85
C ASN C 196 -22.07 8.96 26.08
N ILE C 197 -22.84 9.78 26.81
CA ILE C 197 -23.39 9.36 28.10
C ILE C 197 -24.61 8.46 27.97
N GLU C 198 -25.47 8.73 26.98
CA GLU C 198 -26.66 7.91 26.77
C GLU C 198 -26.32 6.55 26.12
N ASP C 199 -25.38 6.56 25.16
CA ASP C 199 -25.07 5.39 24.34
C ASP C 199 -23.81 4.61 24.74
N GLY C 200 -22.83 5.29 25.34
CA GLY C 200 -21.52 4.68 25.60
C GLY C 200 -21.45 3.75 26.80
N HIS C 201 -20.29 3.15 26.99
CA HIS C 201 -20.06 2.27 28.13
C HIS C 201 -19.94 3.09 29.41
N VAL C 202 -19.99 2.40 30.55
CA VAL C 202 -20.04 3.09 31.85
C VAL C 202 -18.79 3.90 32.15
N LEU C 203 -17.62 3.33 31.89
CA LEU C 203 -16.37 4.01 32.28
C LEU C 203 -16.08 5.27 31.47
N PRO C 204 -16.13 5.21 30.13
CA PRO C 204 -16.00 6.48 29.40
C PRO C 204 -17.18 7.42 29.67
N GLY C 205 -18.36 6.86 29.91
CA GLY C 205 -19.53 7.66 30.32
C GLY C 205 -19.31 8.39 31.63
N LEU C 206 -18.74 7.71 32.63
CA LEU C 206 -18.40 8.34 33.91
C LEU C 206 -17.39 9.48 33.73
N ILE C 207 -16.38 9.26 32.90
CA ILE C 207 -15.38 10.29 32.62
C ILE C 207 -16.06 11.55 32.08
N HIS C 208 -16.97 11.38 31.14
CA HIS C 208 -17.72 12.50 30.60
C HIS C 208 -18.63 13.13 31.66
N LYS C 209 -19.33 12.31 32.43
CA LYS C 209 -20.19 12.78 33.52
C LYS C 209 -19.45 13.65 34.56
N VAL C 210 -18.26 13.21 34.95
CA VAL C 210 -17.43 13.97 35.89
C VAL C 210 -16.95 15.27 35.27
N HIS C 211 -16.55 15.23 33.99
CA HIS C 211 -16.16 16.42 33.27
C HIS C 211 -17.28 17.46 33.24
N LEU C 212 -18.51 17.02 32.99
CA LEU C 212 -19.68 17.90 33.01
C LEU C 212 -19.99 18.42 34.41
N ALA C 213 -19.75 17.61 35.44
CA ALA C 213 -19.98 18.04 36.82
C ALA C 213 -19.06 19.20 37.24
N LYS C 214 -17.80 19.17 36.79
CA LYS C 214 -16.89 20.30 36.99
C LYS C 214 -17.30 21.54 36.17
N SER C 215 -17.53 21.37 34.87
CA SER C 215 -17.93 22.46 33.98
C SER C 215 -19.30 23.08 34.35
N SER C 216 -20.18 22.27 34.95
CA SER C 216 -21.50 22.72 35.38
C SER C 216 -21.52 23.11 36.87
N GLY C 217 -20.53 22.64 37.62
CA GLY C 217 -20.53 22.78 39.08
C GLY C 217 -21.57 21.91 39.77
N SER C 218 -22.08 20.89 39.05
CA SER C 218 -23.13 20.03 39.57
C SER C 218 -22.55 18.88 40.42
N ALA C 219 -23.40 17.94 40.81
CA ALA C 219 -22.96 16.71 41.48
C ALA C 219 -22.97 15.57 40.49
N LEU C 220 -22.23 14.51 40.82
CA LEU C 220 -22.19 13.30 39.98
C LEU C 220 -23.33 12.36 40.36
N THR C 221 -24.15 12.02 39.36
CA THR C 221 -25.20 11.02 39.54
C THR C 221 -24.82 9.74 38.79
N VAL C 222 -24.49 8.69 39.54
CA VAL C 222 -24.22 7.39 38.98
C VAL C 222 -25.53 6.60 38.94
N TRP C 223 -25.81 6.00 37.79
CA TRP C 223 -27.01 5.18 37.63
C TRP C 223 -26.86 3.89 38.42
N GLY C 224 -27.81 3.61 39.30
CA GLY C 224 -27.85 2.35 40.02
C GLY C 224 -27.10 2.36 41.34
N THR C 225 -26.87 1.16 41.85
CA THR C 225 -26.30 0.97 43.17
C THR C 225 -24.79 1.12 43.24
N GLY C 226 -24.11 0.95 42.11
CA GLY C 226 -22.65 0.91 42.08
C GLY C 226 -22.08 -0.44 42.47
N ASN C 227 -22.95 -1.42 42.69
CA ASN C 227 -22.56 -2.78 43.13
C ASN C 227 -22.09 -3.75 42.04
N PRO C 228 -22.59 -3.61 40.79
CA PRO C 228 -22.10 -4.50 39.73
C PRO C 228 -20.58 -4.48 39.57
N ARG C 229 -19.99 -5.66 39.41
CA ARG C 229 -18.53 -5.80 39.34
C ARG C 229 -18.13 -6.05 37.89
N ARG C 230 -17.03 -5.45 37.46
CA ARG C 230 -16.55 -5.59 36.11
C ARG C 230 -15.03 -5.74 36.05
N GLN C 231 -14.56 -6.52 35.08
CA GLN C 231 -13.14 -6.58 34.74
C GLN C 231 -12.84 -5.56 33.64
N PHE C 232 -11.98 -4.58 33.95
CA PHE C 232 -11.63 -3.55 32.99
C PHE C 232 -10.22 -3.82 32.43
N ILE C 233 -10.01 -3.40 31.20
CA ILE C 233 -8.73 -3.56 30.52
C ILE C 233 -8.43 -2.32 29.68
N TYR C 234 -7.23 -1.79 29.88
CA TYR C 234 -6.81 -0.59 29.22
C TYR C 234 -6.57 -0.91 27.75
N SER C 235 -7.04 -0.04 26.86
CA SER C 235 -6.91 -0.30 25.44
C SER C 235 -5.44 -0.56 25.06
N LEU C 236 -4.52 0.15 25.68
CA LEU C 236 -3.08 0.00 25.39
C LEU C 236 -2.54 -1.35 25.82
N ASP C 237 -3.00 -1.86 26.96
CA ASP C 237 -2.62 -3.20 27.39
C ASP C 237 -3.17 -4.22 26.40
N LEU C 238 -4.42 -4.03 25.98
CA LEU C 238 -5.08 -4.95 25.08
C LEU C 238 -4.35 -4.99 23.76
N ALA C 239 -3.98 -3.82 23.25
CA ALA C 239 -3.23 -3.73 22.00
C ALA C 239 -1.96 -4.59 22.02
N GLN C 240 -1.19 -4.50 23.11
CA GLN C 240 0.03 -5.30 23.28
C GLN C 240 -0.30 -6.78 23.22
N LEU C 241 -1.34 -7.20 23.92
CA LEU C 241 -1.74 -8.61 23.92
C LEU C 241 -2.25 -9.05 22.53
N PHE C 242 -2.85 -8.12 21.79
CA PHE C 242 -3.40 -8.40 20.47
C PHE C 242 -2.29 -8.69 19.46
N ILE C 243 -1.24 -7.87 19.49
CA ILE C 243 -0.08 -8.09 18.65
C ILE C 243 0.59 -9.43 18.99
N TRP C 244 0.67 -9.73 20.29
CA TRP C 244 1.25 -11.00 20.72
C TRP C 244 0.44 -12.17 20.18
N VAL C 245 -0.87 -12.13 20.39
CA VAL C 245 -1.77 -13.17 19.87
C VAL C 245 -1.52 -13.37 18.39
N LEU C 246 -1.47 -12.27 17.63
CA LEU C 246 -1.29 -12.35 16.19
C LEU C 246 -0.03 -13.12 15.86
N ARG C 247 1.05 -12.81 16.57
CA ARG C 247 2.35 -13.43 16.34
C ARG C 247 2.52 -14.85 16.90
N GLU C 248 1.97 -15.13 18.07
CA GLU C 248 2.36 -16.32 18.83
C GLU C 248 1.26 -17.33 19.18
N TYR C 249 -0.01 -16.91 19.18
CA TYR C 249 -1.12 -17.77 19.59
C TYR C 249 -1.70 -18.52 18.41
N ASN C 250 -1.77 -19.85 18.51
CA ASN C 250 -2.19 -20.67 17.35
C ASN C 250 -3.35 -21.62 17.57
N GLU C 251 -4.03 -21.49 18.71
CA GLU C 251 -5.23 -22.28 18.95
C GLU C 251 -6.37 -21.66 18.12
N VAL C 252 -7.27 -22.49 17.62
CA VAL C 252 -8.50 -22.02 17.03
C VAL C 252 -9.43 -21.50 18.14
N GLU C 253 -9.48 -22.20 19.25
CA GLU C 253 -10.29 -21.78 20.37
C GLU C 253 -9.88 -20.37 20.81
N PRO C 254 -10.84 -19.52 21.19
CA PRO C 254 -10.48 -18.16 21.52
C PRO C 254 -9.71 -18.08 22.81
N ILE C 255 -9.23 -16.87 23.12
CA ILE C 255 -8.49 -16.62 24.34
C ILE C 255 -8.99 -15.34 24.98
N ILE C 256 -9.32 -15.41 26.26
CA ILE C 256 -9.77 -14.25 27.01
C ILE C 256 -8.58 -13.35 27.36
N LEU C 257 -8.71 -12.07 27.06
CA LEU C 257 -7.69 -11.09 27.40
C LEU C 257 -8.26 -10.20 28.47
N SER C 258 -7.80 -10.41 29.71
CA SER C 258 -8.39 -9.76 30.86
C SER C 258 -7.55 -9.90 32.12
N VAL C 259 -7.74 -8.94 33.02
CA VAL C 259 -7.19 -9.05 34.37
C VAL C 259 -7.92 -10.20 35.07
N GLY C 260 -7.36 -10.70 36.15
CA GLY C 260 -7.91 -11.87 36.83
C GLY C 260 -9.20 -11.60 37.59
N GLU C 261 -9.90 -12.68 37.96
CA GLU C 261 -11.08 -12.61 38.83
C GLU C 261 -10.85 -11.74 40.07
N GLU C 262 -9.63 -11.79 40.61
CA GLU C 262 -9.28 -11.03 41.80
C GLU C 262 -9.11 -9.52 41.56
N ASP C 263 -9.07 -9.09 40.29
CA ASP C 263 -8.94 -7.66 39.96
C ASP C 263 -10.22 -7.08 39.38
N GLU C 264 -11.34 -7.75 39.64
CA GLU C 264 -12.65 -7.22 39.34
C GLU C 264 -12.85 -6.02 40.24
N VAL C 265 -13.53 -4.99 39.72
CA VAL C 265 -13.89 -3.83 40.53
C VAL C 265 -15.33 -3.40 40.30
N SER C 266 -15.95 -2.88 41.35
CA SER C 266 -17.34 -2.44 41.27
C SER C 266 -17.45 -1.12 40.54
N ILE C 267 -18.65 -0.83 40.05
CA ILE C 267 -18.94 0.46 39.42
C ILE C 267 -18.60 1.60 40.40
N LYS C 268 -18.90 1.40 41.68
CA LYS C 268 -18.55 2.38 42.70
C LYS C 268 -17.04 2.63 42.71
N GLU C 269 -16.26 1.56 42.81
CA GLU C 269 -14.79 1.67 42.83
C GLU C 269 -14.25 2.34 41.56
N ALA C 270 -14.90 2.08 40.43
CA ALA C 270 -14.55 2.70 39.16
C ALA C 270 -14.80 4.20 39.17
N ALA C 271 -15.97 4.60 39.65
CA ALA C 271 -16.30 6.03 39.79
C ALA C 271 -15.31 6.74 40.73
N GLU C 272 -14.93 6.07 41.81
CA GLU C 272 -13.94 6.61 42.73
C GLU C 272 -12.59 6.86 42.04
N ALA C 273 -12.21 5.95 41.15
CA ALA C 273 -10.97 6.12 40.40
C ALA C 273 -11.01 7.32 39.46
N VAL C 274 -12.18 7.57 38.87
CA VAL C 274 -12.38 8.75 38.02
C VAL C 274 -12.38 10.03 38.85
N VAL C 275 -13.17 10.06 39.93
CA VAL C 275 -13.27 11.22 40.81
C VAL C 275 -11.87 11.66 41.25
N GLU C 276 -11.07 10.73 41.76
CA GLU C 276 -9.70 11.02 42.16
C GLU C 276 -8.88 11.59 41.00
N ALA C 277 -8.90 10.88 39.87
CA ALA C 277 -8.07 11.26 38.73
C ALA C 277 -8.42 12.63 38.16
N MET C 278 -9.70 12.96 38.10
CA MET C 278 -10.11 14.27 37.57
C MET C 278 -10.12 15.36 38.64
N ASP C 279 -9.68 15.01 39.86
CA ASP C 279 -9.64 15.94 40.99
C ASP C 279 -11.01 16.62 41.17
N PHE C 280 -12.01 15.80 41.48
CA PHE C 280 -13.39 16.27 41.61
C PHE C 280 -13.79 16.27 43.08
N HIS C 281 -14.36 17.38 43.53
CA HIS C 281 -14.69 17.56 44.94
C HIS C 281 -16.19 17.74 45.20
N GLY C 282 -17.02 17.58 44.16
CA GLY C 282 -18.47 17.62 44.31
C GLY C 282 -19.02 16.34 44.92
N GLU C 283 -20.31 16.32 45.18
CA GLU C 283 -20.97 15.13 45.76
C GLU C 283 -21.09 14.01 44.71
N VAL C 284 -21.08 12.77 45.20
CA VAL C 284 -21.27 11.59 44.35
C VAL C 284 -22.47 10.83 44.90
N THR C 285 -23.58 10.84 44.16
CA THR C 285 -24.79 10.13 44.59
C THR C 285 -25.05 8.95 43.65
N PHE C 286 -25.67 7.90 44.20
CA PHE C 286 -25.98 6.68 43.46
C PHE C 286 -27.50 6.53 43.31
N ASP C 287 -28.02 6.92 42.16
CA ASP C 287 -29.45 6.91 41.90
C ASP C 287 -29.98 5.48 41.76
N THR C 288 -30.55 4.95 42.84
CA THR C 288 -31.11 3.59 42.87
C THR C 288 -32.43 3.46 42.11
N THR C 289 -33.01 4.57 41.65
CA THR C 289 -34.23 4.54 40.86
C THR C 289 -34.01 3.85 39.50
N LYS C 290 -32.88 4.17 38.86
CA LYS C 290 -32.47 3.48 37.65
C LYS C 290 -32.02 2.05 38.00
N SER C 291 -32.38 1.10 37.14
CA SER C 291 -32.09 -0.32 37.39
C SER C 291 -30.61 -0.66 37.22
N ASP C 292 -30.11 -1.57 38.05
CA ASP C 292 -28.79 -2.17 37.86
C ASP C 292 -28.83 -3.16 36.70
N GLY C 293 -27.73 -3.23 35.96
CA GLY C 293 -27.57 -4.24 34.91
C GLY C 293 -27.18 -5.58 35.52
N GLN C 294 -26.44 -6.38 34.78
CA GLN C 294 -25.99 -7.68 35.26
C GLN C 294 -24.98 -7.47 36.39
N PHE C 295 -25.08 -8.27 37.46
CA PHE C 295 -24.17 -8.10 38.60
C PHE C 295 -22.73 -8.41 38.24
N LYS C 296 -22.50 -9.54 37.56
CA LYS C 296 -21.16 -10.00 37.18
C LYS C 296 -21.12 -10.58 35.78
N LYS C 297 -19.95 -10.55 35.18
CA LYS C 297 -19.71 -11.25 33.93
C LYS C 297 -18.33 -11.87 33.99
N THR C 298 -17.98 -12.40 35.15
CA THR C 298 -16.59 -12.69 35.49
C THR C 298 -15.91 -13.73 34.61
N ALA C 299 -14.78 -13.32 34.02
CA ALA C 299 -14.04 -14.18 33.11
C ALA C 299 -12.71 -14.63 33.71
N SER C 300 -12.33 -15.87 33.45
CA SER C 300 -11.05 -16.41 33.86
C SER C 300 -10.00 -16.09 32.82
N ASN C 301 -8.84 -15.62 33.25
CA ASN C 301 -7.69 -15.46 32.37
C ASN C 301 -6.64 -16.55 32.59
N SER C 302 -7.04 -17.68 33.16
CA SER C 302 -6.13 -18.80 33.39
C SER C 302 -5.28 -19.07 32.14
N LYS C 303 -5.91 -19.20 30.98
CA LYS C 303 -5.20 -19.52 29.72
C LYS C 303 -4.14 -18.48 29.37
N LEU C 304 -4.50 -17.21 29.43
CA LEU C 304 -3.55 -16.12 29.21
C LEU C 304 -2.36 -16.23 30.17
N ARG C 305 -2.62 -16.65 31.40
CA ARG C 305 -1.56 -16.80 32.38
C ARG C 305 -0.62 -17.97 32.09
N THR C 306 -1.12 -19.01 31.40
CA THR C 306 -0.23 -20.12 30.99
C THR C 306 0.73 -19.69 29.89
N TYR C 307 0.31 -18.73 29.05
CA TYR C 307 1.15 -18.23 27.96
C TYR C 307 2.07 -17.09 28.38
N LEU C 308 1.56 -16.19 29.22
CA LEU C 308 2.29 -14.98 29.60
C LEU C 308 2.17 -14.78 31.11
N PRO C 309 2.88 -15.62 31.89
CA PRO C 309 2.78 -15.51 33.34
C PRO C 309 3.31 -14.20 33.92
N ASP C 310 4.35 -13.62 33.30
CA ASP C 310 5.01 -12.41 33.82
C ASP C 310 4.47 -11.09 33.24
N PHE C 311 3.47 -11.15 32.37
CA PHE C 311 2.89 -9.94 31.79
C PHE C 311 2.25 -9.05 32.87
N ARG C 312 2.72 -7.81 32.99
CA ARG C 312 2.17 -6.87 33.96
C ARG C 312 1.19 -5.88 33.31
N PHE C 313 -0.07 -5.90 33.76
CA PHE C 313 -1.05 -4.92 33.33
C PHE C 313 -0.75 -3.54 33.90
N THR C 314 -1.11 -2.50 33.16
CA THR C 314 -1.07 -1.14 33.70
C THR C 314 -1.99 -1.08 34.91
N PRO C 315 -1.53 -0.50 36.02
CA PRO C 315 -2.42 -0.39 37.19
C PRO C 315 -3.65 0.44 36.87
N PHE C 316 -4.79 0.01 37.40
CA PHE C 316 -6.09 0.58 37.05
C PHE C 316 -6.14 2.10 37.20
N LYS C 317 -5.79 2.61 38.39
CA LYS C 317 -5.87 4.05 38.66
C LYS C 317 -5.00 4.89 37.69
N GLN C 318 -3.87 4.34 37.27
CA GLN C 318 -2.99 5.01 36.31
C GLN C 318 -3.64 5.05 34.92
N ALA C 319 -4.21 3.93 34.51
CA ALA C 319 -4.86 3.82 33.19
C ALA C 319 -6.03 4.78 33.10
N VAL C 320 -6.79 4.89 34.19
CA VAL C 320 -7.90 5.83 34.25
C VAL C 320 -7.39 7.28 34.17
N LYS C 321 -6.34 7.62 34.93
CA LYS C 321 -5.76 8.95 34.89
C LYS C 321 -5.36 9.35 33.47
N GLU C 322 -4.65 8.45 32.80
CA GLU C 322 -4.19 8.73 31.44
C GLU C 322 -5.38 8.94 30.51
N THR C 323 -6.42 8.14 30.68
CA THR C 323 -7.62 8.27 29.86
C THR C 323 -8.34 9.59 30.15
N CYS C 324 -8.51 9.89 31.43
CA CYS C 324 -9.09 11.16 31.84
C CYS C 324 -8.28 12.32 31.29
N ALA C 325 -6.96 12.23 31.41
CA ALA C 325 -6.05 13.25 30.86
C ALA C 325 -6.24 13.41 29.35
N TRP C 326 -6.37 12.31 28.63
CA TRP C 326 -6.58 12.37 27.17
C TRP C 326 -7.90 13.05 26.83
N PHE C 327 -8.97 12.69 27.55
CA PHE C 327 -10.30 13.23 27.30
C PHE C 327 -10.33 14.74 27.52
N THR C 328 -9.75 15.18 28.64
CA THR C 328 -9.67 16.61 28.95
C THR C 328 -8.89 17.35 27.87
N ASP C 329 -7.75 16.79 27.47
CA ASP C 329 -6.86 17.41 26.47
C ASP C 329 -7.42 17.38 25.03
N ASN C 330 -8.38 16.50 24.76
CA ASN C 330 -8.96 16.36 23.42
C ASN C 330 -10.49 16.45 23.43
N TYR C 331 -11.05 17.14 24.41
CA TYR C 331 -12.50 17.21 24.57
C TYR C 331 -13.23 17.53 23.25
N GLU C 332 -12.80 18.59 22.57
CA GLU C 332 -13.46 19.05 21.35
C GLU C 332 -13.45 18.00 20.22
N GLN C 333 -12.33 17.31 20.03
CA GLN C 333 -12.20 16.30 18.97
C GLN C 333 -12.70 14.90 19.38
N ALA C 334 -13.00 14.70 20.66
CA ALA C 334 -13.44 13.38 21.16
C ALA C 334 -14.87 13.06 20.75
N ARG C 335 -15.22 11.77 20.77
CA ARG C 335 -16.60 11.32 20.50
C ARG C 335 -17.49 11.59 21.72
N LYS C 336 -18.01 12.80 21.80
CA LYS C 336 -18.72 13.29 23.00
C LYS C 336 -20.22 12.92 22.99
N GLU D 16 -64.47 -23.47 9.75
CA GLU D 16 -65.89 -23.03 9.79
C GLU D 16 -66.11 -21.57 9.35
N ASN D 17 -65.02 -20.82 9.11
CA ASN D 17 -65.10 -19.53 8.38
C ASN D 17 -65.75 -19.73 7.01
N LEU D 18 -66.51 -18.74 6.57
CA LEU D 18 -67.16 -18.81 5.27
C LEU D 18 -66.35 -18.14 4.17
N TYR D 19 -65.46 -17.23 4.52
CA TYR D 19 -64.65 -16.51 3.55
C TYR D 19 -63.19 -16.85 3.69
N PHE D 20 -62.45 -16.65 2.60
CA PHE D 20 -61.03 -17.07 2.51
C PHE D 20 -60.17 -16.01 1.83
N GLN D 21 -58.94 -15.89 2.29
CA GLN D 21 -57.98 -14.98 1.66
C GLN D 21 -57.18 -15.71 0.58
N SER D 22 -56.89 -14.99 -0.51
CA SER D 22 -56.09 -15.49 -1.62
C SER D 22 -54.62 -15.48 -1.25
N MET D 23 -53.98 -16.58 -1.58
CA MET D 23 -52.74 -16.98 -0.98
C MET D 23 -51.79 -17.52 -2.06
N ARG D 24 -50.55 -17.03 -2.10
CA ARG D 24 -49.54 -17.57 -3.02
C ARG D 24 -48.49 -18.18 -2.14
N ILE D 25 -48.33 -19.50 -2.26
CA ILE D 25 -47.48 -20.26 -1.36
C ILE D 25 -46.29 -20.81 -2.14
N LEU D 26 -45.11 -20.27 -1.83
CA LEU D 26 -43.86 -20.73 -2.44
C LEU D 26 -43.27 -21.81 -1.55
N VAL D 27 -42.92 -22.94 -2.15
CA VAL D 27 -42.27 -24.02 -1.44
C VAL D 27 -40.88 -24.25 -2.02
N THR D 28 -39.84 -23.81 -1.31
CA THR D 28 -38.47 -24.10 -1.73
C THR D 28 -38.16 -25.55 -1.42
N GLY D 29 -37.23 -26.12 -2.17
CA GLY D 29 -36.87 -27.53 -1.98
C GLY D 29 -38.05 -28.42 -2.29
N GLY D 30 -38.88 -27.97 -3.23
CA GLY D 30 -40.12 -28.64 -3.58
C GLY D 30 -39.89 -29.96 -4.28
N SER D 31 -38.70 -30.17 -4.85
CA SER D 31 -38.37 -31.38 -5.59
C SER D 31 -37.82 -32.52 -4.72
N GLY D 32 -37.64 -32.29 -3.42
CA GLY D 32 -37.07 -33.31 -2.54
C GLY D 32 -38.10 -34.27 -1.95
N LEU D 33 -37.64 -35.06 -0.96
CA LEU D 33 -38.48 -35.98 -0.20
C LEU D 33 -39.71 -35.31 0.44
N VAL D 34 -39.49 -34.25 1.20
CA VAL D 34 -40.56 -33.57 1.91
C VAL D 34 -41.43 -32.78 0.93
N GLY D 35 -40.79 -32.08 0.01
CA GLY D 35 -41.50 -31.27 -0.97
C GLY D 35 -42.42 -32.07 -1.85
N LYS D 36 -41.93 -33.21 -2.34
CA LYS D 36 -42.73 -34.07 -3.21
C LYS D 36 -43.96 -34.63 -2.46
N ALA D 37 -43.82 -34.84 -1.16
CA ALA D 37 -44.95 -35.27 -0.33
C ALA D 37 -46.01 -34.19 -0.24
N ILE D 38 -45.58 -32.94 -0.14
CA ILE D 38 -46.52 -31.82 -0.07
C ILE D 38 -47.29 -31.69 -1.39
N GLN D 39 -46.58 -31.83 -2.51
CA GLN D 39 -47.22 -31.84 -3.83
C GLN D 39 -48.33 -32.88 -3.92
N LYS D 40 -48.04 -34.11 -3.51
CA LYS D 40 -49.03 -35.20 -3.61
C LYS D 40 -50.26 -34.87 -2.75
N VAL D 41 -50.02 -34.51 -1.50
CA VAL D 41 -51.12 -34.20 -0.59
C VAL D 41 -51.99 -33.08 -1.15
N VAL D 42 -51.33 -32.04 -1.69
CA VAL D 42 -52.05 -30.91 -2.29
C VAL D 42 -52.81 -31.35 -3.55
N ALA D 43 -52.11 -32.02 -4.46
CA ALA D 43 -52.72 -32.55 -5.69
C ALA D 43 -53.91 -33.49 -5.43
N ASP D 44 -53.91 -34.18 -4.29
CA ASP D 44 -55.02 -35.05 -3.89
C ASP D 44 -56.18 -34.29 -3.21
N GLY D 45 -56.13 -32.97 -3.15
CA GLY D 45 -57.26 -32.17 -2.70
C GLY D 45 -57.15 -31.50 -1.34
N ALA D 46 -55.94 -31.46 -0.77
CA ALA D 46 -55.70 -30.72 0.48
C ALA D 46 -55.62 -29.22 0.22
N GLY D 47 -55.36 -28.84 -1.03
CA GLY D 47 -55.40 -27.44 -1.42
C GLY D 47 -56.78 -26.85 -1.28
N LEU D 48 -56.85 -25.63 -0.77
CA LEU D 48 -58.12 -24.90 -0.57
C LEU D 48 -58.30 -23.83 -1.64
N PRO D 49 -59.54 -23.35 -1.84
CA PRO D 49 -59.74 -22.29 -2.84
C PRO D 49 -58.99 -21.01 -2.44
N GLY D 50 -58.45 -20.31 -3.44
CA GLY D 50 -57.65 -19.10 -3.21
C GLY D 50 -56.15 -19.35 -3.08
N GLU D 51 -55.76 -20.60 -2.80
CA GLU D 51 -54.35 -20.97 -2.67
C GLU D 51 -53.68 -21.40 -3.99
N ASP D 52 -52.65 -20.67 -4.42
CA ASP D 52 -51.78 -21.13 -5.52
C ASP D 52 -50.51 -21.68 -4.90
N TRP D 53 -50.24 -22.96 -5.14
CA TRP D 53 -49.02 -23.58 -4.66
C TRP D 53 -47.97 -23.55 -5.75
N VAL D 54 -46.79 -23.01 -5.43
CA VAL D 54 -45.70 -22.93 -6.38
C VAL D 54 -44.49 -23.67 -5.79
N PHE D 55 -44.15 -24.80 -6.40
CA PHE D 55 -43.04 -25.63 -5.94
C PHE D 55 -41.83 -25.39 -6.82
N VAL D 56 -40.71 -25.06 -6.20
CA VAL D 56 -39.48 -24.82 -6.95
C VAL D 56 -38.35 -25.74 -6.54
N SER D 57 -37.35 -25.84 -7.41
CA SER D 57 -36.13 -26.58 -7.15
C SER D 57 -34.96 -25.68 -7.52
N SER D 58 -33.73 -26.20 -7.49
CA SER D 58 -32.56 -25.38 -7.83
C SER D 58 -32.58 -24.91 -9.29
N LYS D 59 -33.26 -25.65 -10.17
CA LYS D 59 -33.41 -25.23 -11.58
C LYS D 59 -34.07 -23.86 -11.65
N ASP D 60 -35.01 -23.59 -10.75
CA ASP D 60 -35.74 -22.32 -10.73
C ASP D 60 -34.92 -21.16 -10.17
N ALA D 61 -33.98 -21.48 -9.28
CA ALA D 61 -33.10 -20.49 -8.70
C ALA D 61 -32.15 -21.18 -7.75
N ASP D 62 -30.86 -20.85 -7.85
CA ASP D 62 -29.90 -21.31 -6.86
C ASP D 62 -30.04 -20.40 -5.65
N LEU D 63 -30.59 -20.95 -4.56
CA LEU D 63 -30.89 -20.12 -3.39
C LEU D 63 -29.66 -19.67 -2.61
N THR D 64 -28.48 -20.18 -2.94
CA THR D 64 -27.24 -19.68 -2.34
C THR D 64 -26.88 -18.34 -2.94
N ASP D 65 -27.49 -18.01 -4.09
CA ASP D 65 -27.28 -16.72 -4.76
C ASP D 65 -28.39 -15.71 -4.43
N THR D 66 -28.00 -14.62 -3.79
CA THR D 66 -28.93 -13.56 -3.42
C THR D 66 -29.73 -13.01 -4.59
N ALA D 67 -29.05 -12.62 -5.67
CA ALA D 67 -29.73 -12.04 -6.84
C ALA D 67 -30.81 -12.99 -7.42
N GLN D 68 -30.46 -14.26 -7.59
CA GLN D 68 -31.40 -15.24 -8.11
C GLN D 68 -32.60 -15.46 -7.20
N THR D 69 -32.35 -15.46 -5.89
CA THR D 69 -33.41 -15.64 -4.90
C THR D 69 -34.37 -14.46 -4.94
N ARG D 70 -33.80 -13.26 -4.92
CA ARG D 70 -34.58 -12.02 -5.00
C ARG D 70 -35.48 -12.02 -6.25
N ALA D 71 -34.92 -12.45 -7.38
CA ALA D 71 -35.68 -12.49 -8.63
C ALA D 71 -36.83 -13.48 -8.58
N LEU D 72 -36.58 -14.66 -7.98
CA LEU D 72 -37.64 -15.67 -7.84
C LEU D 72 -38.78 -15.12 -7.01
N PHE D 73 -38.43 -14.47 -5.91
CA PHE D 73 -39.44 -13.90 -5.02
C PHE D 73 -40.17 -12.74 -5.67
N GLU D 74 -39.47 -11.94 -6.47
CA GLU D 74 -40.14 -10.86 -7.22
C GLU D 74 -41.16 -11.42 -8.21
N LYS D 75 -40.81 -12.49 -8.90
CA LYS D 75 -41.69 -13.10 -9.88
C LYS D 75 -42.91 -13.75 -9.23
N VAL D 76 -42.68 -14.56 -8.20
CA VAL D 76 -43.74 -15.34 -7.59
C VAL D 76 -44.63 -14.53 -6.64
N GLN D 77 -44.03 -13.54 -5.97
CA GLN D 77 -44.73 -12.70 -4.98
C GLN D 77 -45.46 -13.51 -3.91
N PRO D 78 -44.76 -14.43 -3.23
CA PRO D 78 -45.44 -15.28 -2.29
C PRO D 78 -46.01 -14.53 -1.09
N THR D 79 -47.16 -14.98 -0.62
CA THR D 79 -47.76 -14.48 0.62
C THR D 79 -47.31 -15.36 1.76
N HIS D 80 -46.98 -16.61 1.43
CA HIS D 80 -46.56 -17.60 2.39
C HIS D 80 -45.40 -18.38 1.81
N VAL D 81 -44.51 -18.86 2.68
CA VAL D 81 -43.37 -19.65 2.24
C VAL D 81 -43.17 -20.84 3.14
N ILE D 82 -43.09 -22.02 2.54
CA ILE D 82 -42.57 -23.19 3.21
C ILE D 82 -41.14 -23.40 2.70
N HIS D 83 -40.17 -23.27 3.60
CA HIS D 83 -38.76 -23.29 3.23
C HIS D 83 -38.15 -24.65 3.59
N LEU D 84 -38.00 -25.52 2.59
CA LEU D 84 -37.41 -26.84 2.77
C LEU D 84 -35.97 -26.95 2.22
N ALA D 85 -35.58 -26.06 1.33
CA ALA D 85 -34.28 -26.18 0.68
C ALA D 85 -33.14 -26.09 1.69
N ALA D 86 -32.19 -27.00 1.55
CA ALA D 86 -30.98 -27.03 2.35
C ALA D 86 -29.92 -27.73 1.53
N MET D 87 -28.66 -27.36 1.73
CA MET D 87 -27.57 -28.11 1.14
C MET D 87 -27.30 -29.21 2.14
N VAL D 88 -27.52 -30.44 1.72
CA VAL D 88 -27.66 -31.55 2.66
C VAL D 88 -26.80 -32.78 2.28
N GLY D 89 -26.48 -32.94 0.99
CA GLY D 89 -25.62 -34.02 0.54
C GLY D 89 -24.23 -33.53 0.17
N GLY D 90 -23.17 -34.28 0.50
CA GLY D 90 -23.25 -35.56 1.23
C GLY D 90 -22.87 -35.43 2.70
N LEU D 91 -23.88 -35.14 3.54
CA LEU D 91 -23.74 -35.25 5.00
C LEU D 91 -23.61 -36.71 5.39
N PHE D 92 -22.81 -36.99 6.42
CA PHE D 92 -22.59 -38.36 6.89
C PHE D 92 -21.50 -39.11 6.10
N ARG D 93 -20.93 -38.50 5.07
CA ARG D 93 -19.77 -39.08 4.36
C ARG D 93 -18.54 -39.04 5.28
N ASN D 94 -17.48 -39.75 4.88
CA ASN D 94 -16.28 -39.93 5.72
C ASN D 94 -15.57 -38.62 6.10
N ILE D 95 -15.03 -37.91 5.11
CA ILE D 95 -14.43 -36.59 5.33
C ILE D 95 -15.52 -35.53 5.54
N LYS D 96 -15.30 -34.59 6.46
CA LYS D 96 -16.30 -33.56 6.78
C LYS D 96 -15.96 -32.22 6.14
N TYR D 97 -17.00 -31.48 5.78
CA TYR D 97 -16.87 -30.20 5.13
C TYR D 97 -17.69 -29.16 5.88
N ASN D 98 -17.31 -28.89 7.13
CA ASN D 98 -18.16 -28.04 7.97
C ASN D 98 -18.28 -26.60 7.51
N LEU D 99 -17.26 -26.07 6.85
CA LEU D 99 -17.37 -24.70 6.40
C LEU D 99 -18.38 -24.60 5.27
N ASP D 100 -18.24 -25.47 4.27
CA ASP D 100 -19.13 -25.46 3.12
C ASP D 100 -20.59 -25.56 3.56
N PHE D 101 -20.87 -26.51 4.45
CA PHE D 101 -22.21 -26.69 4.95
C PHE D 101 -22.68 -25.50 5.78
N TRP D 102 -21.82 -24.95 6.60
CA TRP D 102 -22.19 -23.77 7.38
C TRP D 102 -22.51 -22.61 6.44
N ARG D 103 -21.56 -22.29 5.58
CA ARG D 103 -21.66 -21.10 4.76
C ARG D 103 -22.76 -21.18 3.68
N LYS D 104 -22.90 -22.31 3.00
CA LYS D 104 -23.93 -22.36 1.95
C LYS D 104 -25.32 -22.38 2.53
N ASN D 105 -25.52 -23.08 3.65
CA ASN D 105 -26.81 -23.09 4.28
C ASN D 105 -27.19 -21.75 4.90
N VAL D 106 -26.25 -21.05 5.54
CA VAL D 106 -26.58 -19.75 6.10
C VAL D 106 -26.98 -18.76 4.98
N HIS D 107 -26.24 -18.80 3.89
CA HIS D 107 -26.55 -17.96 2.73
C HIS D 107 -27.95 -18.25 2.17
N MET D 108 -28.25 -19.53 2.05
CA MET D 108 -29.54 -19.97 1.56
C MET D 108 -30.66 -19.50 2.50
N ASN D 109 -30.51 -19.74 3.80
CA ASN D 109 -31.51 -19.34 4.76
C ASN D 109 -31.69 -17.85 4.86
N ASP D 110 -30.60 -17.10 4.81
CA ASP D 110 -30.69 -15.64 4.84
C ASP D 110 -31.36 -15.10 3.58
N ASN D 111 -30.98 -15.64 2.42
CA ASN D 111 -31.56 -15.19 1.16
C ASN D 111 -33.07 -15.40 1.16
N VAL D 112 -33.50 -16.56 1.64
CA VAL D 112 -34.91 -16.94 1.62
C VAL D 112 -35.71 -16.14 2.65
N LEU D 113 -35.27 -16.15 3.91
CA LEU D 113 -36.03 -15.42 4.93
C LEU D 113 -36.07 -13.95 4.60
N HIS D 114 -34.97 -13.40 4.12
CA HIS D 114 -34.94 -11.97 3.90
C HIS D 114 -35.67 -11.51 2.62
N SER D 115 -35.66 -12.35 1.60
CA SER D 115 -36.49 -12.08 0.42
C SER D 115 -37.97 -12.17 0.79
N ALA D 116 -38.33 -13.15 1.60
CA ALA D 116 -39.68 -13.26 2.10
C ALA D 116 -40.08 -12.00 2.85
N PHE D 117 -39.20 -11.54 3.73
CA PHE D 117 -39.41 -10.29 4.45
C PHE D 117 -39.59 -9.13 3.47
N GLU D 118 -38.73 -9.06 2.45
CA GLU D 118 -38.77 -7.94 1.50
C GLU D 118 -40.07 -7.88 0.71
N VAL D 119 -40.55 -9.01 0.19
CA VAL D 119 -41.82 -9.03 -0.53
C VAL D 119 -43.05 -8.92 0.38
N GLY D 120 -42.84 -9.04 1.69
CA GLY D 120 -43.91 -8.82 2.64
C GLY D 120 -44.71 -10.06 2.91
N ALA D 121 -44.08 -11.22 2.78
CA ALA D 121 -44.74 -12.49 3.07
C ALA D 121 -45.29 -12.47 4.48
N ARG D 122 -46.46 -13.07 4.63
CA ARG D 122 -47.22 -13.04 5.86
C ARG D 122 -46.62 -14.04 6.84
N LYS D 123 -46.11 -15.14 6.30
CA LYS D 123 -45.64 -16.26 7.11
C LYS D 123 -44.61 -17.11 6.38
N VAL D 124 -43.61 -17.55 7.12
CA VAL D 124 -42.61 -18.46 6.61
C VAL D 124 -42.48 -19.59 7.61
N VAL D 125 -42.40 -20.81 7.10
CA VAL D 125 -42.18 -21.98 7.93
C VAL D 125 -40.97 -22.70 7.39
N SER D 126 -39.94 -22.79 8.21
CA SER D 126 -38.71 -23.43 7.82
C SER D 126 -38.63 -24.78 8.48
N CYS D 127 -37.69 -25.57 8.01
CA CYS D 127 -37.57 -26.93 8.45
C CYS D 127 -36.24 -27.04 9.19
N LEU D 128 -36.30 -27.44 10.45
CA LEU D 128 -35.13 -27.71 11.27
C LEU D 128 -34.98 -29.23 11.37
N SER D 129 -34.04 -29.69 12.18
CA SER D 129 -33.69 -31.12 12.24
C SER D 129 -33.29 -31.44 13.67
N THR D 130 -33.39 -32.71 14.06
CA THR D 130 -32.98 -33.08 15.41
C THR D 130 -31.46 -32.96 15.65
N CYS D 131 -30.67 -32.85 14.58
CA CYS D 131 -29.22 -32.57 14.71
C CYS D 131 -28.88 -31.20 15.38
N ILE D 132 -29.83 -30.27 15.41
CA ILE D 132 -29.62 -28.99 16.09
C ILE D 132 -29.54 -29.11 17.61
N PHE D 133 -30.03 -30.21 18.16
CA PHE D 133 -30.16 -30.28 19.62
C PHE D 133 -28.79 -30.43 20.26
N PRO D 134 -28.65 -29.99 21.52
CA PRO D 134 -27.38 -30.12 22.22
C PRO D 134 -26.91 -31.57 22.39
N ASP D 135 -25.59 -31.76 22.32
CA ASP D 135 -24.94 -33.05 22.47
C ASP D 135 -25.24 -33.64 23.84
N LYS D 136 -24.97 -32.86 24.89
CA LYS D 136 -25.26 -33.25 26.26
C LYS D 136 -26.63 -32.69 26.63
N THR D 137 -27.63 -33.56 26.73
CA THR D 137 -29.00 -33.15 27.00
C THR D 137 -29.77 -34.28 27.68
N THR D 138 -30.81 -33.93 28.42
CA THR D 138 -31.74 -34.92 28.96
C THR D 138 -32.71 -35.34 27.84
N TYR D 139 -33.49 -36.39 28.10
CA TYR D 139 -34.54 -36.86 27.18
C TYR D 139 -35.88 -37.03 27.90
N PRO D 140 -37.00 -36.85 27.17
CA PRO D 140 -37.05 -36.49 25.77
C PRO D 140 -36.67 -35.01 25.56
N ILE D 141 -36.40 -34.64 24.31
CA ILE D 141 -36.04 -33.22 23.99
C ILE D 141 -37.31 -32.52 23.56
N ASP D 142 -37.49 -31.27 24.00
CA ASP D 142 -38.59 -30.45 23.50
C ASP D 142 -38.05 -29.12 22.92
N GLU D 143 -38.98 -28.32 22.41
CA GLU D 143 -38.64 -27.14 21.62
C GLU D 143 -37.94 -26.03 22.40
N THR D 144 -37.98 -26.13 23.73
CA THR D 144 -37.30 -25.19 24.62
C THR D 144 -35.80 -25.41 24.70
N MET D 145 -35.35 -26.62 24.37
CA MET D 145 -33.99 -27.05 24.71
C MET D 145 -33.00 -26.87 23.55
N ILE D 146 -33.55 -26.47 22.42
CA ILE D 146 -32.81 -26.23 21.19
C ILE D 146 -31.44 -25.53 21.34
N HIS D 147 -31.36 -24.51 22.21
CA HIS D 147 -30.09 -23.75 22.39
C HIS D 147 -29.36 -24.04 23.72
N ASN D 148 -29.71 -25.11 24.44
CA ASN D 148 -29.16 -25.37 25.77
C ASN D 148 -27.84 -26.12 25.75
N GLY D 149 -26.88 -25.63 24.96
CA GLY D 149 -25.59 -26.28 24.83
C GLY D 149 -25.24 -26.58 23.37
N PRO D 150 -23.94 -26.74 23.09
CA PRO D 150 -23.50 -26.98 21.72
C PRO D 150 -23.99 -28.27 21.11
N PRO D 151 -24.10 -28.30 19.77
CA PRO D 151 -24.50 -29.51 19.08
C PRO D 151 -23.31 -30.43 18.94
N HIS D 152 -23.56 -31.65 18.49
CA HIS D 152 -22.51 -32.61 18.28
C HIS D 152 -21.47 -32.05 17.32
N ASN D 153 -20.19 -32.27 17.62
CA ASN D 153 -19.10 -31.78 16.78
C ASN D 153 -19.00 -32.39 15.39
N SER D 154 -19.56 -33.57 15.17
CA SER D 154 -19.43 -34.24 13.88
C SER D 154 -19.76 -33.26 12.75
N ASN D 155 -20.97 -32.72 12.80
CA ASN D 155 -21.43 -31.81 11.75
C ASN D 155 -21.93 -30.49 12.33
N PHE D 156 -21.08 -29.83 13.10
CA PHE D 156 -21.44 -28.57 13.76
C PHE D 156 -21.83 -27.46 12.79
N GLY D 157 -21.14 -27.37 11.66
CA GLY D 157 -21.46 -26.35 10.63
C GLY D 157 -22.90 -26.40 10.18
N TYR D 158 -23.35 -27.59 9.78
CA TYR D 158 -24.74 -27.78 9.38
C TYR D 158 -25.72 -27.47 10.51
N SER D 159 -25.43 -28.01 11.69
CA SER D 159 -26.28 -27.83 12.86
C SER D 159 -26.43 -26.39 13.24
N TYR D 160 -25.33 -25.65 13.28
CA TYR D 160 -25.41 -24.25 13.69
C TYR D 160 -26.17 -23.42 12.65
N ALA D 161 -26.02 -23.75 11.37
CA ALA D 161 -26.74 -23.06 10.32
C ALA D 161 -28.24 -23.21 10.49
N LYS D 162 -28.68 -24.41 10.85
CA LYS D 162 -30.10 -24.63 11.13
C LYS D 162 -30.56 -23.89 12.37
N ARG D 163 -29.78 -24.00 13.45
CA ARG D 163 -30.11 -23.28 14.67
C ARG D 163 -30.31 -21.80 14.42
N MET D 164 -29.51 -21.21 13.53
CA MET D 164 -29.62 -19.78 13.26
C MET D 164 -30.92 -19.40 12.54
N ILE D 165 -31.62 -20.37 11.95
CA ILE D 165 -32.93 -20.10 11.42
C ILE D 165 -33.85 -19.67 12.59
N ASP D 166 -33.81 -20.40 13.70
CA ASP D 166 -34.58 -20.01 14.86
C ASP D 166 -34.23 -18.59 15.29
N VAL D 167 -32.95 -18.24 15.34
CA VAL D 167 -32.50 -16.90 15.76
C VAL D 167 -33.00 -15.83 14.79
N GLN D 168 -32.98 -16.10 13.49
CA GLN D 168 -33.54 -15.15 12.51
C GLN D 168 -35.03 -14.97 12.75
N ASN D 169 -35.75 -16.08 12.86
CA ASN D 169 -37.19 -16.03 13.09
C ASN D 169 -37.47 -15.12 14.29
N ARG D 170 -36.77 -15.34 15.39
CA ARG D 170 -37.00 -14.59 16.62
C ARG D 170 -36.69 -13.11 16.43
N ALA D 171 -35.66 -12.80 15.65
CA ALA D 171 -35.26 -11.41 15.41
C ALA D 171 -36.25 -10.66 14.51
N TYR D 172 -36.64 -11.29 13.39
CA TYR D 172 -37.68 -10.74 12.52
C TYR D 172 -38.96 -10.47 13.33
N PHE D 173 -39.35 -11.41 14.18
CA PHE D 173 -40.55 -11.22 15.00
C PHE D 173 -40.38 -10.00 15.91
N GLN D 174 -39.32 -9.99 16.72
CA GLN D 174 -39.09 -8.92 17.70
C GLN D 174 -38.97 -7.54 17.09
N GLN D 175 -38.20 -7.38 16.03
CA GLN D 175 -37.96 -6.03 15.47
C GLN D 175 -39.03 -5.63 14.49
N TYR D 176 -39.43 -6.54 13.61
CA TYR D 176 -40.28 -6.18 12.49
C TYR D 176 -41.74 -6.70 12.58
N GLY D 177 -42.03 -7.58 13.53
CA GLY D 177 -43.37 -8.15 13.70
C GLY D 177 -43.72 -9.29 12.76
N CYS D 178 -42.75 -9.86 12.05
CA CYS D 178 -43.03 -10.98 11.14
C CYS D 178 -43.29 -12.28 11.89
N THR D 179 -44.14 -13.12 11.31
CA THR D 179 -44.45 -14.43 11.84
C THR D 179 -43.65 -15.48 11.07
N PHE D 180 -42.36 -15.56 11.36
CA PHE D 180 -41.54 -16.62 10.80
C PHE D 180 -41.33 -17.66 11.88
N THR D 181 -41.55 -18.92 11.54
CA THR D 181 -41.47 -20.00 12.52
C THR D 181 -40.81 -21.21 11.84
N ALA D 182 -40.84 -22.37 12.52
CA ALA D 182 -40.22 -23.57 11.97
C ALA D 182 -40.80 -24.84 12.57
N VAL D 183 -40.63 -25.94 11.84
CA VAL D 183 -41.01 -27.27 12.31
C VAL D 183 -39.76 -28.14 12.45
N ILE D 184 -39.83 -29.14 13.31
CA ILE D 184 -38.69 -30.04 13.56
C ILE D 184 -39.15 -31.49 13.38
N PRO D 185 -39.01 -32.03 12.17
CA PRO D 185 -39.35 -33.45 11.98
C PRO D 185 -38.32 -34.35 12.65
N THR D 186 -38.73 -35.56 13.03
CA THR D 186 -37.79 -36.65 13.39
C THR D 186 -37.33 -37.32 12.09
N ASN D 187 -37.12 -38.64 12.08
CA ASN D 187 -36.56 -39.31 10.91
C ASN D 187 -37.62 -39.52 9.81
N VAL D 188 -37.44 -38.84 8.68
CA VAL D 188 -38.43 -38.87 7.61
C VAL D 188 -38.08 -39.94 6.59
N PHE D 189 -39.09 -40.60 6.06
CA PHE D 189 -38.93 -41.57 4.99
C PHE D 189 -40.14 -41.52 4.07
N GLY D 190 -39.97 -41.96 2.82
CA GLY D 190 -41.08 -42.05 1.87
C GLY D 190 -40.63 -42.03 0.41
N PRO D 191 -41.58 -41.88 -0.52
CA PRO D 191 -41.26 -41.73 -1.93
C PRO D 191 -40.29 -40.56 -2.16
N HIS D 192 -39.44 -40.69 -3.17
CA HIS D 192 -38.50 -39.65 -3.61
C HIS D 192 -37.41 -39.34 -2.59
N ASP D 193 -37.16 -40.27 -1.68
CA ASP D 193 -36.06 -40.16 -0.72
C ASP D 193 -34.75 -40.34 -1.46
N ASN D 194 -33.65 -40.13 -0.76
CA ASN D 194 -32.33 -40.52 -1.23
C ASN D 194 -32.00 -41.91 -0.68
N PHE D 195 -31.97 -42.91 -1.57
CA PHE D 195 -31.78 -44.31 -1.20
C PHE D 195 -30.34 -44.78 -1.35
N ASN D 196 -29.41 -43.85 -1.52
CA ASN D 196 -27.99 -44.18 -1.54
C ASN D 196 -27.58 -44.84 -0.22
N ILE D 197 -26.86 -45.95 -0.31
CA ILE D 197 -26.54 -46.77 0.87
C ILE D 197 -25.41 -46.17 1.71
N GLU D 198 -24.41 -45.58 1.07
CA GLU D 198 -23.29 -44.98 1.80
C GLU D 198 -23.68 -43.64 2.43
N ASP D 199 -24.47 -42.84 1.71
CA ASP D 199 -24.78 -41.46 2.10
C ASP D 199 -26.18 -41.24 2.72
N GLY D 200 -27.14 -42.08 2.36
CA GLY D 200 -28.52 -41.88 2.80
C GLY D 200 -28.81 -42.29 4.25
N HIS D 201 -30.05 -42.04 4.68
CA HIS D 201 -30.52 -42.44 6.01
C HIS D 201 -30.72 -43.96 6.10
N VAL D 202 -30.90 -44.47 7.32
CA VAL D 202 -30.97 -45.93 7.54
C VAL D 202 -32.16 -46.58 6.84
N LEU D 203 -33.32 -45.98 6.95
CA LEU D 203 -34.54 -46.60 6.43
C LEU D 203 -34.59 -46.69 4.91
N PRO D 204 -34.38 -45.58 4.19
CA PRO D 204 -34.27 -45.74 2.72
C PRO D 204 -33.06 -46.59 2.33
N GLY D 205 -31.98 -46.53 3.12
CA GLY D 205 -30.81 -47.37 2.91
C GLY D 205 -31.13 -48.85 3.02
N LEU D 206 -31.90 -49.21 4.04
CA LEU D 206 -32.35 -50.60 4.23
C LEU D 206 -33.20 -51.08 3.05
N ILE D 207 -34.09 -50.22 2.57
CA ILE D 207 -34.94 -50.56 1.43
C ILE D 207 -34.06 -50.90 0.23
N HIS D 208 -33.05 -50.08 -0.03
CA HIS D 208 -32.13 -50.34 -1.14
C HIS D 208 -31.32 -51.61 -0.87
N LYS D 209 -30.83 -51.78 0.36
CA LYS D 209 -30.08 -52.98 0.75
C LYS D 209 -30.87 -54.28 0.50
N VAL D 210 -32.14 -54.29 0.89
CA VAL D 210 -33.01 -55.45 0.68
C VAL D 210 -33.26 -55.68 -0.81
N HIS D 211 -33.47 -54.61 -1.55
CA HIS D 211 -33.64 -54.72 -3.00
C HIS D 211 -32.41 -55.37 -3.67
N LEU D 212 -31.22 -54.96 -3.24
CA LEU D 212 -29.97 -55.56 -3.75
C LEU D 212 -29.81 -57.02 -3.33
N ALA D 213 -30.27 -57.36 -2.12
CA ALA D 213 -30.19 -58.73 -1.64
C ALA D 213 -31.03 -59.70 -2.48
N LYS D 214 -32.21 -59.25 -2.93
CA LYS D 214 -33.03 -60.03 -3.88
C LYS D 214 -32.38 -60.12 -5.27
N SER D 215 -31.98 -58.98 -5.83
CA SER D 215 -31.32 -58.94 -7.15
C SER D 215 -29.97 -59.66 -7.20
N SER D 216 -29.27 -59.71 -6.06
CA SER D 216 -27.99 -60.41 -5.96
C SER D 216 -28.15 -61.84 -5.44
N GLY D 217 -29.28 -62.12 -4.78
CA GLY D 217 -29.47 -63.38 -4.06
C GLY D 217 -28.61 -63.47 -2.80
N SER D 218 -28.13 -62.34 -2.30
CA SER D 218 -27.26 -62.29 -1.12
C SER D 218 -28.08 -62.28 0.17
N ALA D 219 -27.41 -62.07 1.29
CA ALA D 219 -28.07 -61.87 2.59
C ALA D 219 -28.04 -60.39 2.96
N LEU D 220 -28.93 -60.00 3.86
CA LEU D 220 -28.99 -58.62 4.35
C LEU D 220 -28.02 -58.42 5.52
N THR D 221 -27.11 -57.46 5.37
CA THR D 221 -26.21 -57.07 6.45
C THR D 221 -26.62 -55.69 6.99
N VAL D 222 -27.17 -55.68 8.20
CA VAL D 222 -27.51 -54.45 8.90
C VAL D 222 -26.33 -54.02 9.77
N TRP D 223 -25.96 -52.75 9.67
CA TRP D 223 -24.89 -52.19 10.49
C TRP D 223 -25.30 -52.09 11.96
N GLY D 224 -24.51 -52.70 12.86
CA GLY D 224 -24.73 -52.59 14.29
C GLY D 224 -25.64 -53.67 14.88
N THR D 225 -26.09 -53.43 16.10
CA THR D 225 -26.88 -54.39 16.88
C THR D 225 -28.35 -54.45 16.51
N GLY D 226 -28.86 -53.37 15.93
CA GLY D 226 -30.30 -53.24 15.66
C GLY D 226 -31.10 -52.77 16.87
N ASN D 227 -30.41 -52.48 17.96
CA ASN D 227 -31.04 -52.07 19.23
C ASN D 227 -31.44 -50.60 19.34
N PRO D 228 -30.72 -49.68 18.66
CA PRO D 228 -31.10 -48.27 18.77
C PRO D 228 -32.54 -48.02 18.35
N ARG D 229 -33.24 -47.15 19.09
CA ARG D 229 -34.65 -46.84 18.84
C ARG D 229 -34.76 -45.46 18.18
N ARG D 230 -35.66 -45.33 17.21
CA ARG D 230 -35.84 -44.09 16.46
C ARG D 230 -37.31 -43.79 16.24
N GLN D 231 -37.64 -42.49 16.18
CA GLN D 231 -38.96 -42.02 15.79
C GLN D 231 -39.00 -41.74 14.29
N PHE D 232 -39.82 -42.49 13.55
CA PHE D 232 -39.94 -42.32 12.11
C PHE D 232 -41.23 -41.61 11.80
N ILE D 233 -41.23 -40.83 10.71
CA ILE D 233 -42.43 -40.13 10.25
C ILE D 233 -42.51 -40.21 8.73
N TYR D 234 -43.68 -40.64 8.25
CA TYR D 234 -43.92 -40.84 6.83
C TYR D 234 -44.00 -39.48 6.17
N SER D 235 -43.34 -39.32 5.02
CA SER D 235 -43.29 -38.02 4.39
C SER D 235 -44.70 -37.48 4.14
N LEU D 236 -45.63 -38.37 3.81
CA LEU D 236 -47.04 -37.98 3.59
C LEU D 236 -47.74 -37.46 4.85
N ASP D 237 -47.46 -38.07 5.99
CA ASP D 237 -48.00 -37.57 7.26
C ASP D 237 -47.41 -36.21 7.58
N LEU D 238 -46.11 -36.07 7.34
CA LEU D 238 -45.42 -34.82 7.63
C LEU D 238 -46.00 -33.72 6.77
N ALA D 239 -46.21 -34.02 5.49
CA ALA D 239 -46.80 -33.05 4.56
C ALA D 239 -48.12 -32.49 5.10
N GLN D 240 -48.98 -33.37 5.59
CA GLN D 240 -50.25 -32.94 6.16
C GLN D 240 -50.06 -31.99 7.33
N LEU D 241 -49.14 -32.34 8.22
CA LEU D 241 -48.87 -31.50 9.38
C LEU D 241 -48.24 -30.17 8.97
N PHE D 242 -47.50 -30.19 7.87
CA PHE D 242 -46.82 -29.01 7.37
C PHE D 242 -47.83 -28.00 6.87
N ILE D 243 -48.82 -28.48 6.10
CA ILE D 243 -49.90 -27.63 5.61
C ILE D 243 -50.70 -27.06 6.77
N TRP D 244 -50.95 -27.87 7.79
CA TRP D 244 -51.64 -27.39 8.96
C TRP D 244 -50.86 -26.28 9.66
N VAL D 245 -49.58 -26.53 9.92
CA VAL D 245 -48.72 -25.53 10.56
C VAL D 245 -48.80 -24.21 9.81
N LEU D 246 -48.69 -24.30 8.48
CA LEU D 246 -48.73 -23.10 7.65
C LEU D 246 -50.01 -22.33 7.91
N ARG D 247 -51.13 -23.05 7.95
CA ARG D 247 -52.45 -22.43 8.12
C ARG D 247 -52.78 -21.98 9.55
N GLU D 248 -52.37 -22.75 10.57
CA GLU D 248 -52.91 -22.54 11.94
C GLU D 248 -51.92 -22.19 13.02
N TYR D 249 -50.65 -22.56 12.86
CA TYR D 249 -49.67 -22.44 13.94
C TYR D 249 -49.02 -21.07 13.90
N ASN D 250 -49.07 -20.33 15.01
CA ASN D 250 -48.57 -18.94 15.02
C ASN D 250 -47.51 -18.58 16.05
N GLU D 251 -46.94 -19.58 16.71
CA GLU D 251 -45.85 -19.34 17.63
C GLU D 251 -44.58 -19.12 16.80
N VAL D 252 -43.70 -18.23 17.27
CA VAL D 252 -42.38 -18.11 16.68
C VAL D 252 -41.55 -19.34 17.04
N GLU D 253 -41.69 -19.80 18.29
CA GLU D 253 -40.97 -20.99 18.74
C GLU D 253 -41.33 -22.16 17.83
N PRO D 254 -40.35 -23.01 17.50
CA PRO D 254 -40.66 -24.12 16.60
C PRO D 254 -41.56 -25.17 17.21
N ILE D 255 -41.95 -26.13 16.39
CA ILE D 255 -42.83 -27.23 16.83
C ILE D 255 -42.33 -28.55 16.26
N ILE D 256 -42.17 -29.54 17.13
CA ILE D 256 -41.71 -30.87 16.74
C ILE D 256 -42.86 -31.62 16.08
N LEU D 257 -42.60 -32.18 14.90
CA LEU D 257 -43.58 -33.00 14.20
C LEU D 257 -43.10 -34.43 14.22
N SER D 258 -43.73 -35.25 15.04
CA SER D 258 -43.27 -36.61 15.29
C SER D 258 -44.28 -37.46 16.00
N VAL D 259 -44.16 -38.77 15.81
CA VAL D 259 -44.92 -39.72 16.62
C VAL D 259 -44.39 -39.63 18.05
N GLY D 260 -45.16 -40.13 18.99
CA GLY D 260 -44.81 -40.02 20.40
C GLY D 260 -43.66 -40.93 20.81
N GLU D 261 -43.14 -40.67 22.00
CA GLU D 261 -42.15 -41.54 22.62
C GLU D 261 -42.55 -43.02 22.60
N GLU D 262 -43.84 -43.29 22.78
CA GLU D 262 -44.37 -44.66 22.81
C GLU D 262 -44.40 -45.36 21.44
N ASP D 263 -44.19 -44.61 20.35
CA ASP D 263 -44.18 -45.19 19.00
C ASP D 263 -42.78 -45.23 18.39
N GLU D 264 -41.78 -45.16 19.25
CA GLU D 264 -40.41 -45.34 18.84
C GLU D 264 -40.28 -46.79 18.37
N VAL D 265 -39.44 -47.06 17.38
CA VAL D 265 -39.14 -48.44 16.96
C VAL D 265 -37.64 -48.66 16.76
N SER D 266 -37.18 -49.89 17.03
CA SER D 266 -35.76 -50.21 16.93
C SER D 266 -35.36 -50.38 15.48
N ILE D 267 -34.05 -50.26 15.21
CA ILE D 267 -33.52 -50.52 13.87
C ILE D 267 -33.89 -51.94 13.43
N LYS D 268 -33.85 -52.89 14.36
CA LYS D 268 -34.25 -54.28 14.07
C LYS D 268 -35.69 -54.33 13.59
N GLU D 269 -36.60 -53.72 14.35
CA GLU D 269 -38.03 -53.67 14.01
C GLU D 269 -38.23 -53.02 12.66
N ALA D 270 -37.44 -51.99 12.37
CA ALA D 270 -37.51 -51.29 11.10
C ALA D 270 -37.09 -52.22 9.95
N ALA D 271 -35.97 -52.91 10.11
CA ALA D 271 -35.53 -53.87 9.10
C ALA D 271 -36.54 -55.00 8.89
N GLU D 272 -37.16 -55.47 9.97
CA GLU D 272 -38.22 -56.50 9.85
C GLU D 272 -39.41 -55.99 9.04
N ALA D 273 -39.76 -54.71 9.21
CA ALA D 273 -40.86 -54.12 8.47
C ALA D 273 -40.54 -54.07 6.98
N VAL D 274 -39.28 -53.81 6.64
CA VAL D 274 -38.86 -53.83 5.25
C VAL D 274 -38.84 -55.26 4.68
N VAL D 275 -38.21 -56.19 5.41
CA VAL D 275 -38.12 -57.59 4.98
C VAL D 275 -39.50 -58.11 4.63
N GLU D 276 -40.44 -57.93 5.55
CA GLU D 276 -41.81 -58.36 5.33
C GLU D 276 -42.41 -57.70 4.08
N ALA D 277 -42.31 -56.38 4.01
CA ALA D 277 -42.93 -55.61 2.92
C ALA D 277 -42.36 -55.96 1.55
N MET D 278 -41.06 -56.19 1.46
CA MET D 278 -40.43 -56.56 0.18
C MET D 278 -40.45 -58.06 -0.10
N ASP D 279 -41.10 -58.82 0.79
CA ASP D 279 -41.19 -60.28 0.67
C ASP D 279 -39.79 -60.89 0.45
N PHE D 280 -38.94 -60.73 1.45
CA PHE D 280 -37.55 -61.20 1.39
C PHE D 280 -37.38 -62.41 2.27
N HIS D 281 -36.76 -63.45 1.71
CA HIS D 281 -36.61 -64.73 2.41
C HIS D 281 -35.15 -65.12 2.68
N GLY D 282 -34.21 -64.23 2.38
CA GLY D 282 -32.80 -64.46 2.68
C GLY D 282 -32.49 -64.22 4.15
N GLU D 283 -31.25 -64.49 4.54
CA GLU D 283 -30.81 -64.30 5.93
C GLU D 283 -30.68 -62.82 6.27
N VAL D 284 -30.90 -62.48 7.53
CA VAL D 284 -30.72 -61.13 8.04
C VAL D 284 -29.69 -61.18 9.16
N THR D 285 -28.51 -60.64 8.91
CA THR D 285 -27.44 -60.64 9.91
C THR D 285 -27.15 -59.20 10.39
N PHE D 286 -26.74 -59.09 11.65
CA PHE D 286 -26.48 -57.80 12.28
C PHE D 286 -24.99 -57.64 12.60
N ASP D 287 -24.28 -56.94 11.74
CA ASP D 287 -22.82 -56.76 11.87
C ASP D 287 -22.46 -55.86 13.05
N THR D 288 -22.12 -56.49 14.18
CA THR D 288 -21.76 -55.76 15.40
C THR D 288 -20.37 -55.10 15.34
N THR D 289 -19.61 -55.36 14.27
CA THR D 289 -18.29 -54.73 14.09
C THR D 289 -18.43 -53.23 13.86
N LYS D 290 -19.40 -52.83 13.05
CA LYS D 290 -19.73 -51.41 12.89
C LYS D 290 -20.40 -50.90 14.17
N SER D 291 -20.04 -49.69 14.58
CA SER D 291 -20.47 -49.13 15.87
C SER D 291 -21.95 -48.75 15.87
N ASP D 292 -22.65 -49.01 16.98
CA ASP D 292 -23.99 -48.45 17.19
C ASP D 292 -23.85 -46.97 17.48
N GLY D 293 -24.81 -46.18 17.00
CA GLY D 293 -24.87 -44.76 17.31
C GLY D 293 -25.48 -44.55 18.69
N GLN D 294 -26.16 -43.43 18.87
CA GLN D 294 -26.87 -43.17 20.13
C GLN D 294 -28.04 -44.16 20.23
N PHE D 295 -28.29 -44.63 21.44
CA PHE D 295 -29.37 -45.59 21.67
C PHE D 295 -30.74 -44.97 21.42
N LYS D 296 -30.95 -43.75 21.94
CA LYS D 296 -32.19 -43.00 21.76
C LYS D 296 -31.91 -41.53 21.47
N LYS D 297 -32.80 -40.89 20.71
CA LYS D 297 -32.76 -39.45 20.47
C LYS D 297 -34.16 -38.92 20.65
N THR D 298 -34.85 -39.43 21.66
CA THR D 298 -36.29 -39.26 21.76
C THR D 298 -36.76 -37.76 21.82
N ALA D 299 -37.72 -37.42 20.95
CA ALA D 299 -38.31 -36.06 20.91
C ALA D 299 -39.73 -36.12 21.42
N SER D 300 -40.10 -35.10 22.19
CA SER D 300 -41.45 -35.02 22.72
C SER D 300 -42.33 -34.34 21.70
N ASN D 301 -43.50 -34.92 21.43
CA ASN D 301 -44.52 -34.26 20.60
C ASN D 301 -45.67 -33.71 21.46
N SER D 302 -45.40 -33.49 22.74
CA SER D 302 -46.41 -32.95 23.66
C SER D 302 -47.14 -31.75 23.03
N LYS D 303 -46.37 -30.79 22.50
CA LYS D 303 -46.96 -29.57 21.92
C LYS D 303 -47.90 -29.90 20.75
N LEU D 304 -47.45 -30.73 19.83
CA LEU D 304 -48.29 -31.14 18.70
C LEU D 304 -49.59 -31.75 19.20
N ARG D 305 -49.53 -32.49 20.30
CA ARG D 305 -50.70 -33.14 20.85
C ARG D 305 -51.69 -32.14 21.48
N THR D 306 -51.19 -31.00 21.96
CA THR D 306 -52.09 -29.96 22.48
C THR D 306 -52.88 -29.30 21.35
N TYR D 307 -52.29 -29.24 20.16
CA TYR D 307 -52.96 -28.63 18.99
C TYR D 307 -53.82 -29.62 18.21
N LEU D 308 -53.34 -30.86 18.08
CA LEU D 308 -54.02 -31.86 17.26
C LEU D 308 -54.09 -33.19 18.00
N PRO D 309 -54.97 -33.28 19.01
CA PRO D 309 -55.02 -34.48 19.82
C PRO D 309 -55.50 -35.71 19.05
N ASP D 310 -56.41 -35.52 18.09
CA ASP D 310 -57.04 -36.65 17.38
C ASP D 310 -56.36 -37.01 16.05
N PHE D 311 -55.27 -36.33 15.71
CA PHE D 311 -54.53 -36.64 14.47
C PHE D 311 -53.96 -38.06 14.50
N ARG D 312 -54.35 -38.88 13.52
CA ARG D 312 -53.89 -40.27 13.43
C ARG D 312 -52.78 -40.41 12.36
N PHE D 313 -51.61 -40.86 12.79
CA PHE D 313 -50.50 -41.15 11.87
C PHE D 313 -50.79 -42.42 11.04
N THR D 314 -50.25 -42.47 9.82
CA THR D 314 -50.25 -43.71 9.04
C THR D 314 -49.52 -44.79 9.83
N PRO D 315 -50.09 -46.00 9.93
CA PRO D 315 -49.36 -47.08 10.61
C PRO D 315 -48.02 -47.39 9.95
N PHE D 316 -47.02 -47.64 10.77
CA PHE D 316 -45.65 -47.78 10.29
C PHE D 316 -45.50 -48.80 9.16
N LYS D 317 -45.98 -50.03 9.38
CA LYS D 317 -45.81 -51.11 8.38
C LYS D 317 -46.42 -50.76 7.03
N GLN D 318 -47.53 -50.02 7.08
CA GLN D 318 -48.20 -49.61 5.84
C GLN D 318 -47.35 -48.58 5.10
N ALA D 319 -46.83 -47.61 5.86
CA ALA D 319 -46.02 -46.55 5.28
C ALA D 319 -44.75 -47.11 4.64
N VAL D 320 -44.15 -48.10 5.29
CA VAL D 320 -42.99 -48.77 4.74
C VAL D 320 -43.36 -49.52 3.44
N LYS D 321 -44.46 -50.27 3.46
CA LYS D 321 -44.90 -51.02 2.28
C LYS D 321 -45.06 -50.09 1.08
N GLU D 322 -45.74 -48.96 1.30
CA GLU D 322 -45.97 -48.02 0.22
C GLU D 322 -44.64 -47.49 -0.32
N THR D 323 -43.70 -47.21 0.60
CA THR D 323 -42.40 -46.69 0.21
C THR D 323 -41.61 -47.74 -0.56
N CYS D 324 -41.60 -48.96 -0.04
CA CYS D 324 -40.96 -50.09 -0.72
C CYS D 324 -41.57 -50.30 -2.11
N ALA D 325 -42.90 -50.24 -2.17
CA ALA D 325 -43.60 -50.38 -3.43
C ALA D 325 -43.18 -49.30 -4.42
N TRP D 326 -43.06 -48.07 -3.93
CA TRP D 326 -42.66 -46.98 -4.81
C TRP D 326 -41.23 -47.18 -5.35
N PHE D 327 -40.31 -47.57 -4.47
CA PHE D 327 -38.92 -47.77 -4.84
C PHE D 327 -38.77 -48.86 -5.90
N THR D 328 -39.45 -49.98 -5.69
CA THR D 328 -39.44 -51.07 -6.66
C THR D 328 -39.99 -50.62 -8.01
N ASP D 329 -41.12 -49.92 -7.98
CA ASP D 329 -41.79 -49.45 -9.20
C ASP D 329 -41.03 -48.33 -9.94
N ASN D 330 -40.13 -47.62 -9.25
CA ASN D 330 -39.40 -46.50 -9.84
C ASN D 330 -37.89 -46.60 -9.67
N TYR D 331 -37.40 -47.83 -9.53
CA TYR D 331 -35.99 -48.05 -9.26
C TYR D 331 -35.07 -47.24 -10.17
N GLU D 332 -35.30 -47.30 -11.48
CA GLU D 332 -34.44 -46.64 -12.46
C GLU D 332 -34.40 -45.11 -12.29
N GLN D 333 -35.55 -44.51 -12.02
CA GLN D 333 -35.66 -43.05 -11.85
C GLN D 333 -35.34 -42.56 -10.42
N ALA D 334 -35.23 -43.48 -9.46
CA ALA D 334 -34.99 -43.13 -8.06
C ALA D 334 -33.54 -42.74 -7.79
N ARG D 335 -33.32 -42.19 -6.59
CA ARG D 335 -32.00 -41.88 -6.06
C ARG D 335 -31.59 -42.98 -5.11
#